data_6WTX
#
_entry.id   6WTX
#
_cell.length_a   108.458
_cell.length_b   103.062
_cell.length_c   174.447
_cell.angle_alpha   90.000
_cell.angle_beta   95.848
_cell.angle_gamma   90.000
#
_symmetry.space_group_name_H-M   'P 1 21 1'
#
loop_
_entity.id
_entity.type
_entity.pdbx_description
1 polymer 'DASS family sodium-coupled anion symporter'
2 non-polymer 'terephthalic acid'
3 non-polymer 'SODIUM ION'
#
_entity_poly.entity_id   1
_entity_poly.type   'polypeptide(L)'
_entity_poly.pdbx_seq_one_letter_code
;REWFLHRNSLIVLADVALFLALYHFLPFEHNVVLGISMLAFIAVLWLTEALHVTVTAILVPVMAVFFGIFETQAALNNFA
NSIIFLFLGGFALAAAMHHQGLDKVIADKVLAMAQGKMSVAVFMLFGVTALLSMWISNTATAAMMLPLVLGVLSKVDADK
QRSTYVFVLLGVAYSASIGGIATLVGSPPNAIAAAEVGLSFTDWMKFGLPTAMMMLPMAIAILYFLLKPTLNGMFELDRA
PVNWDKGKVVTLGIFGLTVFLWIFSSPINAALGGFKSFDTLVALGAILMLSFARVVHWKEIQKTADWGVLLLFGGGLCLS
NVLKQTGTSVFLANALSDMVSHMGIFVVILVVATFVVFLTEFASNTASAALLIPVFATVAEAFGMSPVLLSVLIAVAASC
AFMLPVATPPNAIVFASGHIKQSEMMRVGLYLNIACIGLLTAIAMLFWQ
;
_entity_poly.pdbx_strand_id   C,D,A,B
#
# COMPACT_ATOMS: atom_id res chain seq x y z
N LEU A 5 10.10 9.73 2.32
CA LEU A 5 10.28 8.68 1.33
C LEU A 5 9.38 8.90 0.11
N HIS A 6 8.17 9.40 0.36
CA HIS A 6 7.22 9.67 -0.70
C HIS A 6 7.47 11.03 -1.33
N ARG A 7 7.04 11.17 -2.59
CA ARG A 7 7.19 12.43 -3.31
C ARG A 7 6.70 13.60 -2.47
N ASN A 8 5.46 13.50 -1.99
CA ASN A 8 4.82 14.62 -1.32
C ASN A 8 5.49 14.94 0.02
N SER A 9 5.95 13.91 0.75
CA SER A 9 6.70 14.19 1.97
C SER A 9 7.94 15.02 1.69
N LEU A 10 8.51 14.84 0.50
CA LEU A 10 9.69 15.61 0.13
C LEU A 10 9.28 17.02 -0.26
N ILE A 11 8.28 17.16 -1.12
CA ILE A 11 7.79 18.50 -1.44
C ILE A 11 7.54 19.30 -0.16
N VAL A 12 6.93 18.66 0.84
CA VAL A 12 6.69 19.29 2.14
C VAL A 12 8.00 19.71 2.82
N LEU A 13 8.97 18.81 2.90
CA LEU A 13 10.22 19.16 3.58
C LEU A 13 10.98 20.25 2.83
N ALA A 14 10.96 20.22 1.50
CA ALA A 14 11.55 21.28 0.70
C ALA A 14 10.83 22.60 0.87
N ASP A 15 9.52 22.56 1.11
CA ASP A 15 8.80 23.81 1.31
C ASP A 15 9.09 24.39 2.69
N VAL A 16 9.16 23.53 3.71
CA VAL A 16 9.59 24.00 5.04
C VAL A 16 10.98 24.61 4.96
N ALA A 17 11.86 23.99 4.18
CA ALA A 17 13.18 24.58 3.92
C ALA A 17 13.04 25.96 3.28
N LEU A 18 12.32 26.04 2.16
CA LEU A 18 12.12 27.31 1.47
C LEU A 18 11.61 28.38 2.43
N PHE A 19 10.64 28.04 3.27
CA PHE A 19 10.13 28.97 4.27
C PHE A 19 11.24 29.45 5.19
N LEU A 20 11.86 28.53 5.93
CA LEU A 20 12.96 28.91 6.80
C LEU A 20 13.98 29.80 6.11
N ALA A 21 14.34 29.45 4.88
CA ALA A 21 15.29 30.23 4.09
C ALA A 21 14.81 31.65 3.84
N LEU A 22 13.68 31.80 3.15
CA LEU A 22 13.12 33.12 2.90
C LEU A 22 12.99 33.92 4.19
N TYR A 23 12.54 33.25 5.25
CA TYR A 23 12.35 33.90 6.54
C TYR A 23 13.65 34.53 7.05
N HIS A 24 14.74 33.77 7.01
CA HIS A 24 15.99 34.30 7.56
C HIS A 24 16.75 35.21 6.62
N PHE A 25 16.55 35.08 5.30
CA PHE A 25 17.42 35.73 4.33
C PHE A 25 16.80 36.95 3.66
N LEU A 26 15.47 37.06 3.62
CA LEU A 26 14.89 38.24 3.00
C LEU A 26 15.19 39.49 3.81
N PRO A 27 15.56 40.59 3.14
CA PRO A 27 16.06 41.78 3.85
C PRO A 27 15.01 42.88 4.00
N PHE A 28 13.84 42.57 4.52
CA PHE A 28 12.77 43.56 4.64
C PHE A 28 12.29 43.65 6.07
N GLU A 29 11.42 44.64 6.31
CA GLU A 29 10.70 44.74 7.58
C GLU A 29 10.07 43.39 7.93
N HIS A 30 10.20 43.03 9.21
CA HIS A 30 9.88 41.67 9.66
C HIS A 30 8.53 41.18 9.15
N ASN A 31 7.49 42.02 9.25
CA ASN A 31 6.16 41.60 8.84
C ASN A 31 6.13 41.22 7.36
N VAL A 32 6.78 42.00 6.51
CA VAL A 32 6.80 41.67 5.08
C VAL A 32 7.52 40.35 4.86
N VAL A 33 8.63 40.13 5.56
CA VAL A 33 9.34 38.85 5.48
C VAL A 33 8.41 37.69 5.83
N LEU A 34 7.75 37.77 6.99
CA LEU A 34 6.83 36.72 7.42
C LEU A 34 5.69 36.51 6.42
N GLY A 35 5.10 37.59 5.94
CA GLY A 35 4.01 37.47 4.98
C GLY A 35 4.46 36.84 3.66
N ILE A 36 5.62 37.24 3.16
CA ILE A 36 6.14 36.66 1.93
C ILE A 36 6.45 35.18 2.13
N SER A 37 7.18 34.86 3.20
CA SER A 37 7.51 33.47 3.48
C SER A 37 6.25 32.61 3.53
N MET A 38 5.24 33.07 4.26
CA MET A 38 3.97 32.35 4.33
C MET A 38 3.32 32.24 2.96
N LEU A 39 3.28 33.34 2.20
CA LEU A 39 2.68 33.31 0.88
C LEU A 39 3.34 32.23 0.02
N ALA A 40 4.66 32.22 -0.01
CA ALA A 40 5.39 31.20 -0.77
C ALA A 40 5.04 29.80 -0.28
N PHE A 41 5.12 29.60 1.03
CA PHE A 41 4.79 28.30 1.61
C PHE A 41 3.44 27.80 1.13
N ILE A 42 2.39 28.57 1.40
CA ILE A 42 1.05 28.16 0.99
C ILE A 42 0.98 27.98 -0.53
N ALA A 43 1.46 28.96 -1.29
CA ALA A 43 1.46 28.87 -2.74
C ALA A 43 1.91 27.49 -3.21
N VAL A 44 3.09 27.09 -2.75
CA VAL A 44 3.63 25.78 -3.06
C VAL A 44 2.67 24.67 -2.63
N LEU A 45 2.32 24.66 -1.34
CA LEU A 45 1.48 23.61 -0.80
C LEU A 45 0.14 23.46 -1.53
N TRP A 46 -0.35 24.52 -2.17
CA TRP A 46 -1.62 24.49 -2.88
C TRP A 46 -1.47 24.16 -4.36
N LEU A 47 -0.36 24.54 -4.97
CA LEU A 47 -0.18 24.25 -6.39
C LEU A 47 0.28 22.80 -6.59
N THR A 48 1.22 22.34 -5.75
CA THR A 48 1.65 20.95 -5.82
C THR A 48 0.59 20.00 -5.26
N GLU A 49 -0.11 20.42 -4.21
CA GLU A 49 -1.05 19.58 -3.48
C GLU A 49 -0.32 18.44 -2.77
N ALA A 50 0.87 18.75 -2.25
CA ALA A 50 1.58 17.80 -1.40
C ALA A 50 0.73 17.41 -0.21
N LEU A 51 0.06 18.38 0.39
CA LEU A 51 -1.00 18.13 1.36
C LEU A 51 -2.31 18.45 0.67
N HIS A 52 -3.39 17.82 1.13
CA HIS A 52 -4.71 18.11 0.58
C HIS A 52 -5.03 19.60 0.71
N VAL A 53 -5.50 20.20 -0.38
CA VAL A 53 -6.06 21.55 -0.35
C VAL A 53 -6.69 21.97 0.97
N THR A 54 -7.52 21.10 1.55
CA THR A 54 -8.20 21.48 2.78
C THR A 54 -7.27 21.50 3.98
N VAL A 55 -6.26 20.63 3.99
CA VAL A 55 -5.31 20.66 5.10
C VAL A 55 -4.47 21.93 5.04
N THR A 56 -4.10 22.37 3.83
CA THR A 56 -3.41 23.65 3.72
C THR A 56 -4.30 24.79 4.18
N ALA A 57 -5.59 24.73 3.82
CA ALA A 57 -6.51 25.77 4.24
C ALA A 57 -6.52 25.87 5.75
N ILE A 58 -6.57 24.72 6.43
CA ILE A 58 -6.51 24.73 7.89
C ILE A 58 -5.14 25.20 8.37
N LEU A 59 -4.09 25.01 7.55
CA LEU A 59 -2.75 25.41 7.95
C LEU A 59 -2.61 26.92 8.01
N VAL A 60 -3.36 27.65 7.19
CA VAL A 60 -3.22 29.11 7.16
C VAL A 60 -3.47 29.75 8.52
N PRO A 61 -4.62 29.52 9.19
CA PRO A 61 -4.85 30.21 10.47
C PRO A 61 -3.89 29.80 11.56
N VAL A 62 -3.59 28.51 11.70
CA VAL A 62 -2.70 28.08 12.78
C VAL A 62 -1.33 28.76 12.66
N MET A 63 -0.90 29.09 11.44
CA MET A 63 0.31 29.88 11.28
C MET A 63 0.05 31.32 11.71
N ALA A 64 -0.93 31.97 11.09
CA ALA A 64 -1.25 33.34 11.46
C ALA A 64 -1.27 33.50 12.99
N VAL A 65 -1.86 32.52 13.67
CA VAL A 65 -2.01 32.57 15.12
C VAL A 65 -0.67 32.40 15.82
N PHE A 66 0.11 31.39 15.43
CA PHE A 66 1.38 31.16 16.12
C PHE A 66 2.38 32.29 15.87
N PHE A 67 2.36 32.88 14.67
CA PHE A 67 3.22 34.03 14.40
C PHE A 67 2.58 35.35 14.80
N GLY A 68 1.64 35.32 15.75
CA GLY A 68 1.07 36.53 16.33
C GLY A 68 0.32 37.46 15.40
N ILE A 69 0.13 37.07 14.14
CA ILE A 69 -0.57 37.92 13.20
C ILE A 69 -2.02 38.13 13.66
N PHE A 70 -2.68 37.08 14.11
CA PHE A 70 -4.04 37.17 14.62
C PHE A 70 -4.16 36.38 15.91
N GLU A 71 -5.27 36.59 16.63
CA GLU A 71 -5.64 35.75 17.76
C GLU A 71 -6.49 34.59 17.27
N THR A 72 -6.38 33.46 17.97
CA THR A 72 -6.97 32.22 17.48
C THR A 72 -8.40 32.43 17.00
N GLN A 73 -9.21 33.11 17.82
CA GLN A 73 -10.61 33.29 17.48
C GLN A 73 -10.79 34.21 16.28
N ALA A 74 -9.99 35.28 16.20
CA ALA A 74 -10.05 36.16 15.04
C ALA A 74 -9.74 35.39 13.76
N ALA A 75 -8.67 34.59 13.79
CA ALA A 75 -8.29 33.81 12.61
C ALA A 75 -9.38 32.81 12.24
N LEU A 76 -9.97 32.14 13.23
CA LEU A 76 -10.96 31.11 12.95
C LEU A 76 -12.24 31.72 12.38
N ASN A 77 -12.62 32.91 12.86
CA ASN A 77 -13.85 33.55 12.44
C ASN A 77 -13.97 33.64 10.92
N ASN A 78 -12.87 33.54 10.20
CA ASN A 78 -12.91 33.55 8.74
C ASN A 78 -13.74 32.40 8.19
N PHE A 79 -13.63 31.22 8.80
CA PHE A 79 -14.37 30.06 8.34
C PHE A 79 -15.88 30.17 8.47
N ALA A 80 -16.40 31.26 9.04
CA ALA A 80 -17.83 31.47 9.13
C ALA A 80 -18.30 32.65 8.30
N ASN A 81 -17.56 32.97 7.24
CA ASN A 81 -18.02 33.97 6.29
C ASN A 81 -19.34 33.55 5.66
N SER A 82 -20.20 34.53 5.39
CA SER A 82 -21.55 34.26 4.91
C SER A 82 -21.57 33.58 3.54
N ILE A 83 -20.53 33.77 2.71
CA ILE A 83 -20.50 33.06 1.44
C ILE A 83 -20.36 31.55 1.65
N ILE A 84 -19.54 31.13 2.61
CA ILE A 84 -19.45 29.72 2.96
C ILE A 84 -20.85 29.12 3.14
N PHE A 85 -21.71 29.81 3.90
CA PHE A 85 -23.05 29.29 4.14
C PHE A 85 -23.93 29.36 2.90
N LEU A 86 -23.79 30.42 2.09
CA LEU A 86 -24.53 30.44 0.82
C LEU A 86 -24.18 29.19 -0.01
N PHE A 87 -22.90 28.84 -0.04
CA PHE A 87 -22.48 27.67 -0.79
C PHE A 87 -23.04 26.39 -0.16
N LEU A 88 -23.09 26.33 1.17
CA LEU A 88 -23.71 25.16 1.80
C LEU A 88 -25.21 25.08 1.48
N GLY A 89 -25.83 26.23 1.24
CA GLY A 89 -27.22 26.22 0.81
C GLY A 89 -27.35 25.62 -0.57
N GLY A 90 -26.44 26.00 -1.47
CA GLY A 90 -26.50 25.44 -2.81
C GLY A 90 -26.17 23.96 -2.80
N PHE A 91 -25.36 23.53 -1.82
CA PHE A 91 -25.07 22.11 -1.67
C PHE A 91 -26.31 21.36 -1.21
N ALA A 92 -27.11 21.95 -0.32
CA ALA A 92 -28.31 21.26 0.13
C ALA A 92 -29.37 21.25 -0.97
N LEU A 93 -29.38 22.29 -1.80
CA LEU A 93 -30.33 22.32 -2.91
C LEU A 93 -29.97 21.26 -3.95
N ALA A 94 -28.67 21.06 -4.18
CA ALA A 94 -28.25 20.01 -5.09
C ALA A 94 -28.57 18.64 -4.49
N ALA A 95 -28.15 18.38 -3.25
CA ALA A 95 -28.50 17.14 -2.58
C ALA A 95 -29.98 16.85 -2.77
N ALA A 96 -30.82 17.88 -2.63
CA ALA A 96 -32.26 17.69 -2.71
C ALA A 96 -32.65 17.21 -4.09
N MET A 97 -32.31 17.98 -5.13
CA MET A 97 -32.79 17.53 -6.44
C MET A 97 -32.07 16.29 -6.97
N HIS A 98 -30.94 15.88 -6.39
CA HIS A 98 -30.34 14.61 -6.78
C HIS A 98 -31.01 13.42 -6.09
N HIS A 99 -31.14 13.49 -4.75
CA HIS A 99 -31.86 12.45 -4.02
C HIS A 99 -33.28 12.33 -4.56
N GLN A 100 -33.87 13.45 -4.97
CA GLN A 100 -35.21 13.44 -5.55
C GLN A 100 -35.20 12.92 -6.99
N GLY A 101 -34.06 12.99 -7.67
CA GLY A 101 -33.96 12.55 -9.06
C GLY A 101 -34.45 13.53 -10.09
N LEU A 102 -34.70 14.77 -9.70
CA LEU A 102 -35.14 15.79 -10.66
C LEU A 102 -34.09 16.09 -11.72
N ASP A 103 -32.85 15.65 -11.52
CA ASP A 103 -31.82 15.82 -12.55
C ASP A 103 -32.00 14.76 -13.63
N LYS A 104 -32.39 13.55 -13.24
CA LYS A 104 -32.70 12.50 -14.21
C LYS A 104 -33.90 12.91 -15.06
N VAL A 105 -34.97 13.37 -14.43
CA VAL A 105 -36.16 13.74 -15.20
C VAL A 105 -35.85 14.91 -16.12
N ILE A 106 -35.03 15.88 -15.65
CA ILE A 106 -34.66 17.01 -16.51
C ILE A 106 -33.77 16.55 -17.66
N ALA A 107 -33.03 15.46 -17.47
CA ALA A 107 -32.22 14.90 -18.54
C ALA A 107 -33.08 14.14 -19.54
N ASP A 108 -33.90 13.22 -19.05
CA ASP A 108 -34.77 12.42 -19.92
C ASP A 108 -35.71 13.30 -20.74
N LYS A 109 -36.49 14.17 -20.06
CA LYS A 109 -37.46 15.00 -20.74
C LYS A 109 -36.86 15.85 -21.87
N VAL A 110 -35.65 16.34 -21.69
CA VAL A 110 -35.00 17.12 -22.75
C VAL A 110 -34.37 16.21 -23.79
N LEU A 111 -33.78 15.09 -23.36
CA LEU A 111 -33.14 14.17 -24.28
C LEU A 111 -34.16 13.46 -25.16
N ALA A 112 -35.30 13.08 -24.61
CA ALA A 112 -36.35 12.44 -25.41
C ALA A 112 -37.17 13.44 -26.21
N MET A 113 -36.90 14.74 -26.07
CA MET A 113 -37.47 15.73 -26.98
C MET A 113 -36.85 15.58 -28.37
N ALA A 114 -35.57 15.22 -28.44
CA ALA A 114 -34.96 14.81 -29.70
C ALA A 114 -35.43 13.40 -30.05
N GLN A 115 -36.12 13.30 -31.19
CA GLN A 115 -36.89 12.10 -31.51
C GLN A 115 -36.00 10.90 -31.80
N GLY A 116 -35.00 11.05 -32.65
CA GLY A 116 -34.17 9.92 -33.00
C GLY A 116 -32.91 10.24 -33.78
N LYS A 117 -32.43 11.46 -33.63
CA LYS A 117 -31.31 12.00 -34.39
C LYS A 117 -30.10 12.24 -33.51
N MET A 118 -28.95 11.67 -33.90
CA MET A 118 -27.69 11.90 -33.18
C MET A 118 -27.19 13.34 -33.32
N SER A 119 -27.62 14.04 -34.37
CA SER A 119 -27.27 15.45 -34.55
C SER A 119 -27.79 16.30 -33.39
N VAL A 120 -29.07 16.16 -33.06
CA VAL A 120 -29.73 16.97 -32.03
C VAL A 120 -29.70 16.24 -30.70
N ALA A 121 -28.91 15.17 -30.62
CA ALA A 121 -28.72 14.45 -29.37
C ALA A 121 -27.61 15.08 -28.54
N VAL A 122 -26.43 15.19 -29.13
CA VAL A 122 -25.25 15.71 -28.46
C VAL A 122 -25.39 17.20 -28.19
N PHE A 123 -26.07 17.94 -29.07
CA PHE A 123 -26.28 19.37 -28.84
C PHE A 123 -27.19 19.60 -27.63
N MET A 124 -28.16 18.71 -27.40
CA MET A 124 -28.99 18.82 -26.21
C MET A 124 -28.28 18.23 -24.99
N LEU A 125 -27.34 17.32 -25.21
CA LEU A 125 -26.54 16.81 -24.11
C LEU A 125 -25.64 17.90 -23.56
N PHE A 126 -25.14 18.77 -24.46
CA PHE A 126 -24.30 19.87 -23.99
C PHE A 126 -25.15 20.94 -23.34
N GLY A 127 -26.31 21.26 -23.93
CA GLY A 127 -27.16 22.29 -23.32
C GLY A 127 -27.69 21.87 -21.96
N VAL A 128 -27.80 20.56 -21.72
CA VAL A 128 -28.24 20.11 -20.40
C VAL A 128 -27.07 20.09 -19.43
N THR A 129 -25.95 19.42 -19.79
CA THR A 129 -24.81 19.43 -18.89
C THR A 129 -24.47 20.86 -18.43
N ALA A 130 -24.56 21.82 -19.36
CA ALA A 130 -24.32 23.21 -19.00
C ALA A 130 -25.40 23.78 -18.07
N LEU A 131 -26.68 23.61 -18.42
CA LEU A 131 -27.71 24.20 -17.56
C LEU A 131 -27.72 23.56 -16.15
N LEU A 132 -27.44 22.26 -16.06
CA LEU A 132 -27.35 21.58 -14.77
C LEU A 132 -26.12 22.00 -13.98
N SER A 133 -25.00 22.25 -14.65
CA SER A 133 -23.80 22.59 -13.90
C SER A 133 -23.96 23.94 -13.21
N MET A 134 -24.85 24.80 -13.72
CA MET A 134 -25.09 26.09 -13.10
C MET A 134 -25.43 25.98 -11.62
N TRP A 135 -26.00 24.86 -11.19
CA TRP A 135 -26.55 24.77 -9.84
C TRP A 135 -26.00 23.61 -9.03
N ILE A 136 -25.49 22.57 -9.67
CA ILE A 136 -25.18 21.31 -8.98
C ILE A 136 -23.72 21.27 -8.57
N SER A 137 -22.83 21.27 -9.56
CA SER A 137 -21.41 21.03 -9.37
C SER A 137 -20.79 20.82 -10.75
N ASN A 138 -19.49 20.50 -10.81
CA ASN A 138 -18.88 20.08 -12.06
C ASN A 138 -18.50 18.61 -12.05
N THR A 139 -17.64 18.18 -11.12
CA THR A 139 -17.34 16.75 -10.99
C THR A 139 -18.61 15.91 -10.95
N ALA A 140 -19.66 16.42 -10.31
CA ALA A 140 -20.88 15.66 -10.14
C ALA A 140 -21.70 15.64 -11.42
N THR A 141 -21.76 16.76 -12.13
CA THR A 141 -22.53 16.80 -13.36
C THR A 141 -21.90 15.88 -14.40
N ALA A 142 -20.56 15.88 -14.46
CA ALA A 142 -19.86 15.04 -15.42
C ALA A 142 -20.07 13.56 -15.08
N ALA A 143 -19.83 13.16 -13.82
CA ALA A 143 -20.02 11.76 -13.47
C ALA A 143 -21.46 11.30 -13.65
N MET A 144 -22.44 12.22 -13.54
CA MET A 144 -23.82 11.84 -13.76
C MET A 144 -24.18 11.77 -15.23
N MET A 145 -23.50 12.55 -16.07
CA MET A 145 -23.78 12.56 -17.49
C MET A 145 -23.11 11.41 -18.23
N LEU A 146 -21.94 10.96 -17.76
CA LEU A 146 -21.20 9.92 -18.48
C LEU A 146 -22.07 8.74 -18.88
N PRO A 147 -22.87 8.13 -17.99
CA PRO A 147 -23.75 7.03 -18.45
C PRO A 147 -24.71 7.42 -19.56
N LEU A 148 -25.21 8.66 -19.59
CA LEU A 148 -26.13 9.11 -20.64
C LEU A 148 -25.43 9.39 -21.95
N VAL A 149 -24.15 9.70 -21.89
CA VAL A 149 -23.40 9.93 -23.10
C VAL A 149 -23.00 8.60 -23.70
N LEU A 150 -22.47 7.69 -22.87
CA LEU A 150 -22.18 6.35 -23.37
C LEU A 150 -23.44 5.62 -23.80
N GLY A 151 -24.60 5.99 -23.24
CA GLY A 151 -25.86 5.42 -23.69
C GLY A 151 -26.23 5.86 -25.09
N VAL A 152 -26.01 7.14 -25.39
CA VAL A 152 -26.34 7.65 -26.72
C VAL A 152 -25.32 7.15 -27.75
N LEU A 153 -24.03 7.30 -27.45
CA LEU A 153 -22.97 6.90 -28.39
C LEU A 153 -22.71 5.40 -28.43
N SER A 154 -23.75 4.59 -28.30
CA SER A 154 -23.65 3.14 -28.38
C SER A 154 -24.28 2.58 -29.66
N LYS A 155 -25.10 3.38 -30.35
CA LYS A 155 -25.62 3.01 -31.65
C LYS A 155 -24.57 3.22 -32.73
N VAL A 156 -23.86 4.35 -32.67
CA VAL A 156 -22.62 4.52 -33.43
C VAL A 156 -21.54 3.96 -32.53
N ASP A 157 -21.52 2.63 -32.43
CA ASP A 157 -20.64 1.89 -31.53
C ASP A 157 -19.23 1.83 -32.09
N ALA A 158 -19.10 1.82 -33.42
CA ALA A 158 -17.81 1.79 -34.09
C ALA A 158 -16.84 2.76 -33.42
N ASP A 159 -15.88 2.21 -32.68
CA ASP A 159 -14.87 3.01 -32.02
C ASP A 159 -13.60 3.07 -32.86
N LYS A 160 -13.63 2.42 -34.04
CA LYS A 160 -12.74 2.78 -35.14
C LYS A 160 -13.27 4.05 -35.79
N GLN A 161 -14.52 4.39 -35.50
CA GLN A 161 -15.11 5.71 -35.78
C GLN A 161 -15.07 6.49 -34.47
N ARG A 162 -13.84 6.63 -33.99
CA ARG A 162 -13.54 7.21 -32.68
C ARG A 162 -13.95 8.67 -32.59
N SER A 163 -13.55 9.50 -33.57
CA SER A 163 -13.70 10.94 -33.39
C SER A 163 -15.14 11.40 -33.13
N THR A 164 -16.15 10.55 -33.35
CA THR A 164 -17.51 10.86 -32.89
C THR A 164 -17.59 10.77 -31.37
N TYR A 165 -17.01 9.71 -30.81
CA TYR A 165 -17.17 9.31 -29.43
C TYR A 165 -16.11 9.94 -28.56
N VAL A 166 -15.24 10.74 -29.18
CA VAL A 166 -14.37 11.63 -28.46
C VAL A 166 -14.95 13.04 -28.44
N PHE A 167 -15.59 13.42 -29.56
CA PHE A 167 -16.17 14.76 -29.60
C PHE A 167 -17.24 14.91 -28.55
N VAL A 168 -18.09 13.90 -28.39
CA VAL A 168 -19.14 14.07 -27.42
C VAL A 168 -18.66 13.86 -25.99
N LEU A 169 -17.52 13.23 -25.79
CA LEU A 169 -17.09 13.10 -24.40
C LEU A 169 -16.42 14.38 -24.00
N LEU A 170 -15.43 14.80 -24.78
CA LEU A 170 -14.82 16.06 -24.43
C LEU A 170 -15.86 17.15 -24.48
N GLY A 171 -16.91 16.99 -25.30
CA GLY A 171 -17.89 18.04 -25.39
C GLY A 171 -18.61 18.28 -24.08
N VAL A 172 -19.06 17.20 -23.44
CA VAL A 172 -19.80 17.40 -22.21
C VAL A 172 -18.86 17.79 -21.07
N ALA A 173 -17.65 17.21 -21.03
CA ALA A 173 -16.71 17.59 -19.97
C ALA A 173 -16.38 19.07 -20.02
N TYR A 174 -16.60 19.73 -21.16
CA TYR A 174 -16.34 21.15 -21.25
C TYR A 174 -17.60 21.93 -20.91
N SER A 175 -18.76 21.40 -21.32
CA SER A 175 -20.01 22.06 -20.98
C SER A 175 -20.21 22.12 -19.47
N ALA A 176 -19.68 21.14 -18.73
CA ALA A 176 -19.75 21.22 -17.28
C ALA A 176 -18.88 22.34 -16.73
N SER A 177 -17.65 22.49 -17.23
CA SER A 177 -16.78 23.53 -16.67
C SER A 177 -17.26 24.91 -17.06
N ILE A 178 -17.77 25.04 -18.28
CA ILE A 178 -18.28 26.34 -18.72
C ILE A 178 -19.57 26.65 -17.95
N GLY A 179 -20.42 25.63 -17.76
CA GLY A 179 -21.64 25.88 -17.02
C GLY A 179 -21.35 26.28 -15.59
N GLY A 180 -20.14 25.99 -15.10
CA GLY A 180 -19.79 26.33 -13.74
C GLY A 180 -19.42 27.76 -13.54
N ILE A 181 -19.36 28.52 -14.64
CA ILE A 181 -19.02 29.94 -14.60
C ILE A 181 -20.27 30.81 -14.63
N ALA A 182 -21.45 30.20 -14.55
CA ALA A 182 -22.67 30.96 -14.73
C ALA A 182 -23.17 31.62 -13.45
N THR A 183 -23.05 30.95 -12.30
CA THR A 183 -23.62 31.46 -11.06
C THR A 183 -22.70 31.23 -9.87
N LEU A 184 -23.01 31.92 -8.76
CA LEU A 184 -22.17 31.81 -7.56
C LEU A 184 -22.10 30.39 -7.04
N VAL A 185 -23.20 29.67 -7.08
CA VAL A 185 -23.11 28.23 -6.92
C VAL A 185 -22.71 27.66 -8.27
N GLY A 186 -21.85 26.65 -8.26
CA GLY A 186 -21.37 26.09 -9.49
C GLY A 186 -19.95 25.60 -9.32
N SER A 187 -19.02 26.55 -9.23
CA SER A 187 -17.65 26.22 -8.94
C SER A 187 -17.14 27.05 -7.77
N PRO A 188 -16.40 26.45 -6.85
CA PRO A 188 -15.86 27.19 -5.70
C PRO A 188 -15.18 28.49 -6.09
N PRO A 189 -14.37 28.52 -7.17
CA PRO A 189 -13.64 29.78 -7.46
C PRO A 189 -14.55 30.99 -7.42
N ASN A 190 -15.72 30.87 -8.05
CA ASN A 190 -16.70 31.94 -8.01
C ASN A 190 -17.03 32.36 -6.59
N ALA A 191 -17.23 31.39 -5.70
CA ALA A 191 -17.47 31.69 -4.29
C ALA A 191 -16.27 32.35 -3.62
N ILE A 192 -15.04 31.99 -4.03
CA ILE A 192 -13.89 32.61 -3.39
C ILE A 192 -13.78 34.06 -3.82
N ALA A 193 -14.07 34.34 -5.09
CA ALA A 193 -14.14 35.71 -5.56
C ALA A 193 -15.23 36.50 -4.83
N ALA A 194 -16.42 35.91 -4.74
CA ALA A 194 -17.53 36.59 -4.07
C ALA A 194 -17.21 36.86 -2.61
N ALA A 195 -16.49 35.95 -1.95
CA ALA A 195 -16.15 36.15 -0.54
C ALA A 195 -15.06 37.20 -0.40
N GLU A 196 -14.16 37.29 -1.39
CA GLU A 196 -13.09 38.26 -1.31
C GLU A 196 -13.60 39.68 -1.51
N VAL A 197 -14.33 39.92 -2.61
CA VAL A 197 -14.74 41.29 -2.93
C VAL A 197 -16.15 41.64 -2.45
N GLY A 198 -16.91 40.68 -1.95
CA GLY A 198 -18.24 40.97 -1.46
C GLY A 198 -19.31 41.10 -2.54
N LEU A 199 -19.41 40.09 -3.40
CA LEU A 199 -20.42 40.04 -4.44
C LEU A 199 -21.71 39.40 -3.95
N SER A 200 -22.83 39.85 -4.52
CA SER A 200 -24.10 39.18 -4.31
C SER A 200 -24.27 38.12 -5.39
N PHE A 201 -25.30 37.30 -5.26
CA PHE A 201 -25.54 36.27 -6.27
C PHE A 201 -25.85 36.89 -7.63
N THR A 202 -26.76 37.87 -7.66
CA THR A 202 -27.15 38.45 -8.95
C THR A 202 -25.99 39.25 -9.56
N ASP A 203 -25.01 39.67 -8.76
CA ASP A 203 -23.84 40.34 -9.29
C ASP A 203 -22.99 39.36 -10.09
N TRP A 204 -22.68 38.22 -9.48
CA TRP A 204 -21.79 37.31 -10.17
C TRP A 204 -22.54 36.71 -11.36
N MET A 205 -23.88 36.71 -11.33
CA MET A 205 -24.60 36.24 -12.51
C MET A 205 -24.53 37.27 -13.64
N LYS A 206 -24.66 38.56 -13.28
CA LYS A 206 -24.53 39.63 -14.29
C LYS A 206 -23.18 39.53 -14.99
N PHE A 207 -22.18 39.03 -14.30
CA PHE A 207 -20.88 38.81 -14.96
C PHE A 207 -20.86 37.48 -15.71
N GLY A 208 -20.90 36.37 -14.97
CA GLY A 208 -20.60 35.07 -15.54
C GLY A 208 -21.60 34.55 -16.58
N LEU A 209 -22.90 34.78 -16.36
CA LEU A 209 -23.87 34.24 -17.32
C LEU A 209 -23.61 34.71 -18.75
N PRO A 210 -23.42 35.99 -19.03
CA PRO A 210 -22.93 36.37 -20.36
C PRO A 210 -21.72 35.56 -20.84
N THR A 211 -20.69 35.45 -20.00
CA THR A 211 -19.49 34.72 -20.38
C THR A 211 -19.77 33.25 -20.68
N ALA A 212 -20.67 32.61 -19.92
CA ALA A 212 -21.00 31.22 -20.22
C ALA A 212 -21.80 31.12 -21.53
N MET A 213 -22.72 32.07 -21.75
CA MET A 213 -23.50 32.06 -22.99
C MET A 213 -22.56 32.18 -24.18
N MET A 214 -21.50 32.99 -24.04
CA MET A 214 -20.54 33.14 -25.13
C MET A 214 -19.61 31.95 -25.26
N MET A 215 -19.13 31.41 -24.15
CA MET A 215 -18.05 30.45 -24.21
C MET A 215 -18.56 29.06 -24.57
N LEU A 216 -19.83 28.75 -24.29
CA LEU A 216 -20.32 27.41 -24.65
C LEU A 216 -20.41 27.25 -26.16
N PRO A 217 -21.01 28.18 -26.91
CA PRO A 217 -20.93 28.08 -28.38
C PRO A 217 -19.51 28.04 -28.90
N MET A 218 -18.66 28.98 -28.47
CA MET A 218 -17.29 29.01 -28.97
C MET A 218 -16.57 27.69 -28.74
N ALA A 219 -16.90 26.99 -27.65
CA ALA A 219 -16.21 25.74 -27.36
C ALA A 219 -16.79 24.60 -28.18
N ILE A 220 -18.10 24.59 -28.39
CA ILE A 220 -18.65 23.57 -29.25
C ILE A 220 -18.14 23.75 -30.68
N ALA A 221 -18.15 25.00 -31.17
CA ALA A 221 -17.57 25.32 -32.46
C ALA A 221 -16.13 24.81 -32.61
N ILE A 222 -15.30 25.00 -31.57
CA ILE A 222 -13.90 24.58 -31.69
C ILE A 222 -13.78 23.05 -31.68
N LEU A 223 -14.59 22.36 -30.89
CA LEU A 223 -14.58 20.89 -30.94
C LEU A 223 -15.11 20.37 -32.27
N TYR A 224 -16.15 21.02 -32.79
CA TYR A 224 -16.78 20.71 -34.08
C TYR A 224 -15.79 20.74 -35.22
N PHE A 225 -15.19 21.91 -35.46
CA PHE A 225 -14.30 22.14 -36.59
C PHE A 225 -12.92 21.57 -36.33
N LEU A 226 -12.85 20.53 -35.50
CA LEU A 226 -11.74 19.61 -35.64
C LEU A 226 -12.41 18.41 -36.32
N LEU A 227 -12.43 17.22 -35.71
CA LEU A 227 -12.82 16.01 -36.44
C LEU A 227 -14.18 15.52 -35.96
N LYS A 228 -15.26 16.10 -36.51
CA LYS A 228 -16.63 15.74 -36.13
C LYS A 228 -17.33 14.99 -37.25
N PRO A 229 -17.73 13.72 -37.04
CA PRO A 229 -18.54 12.99 -38.03
C PRO A 229 -19.93 12.59 -37.56
N THR A 230 -20.73 13.51 -37.01
CA THR A 230 -21.93 13.13 -36.26
C THR A 230 -23.25 13.49 -36.94
N LEU A 231 -23.25 13.98 -38.17
CA LEU A 231 -24.52 14.13 -38.89
C LEU A 231 -25.16 12.77 -39.25
N ASN A 232 -24.58 11.65 -38.81
CA ASN A 232 -25.15 10.33 -39.04
C ASN A 232 -25.36 9.61 -37.70
N GLY A 233 -26.21 8.59 -37.73
CA GLY A 233 -26.53 7.80 -36.55
C GLY A 233 -28.01 7.84 -36.21
N MET A 234 -28.40 6.99 -35.25
CA MET A 234 -29.76 6.95 -34.74
C MET A 234 -29.76 6.77 -33.22
N PHE A 235 -30.94 6.96 -32.62
CA PHE A 235 -31.09 6.98 -31.16
C PHE A 235 -31.47 5.60 -30.61
N GLU A 236 -30.91 5.22 -29.45
CA GLU A 236 -31.47 4.15 -28.61
C GLU A 236 -31.92 4.67 -27.24
N LEU A 237 -33.21 4.98 -27.11
CA LEU A 237 -33.78 5.51 -25.86
C LEU A 237 -34.04 4.37 -24.85
N ASP A 238 -32.95 3.78 -24.37
CA ASP A 238 -33.03 2.51 -23.64
C ASP A 238 -32.89 2.72 -22.13
N ARG A 239 -34.03 2.68 -21.44
CA ARG A 239 -34.15 2.75 -19.99
C ARG A 239 -35.60 3.09 -19.63
N ALA A 240 -35.95 2.97 -18.36
CA ALA A 240 -37.30 3.32 -17.89
C ALA A 240 -37.55 4.83 -17.95
N PRO A 241 -38.66 5.27 -18.54
CA PRO A 241 -38.96 6.71 -18.58
C PRO A 241 -39.16 7.28 -17.19
N VAL A 242 -39.28 8.62 -17.15
CA VAL A 242 -39.40 9.37 -15.90
C VAL A 242 -40.80 9.98 -15.76
N ASN A 243 -41.18 10.26 -14.52
CA ASN A 243 -42.48 10.86 -14.22
C ASN A 243 -42.45 11.60 -12.88
N TRP A 244 -43.03 12.81 -12.85
CA TRP A 244 -43.05 13.66 -11.66
C TRP A 244 -43.87 13.02 -10.55
N ASP A 245 -43.19 12.54 -9.50
CA ASP A 245 -43.82 11.86 -8.38
C ASP A 245 -43.97 12.75 -7.14
N LYS A 246 -43.76 12.18 -5.94
CA LYS A 246 -43.99 12.89 -4.67
C LYS A 246 -43.25 14.23 -4.61
N GLY A 247 -43.90 15.24 -5.14
CA GLY A 247 -43.36 16.58 -5.17
C GLY A 247 -41.95 16.70 -5.72
N LYS A 248 -41.71 16.15 -6.92
CA LYS A 248 -40.62 16.67 -7.73
C LYS A 248 -41.01 18.07 -8.16
N VAL A 249 -42.32 18.31 -8.16
CA VAL A 249 -42.89 19.63 -8.35
C VAL A 249 -42.60 20.48 -7.12
N VAL A 250 -42.63 19.88 -5.93
CA VAL A 250 -42.27 20.59 -4.71
C VAL A 250 -40.80 21.00 -4.74
N THR A 251 -39.90 20.05 -5.02
CA THR A 251 -38.49 20.39 -5.14
C THR A 251 -38.27 21.47 -6.20
N LEU A 252 -38.94 21.34 -7.35
CA LEU A 252 -38.92 22.39 -8.36
C LEU A 252 -39.43 23.72 -7.80
N GLY A 253 -40.54 23.70 -7.07
CA GLY A 253 -41.11 24.92 -6.54
C GLY A 253 -40.16 25.65 -5.61
N ILE A 254 -39.59 24.92 -4.67
CA ILE A 254 -38.60 25.51 -3.76
C ILE A 254 -37.39 26.03 -4.54
N PHE A 255 -36.82 25.20 -5.42
CA PHE A 255 -35.70 25.64 -6.24
C PHE A 255 -36.03 26.96 -6.94
N GLY A 256 -37.14 26.97 -7.68
CA GLY A 256 -37.58 28.17 -8.39
C GLY A 256 -37.70 29.38 -7.49
N LEU A 257 -38.44 29.24 -6.38
CA LEU A 257 -38.60 30.32 -5.42
C LEU A 257 -37.26 30.85 -4.92
N THR A 258 -36.35 29.93 -4.59
CA THR A 258 -35.02 30.32 -4.15
C THR A 258 -34.28 31.11 -5.22
N VAL A 259 -34.22 30.58 -6.44
CA VAL A 259 -33.53 31.29 -7.52
C VAL A 259 -34.19 32.63 -7.82
N PHE A 260 -35.51 32.70 -7.68
CA PHE A 260 -36.20 33.98 -7.87
C PHE A 260 -35.73 34.99 -6.82
N LEU A 261 -35.77 34.61 -5.55
CA LEU A 261 -35.32 35.52 -4.50
C LEU A 261 -33.85 35.90 -4.68
N TRP A 262 -33.04 34.97 -5.18
CA TRP A 262 -31.63 35.28 -5.40
C TRP A 262 -31.47 36.33 -6.49
N ILE A 263 -32.25 36.21 -7.57
CA ILE A 263 -32.19 37.18 -8.65
C ILE A 263 -32.74 38.52 -8.19
N PHE A 264 -33.94 38.53 -7.60
CA PHE A 264 -34.61 39.74 -7.16
C PHE A 264 -34.21 40.15 -5.74
N SER A 265 -33.05 39.68 -5.28
CA SER A 265 -32.60 39.98 -3.92
C SER A 265 -32.47 41.47 -3.66
N SER A 266 -31.96 42.23 -4.65
CA SER A 266 -31.74 43.66 -4.45
C SER A 266 -33.01 44.42 -4.08
N PRO A 267 -34.11 44.34 -4.85
CA PRO A 267 -35.31 45.08 -4.45
C PRO A 267 -36.06 44.45 -3.29
N ILE A 268 -36.14 43.13 -3.19
CA ILE A 268 -36.84 42.52 -2.06
C ILE A 268 -36.19 42.95 -0.75
N ASN A 269 -34.85 42.88 -0.71
CA ASN A 269 -34.13 43.25 0.49
C ASN A 269 -34.25 44.74 0.76
N ALA A 270 -34.08 45.57 -0.26
CA ALA A 270 -34.24 47.00 -0.02
C ALA A 270 -35.64 47.29 0.53
N ALA A 271 -36.66 46.64 -0.02
CA ALA A 271 -38.05 46.77 0.44
C ALA A 271 -38.40 45.77 1.53
N LEU A 272 -37.44 45.45 2.39
CA LEU A 272 -37.67 44.57 3.53
C LEU A 272 -37.00 45.09 4.80
N GLY A 273 -36.15 46.10 4.70
CA GLY A 273 -35.38 46.63 5.81
C GLY A 273 -33.89 46.48 5.60
N GLY A 274 -33.50 46.03 4.41
CA GLY A 274 -32.11 45.90 4.03
C GLY A 274 -31.29 45.02 4.95
N PHE A 275 -31.55 43.72 4.94
CA PHE A 275 -30.77 42.79 5.73
C PHE A 275 -29.37 42.64 5.14
N LYS A 276 -28.45 42.15 5.97
CA LYS A 276 -27.01 42.34 5.69
C LYS A 276 -26.52 41.48 4.54
N SER A 277 -26.63 40.16 4.65
CA SER A 277 -26.23 39.31 3.53
C SER A 277 -27.40 38.51 2.99
N PHE A 278 -28.40 39.23 2.46
CA PHE A 278 -29.68 38.62 2.11
C PHE A 278 -29.54 37.28 1.38
N ASP A 279 -28.69 37.21 0.35
CA ASP A 279 -28.51 35.97 -0.40
C ASP A 279 -28.19 34.78 0.51
N THR A 280 -27.35 34.99 1.52
CA THR A 280 -27.06 33.91 2.46
C THR A 280 -28.31 33.50 3.23
N LEU A 281 -29.12 34.49 3.65
CA LEU A 281 -30.37 34.16 4.33
C LEU A 281 -31.28 33.35 3.42
N VAL A 282 -31.41 33.75 2.15
CA VAL A 282 -32.16 32.97 1.18
C VAL A 282 -31.65 31.53 1.11
N ALA A 283 -30.33 31.35 1.09
CA ALA A 283 -29.78 29.98 1.00
C ALA A 283 -30.12 29.16 2.23
N LEU A 284 -30.04 29.77 3.43
CA LEU A 284 -30.40 29.01 4.62
C LEU A 284 -31.91 28.79 4.66
N GLY A 285 -32.65 29.71 4.06
CA GLY A 285 -34.08 29.53 3.97
C GLY A 285 -34.37 28.34 3.09
N ALA A 286 -33.61 28.20 2.01
CA ALA A 286 -33.75 27.03 1.14
C ALA A 286 -33.55 25.76 1.95
N ILE A 287 -32.47 25.70 2.72
CA ILE A 287 -32.25 24.50 3.53
C ILE A 287 -33.44 24.25 4.45
N LEU A 288 -34.08 25.32 4.92
CA LEU A 288 -35.18 25.14 5.86
C LEU A 288 -36.45 24.69 5.15
N MET A 289 -36.83 25.36 4.06
CA MET A 289 -37.97 24.92 3.27
C MET A 289 -37.79 23.47 2.83
N LEU A 290 -36.62 23.14 2.28
CA LEU A 290 -36.35 21.78 1.85
C LEU A 290 -36.47 20.78 2.99
N SER A 291 -36.33 21.23 4.24
CA SER A 291 -36.43 20.30 5.35
C SER A 291 -37.86 20.24 5.90
N PHE A 292 -38.56 21.38 5.95
CA PHE A 292 -39.97 21.42 6.35
C PHE A 292 -40.85 20.71 5.33
N ALA A 293 -40.60 20.91 4.02
CA ALA A 293 -41.27 20.22 2.92
C ALA A 293 -40.89 18.75 2.80
N ARG A 294 -40.18 18.29 3.83
CA ARG A 294 -39.86 16.88 4.02
C ARG A 294 -39.09 16.29 2.83
N VAL A 295 -38.76 17.13 1.85
CA VAL A 295 -38.29 16.67 0.54
C VAL A 295 -36.87 16.14 0.51
N VAL A 296 -36.05 16.43 1.51
CA VAL A 296 -34.69 15.89 1.54
C VAL A 296 -34.26 15.76 2.99
N HIS A 297 -33.54 14.69 3.29
CA HIS A 297 -33.08 14.45 4.65
C HIS A 297 -31.71 15.08 4.84
N TRP A 298 -31.34 15.26 6.11
CA TRP A 298 -30.06 15.89 6.38
C TRP A 298 -28.89 15.00 6.04
N LYS A 299 -28.99 13.69 6.29
CA LYS A 299 -27.91 12.78 5.92
C LYS A 299 -27.54 12.95 4.45
N GLU A 300 -28.52 13.27 3.60
CA GLU A 300 -28.24 13.52 2.19
C GLU A 300 -27.37 14.75 2.02
N ILE A 301 -27.80 15.88 2.59
CA ILE A 301 -27.01 17.11 2.52
C ILE A 301 -25.62 16.92 3.11
N GLN A 302 -25.50 16.12 4.15
CA GLN A 302 -24.18 15.87 4.73
C GLN A 302 -23.29 15.05 3.81
N LYS A 303 -23.85 14.14 3.03
CA LYS A 303 -23.03 13.47 2.03
C LYS A 303 -22.69 14.38 0.86
N THR A 304 -23.69 15.05 0.28
CA THR A 304 -23.47 15.91 -0.87
C THR A 304 -22.50 17.05 -0.60
N ALA A 305 -22.62 17.70 0.55
CA ALA A 305 -21.82 18.89 0.81
C ALA A 305 -20.34 18.55 0.88
N ASP A 306 -19.54 19.28 0.09
CA ASP A 306 -18.08 19.18 0.13
C ASP A 306 -17.54 20.12 1.21
N TRP A 307 -17.58 19.64 2.46
CA TRP A 307 -17.14 20.45 3.59
C TRP A 307 -15.69 20.89 3.46
N GLY A 308 -14.86 20.12 2.76
CA GLY A 308 -13.49 20.54 2.50
C GLY A 308 -13.39 21.84 1.72
N VAL A 309 -14.26 22.01 0.73
CA VAL A 309 -14.27 23.26 -0.03
C VAL A 309 -14.74 24.40 0.85
N LEU A 310 -15.72 24.14 1.72
CA LEU A 310 -16.21 25.18 2.61
C LEU A 310 -15.11 25.64 3.56
N LEU A 311 -14.30 24.69 4.06
CA LEU A 311 -13.15 25.08 4.87
C LEU A 311 -12.10 25.83 4.04
N LEU A 312 -11.94 25.44 2.78
CA LEU A 312 -10.99 26.13 1.92
C LEU A 312 -11.33 27.61 1.79
N PHE A 313 -12.59 27.90 1.46
CA PHE A 313 -13.05 29.28 1.36
C PHE A 313 -12.48 30.08 2.54
N GLY A 314 -12.72 29.56 3.74
CA GLY A 314 -12.25 30.23 4.94
C GLY A 314 -10.76 30.41 4.99
N GLY A 315 -10.00 29.33 4.81
CA GLY A 315 -8.56 29.45 4.77
C GLY A 315 -8.04 30.46 3.76
N GLY A 316 -8.76 30.63 2.66
CA GLY A 316 -8.35 31.59 1.65
C GLY A 316 -8.62 33.02 2.08
N LEU A 317 -9.76 33.23 2.73
CA LEU A 317 -10.04 34.55 3.29
C LEU A 317 -9.04 34.88 4.40
N CYS A 318 -8.73 33.90 5.25
CA CYS A 318 -7.70 34.10 6.27
C CYS A 318 -6.37 34.48 5.64
N LEU A 319 -5.98 33.81 4.56
CA LEU A 319 -4.74 34.21 3.88
C LEU A 319 -4.82 35.67 3.46
N SER A 320 -5.91 36.04 2.78
CA SER A 320 -6.08 37.42 2.36
C SER A 320 -5.84 38.38 3.52
N ASN A 321 -6.48 38.11 4.65
CA ASN A 321 -6.31 38.97 5.82
C ASN A 321 -4.88 38.92 6.36
N VAL A 322 -4.19 37.79 6.24
CA VAL A 322 -2.80 37.75 6.65
C VAL A 322 -1.95 38.68 5.78
N LEU A 323 -2.20 38.66 4.47
CA LEU A 323 -1.50 39.58 3.57
C LEU A 323 -1.77 41.03 3.96
N LYS A 324 -3.02 41.36 4.29
CA LYS A 324 -3.32 42.74 4.67
C LYS A 324 -2.64 43.11 5.99
N GLN A 325 -2.83 42.28 7.01
CA GLN A 325 -2.30 42.59 8.35
C GLN A 325 -0.78 42.69 8.35
N THR A 326 -0.11 41.93 7.48
CA THR A 326 1.35 41.96 7.43
C THR A 326 1.88 43.01 6.47
N GLY A 327 1.01 43.63 5.68
CA GLY A 327 1.39 44.65 4.73
C GLY A 327 2.03 44.11 3.47
N THR A 328 1.96 42.80 3.24
CA THR A 328 2.54 42.22 2.04
C THR A 328 1.80 42.69 0.79
N SER A 329 0.53 43.03 0.93
CA SER A 329 -0.22 43.58 -0.20
C SER A 329 0.35 44.92 -0.62
N VAL A 330 0.63 45.79 0.35
CA VAL A 330 1.16 47.12 0.03
C VAL A 330 2.60 46.99 -0.46
N PHE A 331 3.34 46.02 0.08
CA PHE A 331 4.73 45.81 -0.35
C PHE A 331 4.79 45.33 -1.78
N LEU A 332 3.93 44.38 -2.16
CA LEU A 332 3.95 43.91 -3.55
C LEU A 332 3.42 44.99 -4.47
N ALA A 333 2.43 45.76 -4.02
CA ALA A 333 1.97 46.91 -4.81
C ALA A 333 3.13 47.87 -5.12
N ASN A 334 3.91 48.22 -4.08
CA ASN A 334 5.09 49.06 -4.28
C ASN A 334 6.13 48.42 -5.20
N ALA A 335 6.36 47.12 -5.05
CA ALA A 335 7.34 46.44 -5.90
C ALA A 335 6.90 46.36 -7.36
N LEU A 336 5.60 46.21 -7.63
CA LEU A 336 5.08 46.16 -8.98
C LEU A 336 4.72 47.52 -9.54
N SER A 337 4.84 48.59 -8.74
CA SER A 337 4.38 49.91 -9.17
C SER A 337 4.92 50.24 -10.56
N ASP A 338 6.22 50.08 -10.75
CA ASP A 338 6.84 50.45 -12.03
C ASP A 338 6.42 49.50 -13.15
N MET A 339 6.13 48.23 -12.82
CA MET A 339 5.76 47.31 -13.89
C MET A 339 4.35 47.62 -14.39
N VAL A 340 3.44 47.84 -13.46
CA VAL A 340 2.05 48.06 -13.83
C VAL A 340 1.86 49.45 -14.44
N SER A 341 2.69 50.42 -14.05
CA SER A 341 2.60 51.72 -14.70
C SER A 341 3.28 51.73 -16.07
N HIS A 342 4.28 50.86 -16.28
CA HIS A 342 4.85 50.72 -17.61
C HIS A 342 4.00 49.83 -18.50
N MET A 343 3.09 49.05 -17.93
CA MET A 343 2.10 48.27 -18.66
C MET A 343 0.75 48.98 -18.69
N GLY A 344 -0.09 48.59 -19.66
CA GLY A 344 -1.46 49.03 -19.71
C GLY A 344 -2.33 48.13 -18.87
N ILE A 345 -3.59 48.55 -18.65
CA ILE A 345 -4.53 47.63 -18.02
C ILE A 345 -4.93 46.50 -18.95
N PHE A 346 -4.82 46.73 -20.26
CA PHE A 346 -4.97 45.63 -21.22
C PHE A 346 -3.85 44.63 -21.03
N VAL A 347 -2.60 45.08 -21.16
CA VAL A 347 -1.45 44.22 -20.98
C VAL A 347 -1.58 43.41 -19.69
N VAL A 348 -1.85 44.11 -18.58
CA VAL A 348 -1.95 43.46 -17.28
C VAL A 348 -3.00 42.35 -17.31
N ILE A 349 -4.25 42.68 -17.68
CA ILE A 349 -5.29 41.64 -17.62
C ILE A 349 -5.12 40.57 -18.70
N LEU A 350 -4.28 40.82 -19.71
CA LEU A 350 -3.96 39.77 -20.66
C LEU A 350 -2.95 38.82 -20.05
N VAL A 351 -1.94 39.37 -19.37
CA VAL A 351 -0.97 38.53 -18.69
C VAL A 351 -1.69 37.68 -17.64
N VAL A 352 -2.55 38.31 -16.85
CA VAL A 352 -3.30 37.57 -15.84
C VAL A 352 -4.13 36.47 -16.48
N ALA A 353 -5.06 36.84 -17.37
CA ALA A 353 -5.89 35.83 -18.03
C ALA A 353 -5.06 34.69 -18.59
N THR A 354 -4.00 34.98 -19.35
CA THR A 354 -3.14 33.91 -19.84
C THR A 354 -2.57 33.08 -18.70
N PHE A 355 -1.91 33.74 -17.75
CA PHE A 355 -1.21 33.04 -16.68
C PHE A 355 -2.13 32.04 -16.02
N VAL A 356 -3.32 32.48 -15.63
CA VAL A 356 -4.21 31.55 -14.94
C VAL A 356 -4.79 30.52 -15.90
N VAL A 357 -5.29 30.97 -17.06
CA VAL A 357 -5.93 30.04 -17.99
C VAL A 357 -5.00 28.84 -18.24
N PHE A 358 -3.68 29.05 -18.15
CA PHE A 358 -2.74 27.94 -18.28
C PHE A 358 -2.27 27.31 -16.97
N LEU A 359 -2.15 28.09 -15.89
CA LEU A 359 -1.81 27.52 -14.59
C LEU A 359 -2.88 26.54 -14.12
N THR A 360 -4.14 26.83 -14.44
CA THR A 360 -5.27 26.00 -14.03
C THR A 360 -5.25 24.64 -14.70
N GLU A 361 -4.41 24.44 -15.73
CA GLU A 361 -4.28 23.13 -16.35
C GLU A 361 -3.44 22.20 -15.48
N PHE A 362 -2.47 22.75 -14.77
CA PHE A 362 -1.55 21.97 -13.95
C PHE A 362 -1.99 21.78 -12.51
N ALA A 363 -2.81 22.67 -11.97
CA ALA A 363 -3.18 22.56 -10.57
C ALA A 363 -4.69 22.79 -10.42
N SER A 364 -5.17 22.43 -9.25
CA SER A 364 -6.60 22.51 -8.94
C SER A 364 -7.18 23.90 -9.25
N ASN A 365 -8.31 23.90 -9.97
CA ASN A 365 -9.04 25.12 -10.25
C ASN A 365 -9.16 25.96 -8.98
N THR A 366 -9.74 25.34 -7.94
CA THR A 366 -10.07 26.10 -6.75
C THR A 366 -8.82 26.40 -5.94
N ALA A 367 -7.89 25.45 -5.83
CA ALA A 367 -6.62 25.77 -5.17
C ALA A 367 -5.97 26.99 -5.83
N SER A 368 -6.06 27.06 -7.16
CA SER A 368 -5.53 28.20 -7.89
C SER A 368 -6.28 29.48 -7.59
N ALA A 369 -7.61 29.41 -7.50
CA ALA A 369 -8.35 30.60 -7.14
C ALA A 369 -8.05 31.02 -5.71
N ALA A 370 -8.04 30.07 -4.78
CA ALA A 370 -7.79 30.38 -3.38
C ALA A 370 -6.42 31.01 -3.19
N LEU A 371 -5.46 30.71 -4.08
CA LEU A 371 -4.16 31.36 -3.97
C LEU A 371 -4.14 32.73 -4.64
N LEU A 372 -4.61 32.82 -5.88
CA LEU A 372 -4.39 34.04 -6.66
C LEU A 372 -5.40 35.12 -6.35
N ILE A 373 -6.65 34.77 -6.00
CA ILE A 373 -7.63 35.80 -5.70
C ILE A 373 -7.17 36.68 -4.55
N PRO A 374 -6.71 36.14 -3.42
CA PRO A 374 -6.20 37.03 -2.36
C PRO A 374 -5.05 37.95 -2.77
N VAL A 375 -3.95 37.37 -3.25
CA VAL A 375 -2.78 38.16 -3.64
C VAL A 375 -3.16 39.31 -4.57
N PHE A 376 -3.93 38.99 -5.62
CA PHE A 376 -4.27 40.01 -6.61
C PHE A 376 -5.29 41.01 -6.07
N ALA A 377 -6.37 40.54 -5.46
CA ALA A 377 -7.37 41.47 -4.93
C ALA A 377 -6.74 42.44 -3.94
N THR A 378 -5.86 41.96 -3.07
CA THR A 378 -5.29 42.84 -2.05
C THR A 378 -4.24 43.78 -2.64
N VAL A 379 -3.48 43.33 -3.64
CA VAL A 379 -2.55 44.26 -4.26
C VAL A 379 -3.32 45.34 -5.02
N ALA A 380 -4.33 44.94 -5.79
CA ALA A 380 -5.19 45.90 -6.46
C ALA A 380 -5.77 46.89 -5.47
N GLU A 381 -6.08 46.43 -4.26
CA GLU A 381 -6.62 47.33 -3.24
C GLU A 381 -5.56 48.28 -2.71
N ALA A 382 -4.30 47.86 -2.68
CA ALA A 382 -3.25 48.80 -2.29
C ALA A 382 -3.00 49.86 -3.36
N PHE A 383 -3.23 49.52 -4.63
CA PHE A 383 -3.24 50.50 -5.70
C PHE A 383 -4.53 51.32 -5.73
N GLY A 384 -5.47 51.02 -4.84
CA GLY A 384 -6.71 51.77 -4.79
C GLY A 384 -7.57 51.64 -6.02
N MET A 385 -7.50 50.51 -6.73
CA MET A 385 -8.37 50.24 -7.86
C MET A 385 -9.38 49.21 -7.37
N SER A 386 -10.60 49.27 -7.89
CA SER A 386 -11.61 48.28 -7.51
C SER A 386 -11.18 46.86 -7.81
N PRO A 387 -10.99 46.04 -6.77
CA PRO A 387 -10.43 44.68 -6.97
C PRO A 387 -11.37 43.70 -7.66
N VAL A 388 -12.61 44.09 -7.91
CA VAL A 388 -13.59 43.17 -8.50
C VAL A 388 -13.11 42.59 -9.83
N LEU A 389 -12.59 43.44 -10.72
CA LEU A 389 -12.23 42.96 -12.06
C LEU A 389 -11.22 41.82 -12.02
N LEU A 390 -10.05 42.06 -11.42
CA LEU A 390 -9.03 41.01 -11.37
C LEU A 390 -9.56 39.74 -10.70
N SER A 391 -10.36 39.89 -9.64
CA SER A 391 -10.85 38.72 -8.92
C SER A 391 -11.80 37.88 -9.79
N VAL A 392 -12.84 38.50 -10.33
CA VAL A 392 -13.74 37.78 -11.24
C VAL A 392 -12.97 37.17 -12.40
N LEU A 393 -12.04 37.93 -12.99
CA LEU A 393 -11.24 37.40 -14.08
C LEU A 393 -10.53 36.11 -13.67
N ILE A 394 -9.70 36.19 -12.62
CA ILE A 394 -9.01 35.01 -12.11
C ILE A 394 -9.98 33.85 -11.89
N ALA A 395 -11.13 34.13 -11.28
CA ALA A 395 -12.07 33.05 -10.97
C ALA A 395 -12.62 32.40 -12.24
N VAL A 396 -12.84 33.19 -13.29
CA VAL A 396 -13.35 32.63 -14.53
C VAL A 396 -12.25 31.85 -15.25
N ALA A 397 -11.07 32.45 -15.38
CA ALA A 397 -9.96 31.81 -16.05
C ALA A 397 -9.52 30.53 -15.34
N ALA A 398 -9.64 30.49 -14.01
CA ALA A 398 -9.28 29.29 -13.28
C ALA A 398 -10.20 28.13 -13.63
N SER A 399 -11.42 28.42 -14.07
CA SER A 399 -12.36 27.38 -14.49
C SER A 399 -12.22 27.08 -15.97
N CYS A 400 -11.16 27.59 -16.61
CA CYS A 400 -10.91 27.35 -18.04
C CYS A 400 -9.77 26.34 -18.20
N ALA A 401 -10.00 25.17 -17.61
CA ALA A 401 -9.08 24.03 -17.73
C ALA A 401 -9.61 23.07 -18.79
N PHE A 402 -8.93 23.02 -19.93
CA PHE A 402 -9.41 22.30 -21.10
C PHE A 402 -8.41 21.31 -21.68
N MET A 403 -7.13 21.41 -21.36
CA MET A 403 -6.11 20.53 -21.92
C MET A 403 -6.10 19.12 -21.32
N LEU A 404 -5.00 18.69 -20.70
CA LEU A 404 -4.82 17.34 -20.16
C LEU A 404 -5.94 16.99 -19.17
N PRO A 405 -6.09 15.70 -18.81
CA PRO A 405 -6.97 15.38 -17.67
C PRO A 405 -6.31 15.84 -16.39
N VAL A 406 -6.71 15.42 -15.18
CA VAL A 406 -6.09 15.96 -13.97
C VAL A 406 -6.20 17.47 -13.81
N ALA A 407 -6.57 18.17 -14.88
CA ALA A 407 -6.84 19.59 -14.79
C ALA A 407 -8.11 19.86 -13.99
N THR A 408 -9.20 19.16 -14.31
CA THR A 408 -10.45 19.19 -13.59
C THR A 408 -10.92 17.75 -13.49
N PRO A 409 -11.72 17.39 -12.49
CA PRO A 409 -12.35 16.05 -12.48
C PRO A 409 -13.19 15.73 -13.70
N PRO A 410 -14.00 16.65 -14.25
CA PRO A 410 -14.71 16.32 -15.49
C PRO A 410 -13.84 15.83 -16.64
N ASN A 411 -12.66 16.45 -16.81
CA ASN A 411 -11.74 16.01 -17.85
C ASN A 411 -11.30 14.57 -17.61
N ALA A 412 -10.91 14.26 -16.37
CA ALA A 412 -10.45 12.92 -16.07
C ALA A 412 -11.61 11.93 -15.98
N ILE A 413 -12.85 12.41 -15.90
CA ILE A 413 -14.00 11.53 -15.86
C ILE A 413 -14.33 11.05 -17.26
N VAL A 414 -14.36 11.97 -18.23
CA VAL A 414 -14.59 11.55 -19.60
C VAL A 414 -13.33 10.94 -20.21
N PHE A 415 -12.18 11.12 -19.57
CA PHE A 415 -10.91 10.58 -20.06
C PHE A 415 -10.80 9.10 -19.69
N ALA A 416 -11.25 8.73 -18.49
CA ALA A 416 -11.21 7.34 -18.04
C ALA A 416 -12.07 6.42 -18.88
N SER A 417 -12.84 6.94 -19.84
CA SER A 417 -13.56 6.10 -20.78
C SER A 417 -12.59 5.38 -21.73
N GLY A 418 -11.38 5.09 -21.26
CA GLY A 418 -10.38 4.32 -22.00
C GLY A 418 -10.41 4.55 -23.50
N HIS A 419 -10.67 5.80 -23.90
CA HIS A 419 -10.86 6.08 -25.31
C HIS A 419 -10.17 7.33 -25.84
N ILE A 420 -10.37 8.47 -25.17
CA ILE A 420 -9.84 9.73 -25.67
C ILE A 420 -8.32 9.80 -25.49
N LYS A 421 -7.60 10.12 -26.56
CA LYS A 421 -6.14 10.14 -26.50
C LYS A 421 -5.63 11.42 -25.83
N GLN A 422 -4.52 11.28 -25.10
CA GLN A 422 -3.83 12.42 -24.50
C GLN A 422 -3.56 13.58 -25.47
N SER A 423 -3.00 13.28 -26.64
CA SER A 423 -2.65 14.32 -27.61
C SER A 423 -3.88 15.06 -28.12
N GLU A 424 -4.97 14.33 -28.35
CA GLU A 424 -6.17 14.94 -28.91
C GLU A 424 -6.65 16.03 -27.97
N MET A 425 -6.83 15.67 -26.71
CA MET A 425 -7.30 16.62 -25.72
C MET A 425 -6.28 17.74 -25.55
N MET A 426 -4.98 17.40 -25.54
CA MET A 426 -3.98 18.45 -25.33
C MET A 426 -4.02 19.51 -26.41
N ARG A 427 -4.61 19.21 -27.57
CA ARG A 427 -4.60 20.25 -28.62
C ARG A 427 -5.96 20.86 -28.85
N VAL A 428 -7.03 20.19 -28.44
CA VAL A 428 -8.30 20.91 -28.42
C VAL A 428 -8.26 21.89 -27.27
N GLY A 429 -7.66 21.48 -26.15
CA GLY A 429 -7.51 22.39 -25.03
C GLY A 429 -6.54 23.51 -25.33
N LEU A 430 -5.48 23.22 -26.11
CA LEU A 430 -4.55 24.30 -26.43
C LEU A 430 -5.21 25.36 -27.31
N TYR A 431 -6.13 24.96 -28.19
CA TYR A 431 -6.88 25.97 -28.94
C TYR A 431 -7.91 26.69 -28.07
N LEU A 432 -8.71 25.94 -27.30
CA LEU A 432 -9.75 26.55 -26.48
C LEU A 432 -9.18 27.49 -25.41
N ASN A 433 -7.99 27.23 -24.88
CA ASN A 433 -7.36 28.16 -23.95
C ASN A 433 -7.17 29.53 -24.57
N ILE A 434 -6.44 29.62 -25.67
CA ILE A 434 -6.27 30.88 -26.37
C ILE A 434 -7.61 31.50 -26.73
N ALA A 435 -8.54 30.69 -27.24
CA ALA A 435 -9.89 31.19 -27.51
C ALA A 435 -10.47 31.90 -26.29
N CYS A 436 -10.22 31.36 -25.10
CA CYS A 436 -10.74 31.99 -23.88
C CYS A 436 -9.93 33.23 -23.51
N ILE A 437 -8.61 33.12 -23.44
CA ILE A 437 -7.80 34.32 -23.16
C ILE A 437 -8.31 35.47 -24.01
N GLY A 438 -8.71 35.17 -25.25
CA GLY A 438 -9.37 36.15 -26.08
C GLY A 438 -10.70 36.62 -25.53
N LEU A 439 -11.70 35.73 -25.54
CA LEU A 439 -13.03 36.07 -25.08
C LEU A 439 -13.02 36.80 -23.73
N LEU A 440 -12.20 36.33 -22.81
CA LEU A 440 -12.09 36.91 -21.47
C LEU A 440 -11.48 38.30 -21.49
N THR A 441 -10.27 38.46 -22.05
CA THR A 441 -9.68 39.79 -22.10
C THR A 441 -10.63 40.79 -22.79
N ALA A 442 -11.32 40.34 -23.84
CA ALA A 442 -12.36 41.12 -24.49
C ALA A 442 -13.46 41.58 -23.54
N ILE A 443 -14.21 40.62 -22.99
CA ILE A 443 -15.31 40.97 -22.11
C ILE A 443 -14.80 41.80 -20.94
N ALA A 444 -13.63 41.46 -20.41
CA ALA A 444 -13.10 42.20 -19.28
C ALA A 444 -12.79 43.65 -19.65
N MET A 445 -12.54 43.90 -20.94
CA MET A 445 -12.37 45.29 -21.36
C MET A 445 -13.72 45.99 -21.51
N LEU A 446 -14.70 45.27 -22.06
CA LEU A 446 -16.02 45.87 -22.25
C LEU A 446 -16.69 46.20 -20.91
N PHE A 447 -16.57 45.30 -19.93
CA PHE A 447 -17.06 45.59 -18.59
C PHE A 447 -16.05 46.49 -17.85
N TRP A 448 -16.00 47.76 -18.26
CA TRP A 448 -15.12 48.71 -17.61
C TRP A 448 -15.91 49.96 -17.23
N GLN A 449 -16.46 50.67 -18.22
CA GLN A 449 -17.33 51.83 -17.97
C GLN A 449 -18.63 51.66 -18.74
N LEU B 5 -49.63 16.48 7.19
CA LEU B 5 -50.18 15.14 7.27
C LEU B 5 -49.38 14.24 8.23
N HIS B 6 -48.07 14.42 8.28
CA HIS B 6 -47.21 13.64 9.16
C HIS B 6 -47.17 14.23 10.56
N ARG B 7 -46.88 13.36 11.53
CA ARG B 7 -46.77 13.80 12.92
C ARG B 7 -45.90 15.05 13.04
N ASN B 8 -44.67 14.98 12.52
CA ASN B 8 -43.72 16.06 12.72
C ASN B 8 -44.15 17.34 12.01
N SER B 9 -44.76 17.23 10.83
CA SER B 9 -45.30 18.42 10.20
C SER B 9 -46.32 19.10 11.11
N LEU B 10 -47.04 18.29 11.89
CA LEU B 10 -48.01 18.84 12.83
C LEU B 10 -47.32 19.45 14.05
N ILE B 11 -46.39 18.73 14.66
CA ILE B 11 -45.63 19.31 15.76
C ILE B 11 -45.08 20.66 15.34
N VAL B 12 -44.56 20.76 14.12
CA VAL B 12 -44.07 22.02 13.56
C VAL B 12 -45.16 23.08 13.51
N LEU B 13 -46.31 22.74 12.92
CA LEU B 13 -47.37 23.74 12.81
C LEU B 13 -47.90 24.16 14.18
N ALA B 14 -47.98 23.23 15.13
CA ALA B 14 -48.36 23.55 16.50
C ALA B 14 -47.33 24.41 17.19
N ASP B 15 -46.05 24.24 16.84
CA ASP B 15 -45.02 25.07 17.45
C ASP B 15 -45.06 26.48 16.88
N VAL B 16 -45.25 26.60 15.57
CA VAL B 16 -45.45 27.91 14.96
C VAL B 16 -46.65 28.61 15.58
N ALA B 17 -47.74 27.86 15.80
CA ALA B 17 -48.88 28.42 16.51
C ALA B 17 -48.48 28.90 17.90
N LEU B 18 -47.87 28.03 18.70
CA LEU B 18 -47.46 28.39 20.05
C LEU B 18 -46.61 29.65 20.06
N PHE B 19 -45.66 29.75 19.14
CA PHE B 19 -44.84 30.95 19.01
C PHE B 19 -45.69 32.19 18.77
N LEU B 20 -46.44 32.19 17.66
CA LEU B 20 -47.33 33.32 17.38
C LEU B 20 -48.16 33.71 18.59
N ALA B 21 -48.72 32.73 19.30
CA ALA B 21 -49.52 32.98 20.49
C ALA B 21 -48.71 33.69 21.58
N LEU B 22 -47.64 33.06 22.05
CA LEU B 22 -46.80 33.68 23.08
C LEU B 22 -46.36 35.07 22.66
N TYR B 23 -46.00 35.22 21.39
CA TYR B 23 -45.54 36.50 20.86
C TYR B 23 -46.59 37.58 21.07
N HIS B 24 -47.84 37.30 20.69
CA HIS B 24 -48.87 38.34 20.76
C HIS B 24 -49.45 38.53 22.16
N PHE B 25 -49.41 37.51 23.02
CA PHE B 25 -50.18 37.51 24.25
C PHE B 25 -49.37 37.75 25.52
N LEU B 26 -48.07 37.48 25.52
CA LEU B 26 -47.28 37.73 26.71
C LEU B 26 -47.20 39.22 27.03
N PRO B 27 -47.37 39.60 28.30
CA PRO B 27 -47.50 41.02 28.64
C PRO B 27 -46.21 41.62 29.17
N PHE B 28 -45.12 41.48 28.43
CA PHE B 28 -43.85 42.01 28.88
C PHE B 28 -43.24 42.92 27.82
N GLU B 29 -42.16 43.59 28.21
CA GLU B 29 -41.33 44.34 27.27
C GLU B 29 -40.97 43.50 26.06
N HIS B 30 -41.05 44.13 24.89
CA HIS B 30 -40.99 43.42 23.61
C HIS B 30 -39.82 42.45 23.52
N ASN B 31 -38.62 42.87 23.93
CA ASN B 31 -37.47 41.99 23.85
C ASN B 31 -37.65 40.71 24.66
N VAL B 32 -38.18 40.83 25.89
CA VAL B 32 -38.43 39.64 26.68
C VAL B 32 -39.44 38.73 26.00
N VAL B 33 -40.51 39.31 25.45
CA VAL B 33 -41.50 38.54 24.70
C VAL B 33 -40.85 37.78 23.56
N LEU B 34 -40.06 38.47 22.74
CA LEU B 34 -39.39 37.84 21.61
C LEU B 34 -38.45 36.73 22.07
N GLY B 35 -37.66 36.98 23.11
CA GLY B 35 -36.75 35.97 23.60
C GLY B 35 -37.45 34.74 24.16
N ILE B 36 -38.55 34.96 24.89
CA ILE B 36 -39.33 33.85 25.41
C ILE B 36 -39.96 33.05 24.27
N SER B 37 -40.64 33.74 23.36
CA SER B 37 -41.26 33.06 22.23
C SER B 37 -40.26 32.20 21.48
N MET B 38 -39.08 32.75 21.19
CA MET B 38 -38.03 31.99 20.54
C MET B 38 -37.57 30.80 21.38
N LEU B 39 -37.36 31.01 22.68
CA LEU B 39 -36.92 29.93 23.54
C LEU B 39 -37.89 28.76 23.50
N ALA B 40 -39.19 29.04 23.62
CA ALA B 40 -40.19 27.98 23.57
C ALA B 40 -40.17 27.28 22.23
N PHE B 41 -40.19 28.05 21.13
CA PHE B 41 -40.15 27.46 19.80
C PHE B 41 -39.01 26.44 19.70
N ILE B 42 -37.78 26.90 19.92
CA ILE B 42 -36.63 26.02 19.81
C ILE B 42 -36.75 24.84 20.77
N ALA B 43 -37.04 25.10 22.05
CA ALA B 43 -37.17 24.01 23.02
C ALA B 43 -38.01 22.87 22.47
N VAL B 44 -39.21 23.22 21.97
CA VAL B 44 -40.09 22.21 21.38
C VAL B 44 -39.40 21.51 20.21
N LEU B 45 -38.98 22.29 19.21
CA LEU B 45 -38.36 21.74 18.01
C LEU B 45 -37.18 20.82 18.31
N TRP B 46 -36.51 21.02 19.44
CA TRP B 46 -35.35 20.20 19.79
C TRP B 46 -35.71 19.00 20.64
N LEU B 47 -36.76 19.11 21.45
CA LEU B 47 -37.15 17.99 22.31
C LEU B 47 -38.00 16.99 21.53
N THR B 48 -38.93 17.49 20.71
CA THR B 48 -39.70 16.61 19.85
C THR B 48 -38.84 16.09 18.70
N GLU B 49 -37.94 16.92 18.17
CA GLU B 49 -37.17 16.61 16.99
C GLU B 49 -38.07 16.48 15.76
N ALA B 50 -39.07 17.34 15.68
CA ALA B 50 -39.90 17.42 14.48
C ALA B 50 -39.02 17.75 13.27
N LEU B 51 -38.08 18.68 13.43
CA LEU B 51 -37.02 18.89 12.46
C LEU B 51 -35.74 18.35 13.07
N HIS B 52 -34.81 17.96 12.19
CA HIS B 52 -33.51 17.48 12.64
C HIS B 52 -32.83 18.51 13.54
N VAL B 53 -32.31 18.05 14.67
CA VAL B 53 -31.44 18.87 15.52
C VAL B 53 -30.62 19.90 14.76
N THR B 54 -30.00 19.51 13.65
CA THR B 54 -29.14 20.46 12.94
C THR B 54 -29.95 21.51 12.20
N VAL B 55 -31.16 21.15 11.73
CA VAL B 55 -31.94 22.15 11.00
C VAL B 55 -32.48 23.18 11.98
N THR B 56 -32.90 22.76 13.17
CA THR B 56 -33.29 23.72 14.19
C THR B 56 -32.11 24.60 14.58
N ALA B 57 -30.92 23.98 14.70
CA ALA B 57 -29.71 24.74 14.97
C ALA B 57 -29.54 25.86 13.95
N ILE B 58 -29.72 25.52 12.67
CA ILE B 58 -29.63 26.53 11.63
C ILE B 58 -30.80 27.51 11.72
N LEU B 59 -31.93 27.08 12.27
CA LEU B 59 -33.09 27.96 12.41
C LEU B 59 -32.86 29.07 13.42
N VAL B 60 -32.03 28.81 14.45
CA VAL B 60 -31.80 29.84 15.47
C VAL B 60 -31.28 31.14 14.88
N PRO B 61 -30.18 31.15 14.11
CA PRO B 61 -29.66 32.43 13.62
C PRO B 61 -30.56 33.14 12.64
N VAL B 62 -31.17 32.43 11.70
CA VAL B 62 -32.05 33.10 10.73
C VAL B 62 -33.19 33.84 11.42
N MET B 63 -33.66 33.33 12.57
CA MET B 63 -34.62 34.09 13.37
C MET B 63 -33.97 35.30 14.02
N ALA B 64 -32.91 35.06 14.80
CA ALA B 64 -32.20 36.18 15.40
C ALA B 64 -32.04 37.33 14.40
N VAL B 65 -31.66 36.98 13.17
CA VAL B 65 -31.41 37.98 12.13
C VAL B 65 -32.69 38.65 11.67
N PHE B 66 -33.72 37.87 11.35
CA PHE B 66 -34.94 38.50 10.87
C PHE B 66 -35.62 39.32 11.95
N PHE B 67 -35.54 38.90 13.20
CA PHE B 67 -36.11 39.66 14.31
C PHE B 67 -35.11 40.68 14.88
N GLY B 68 -34.15 41.12 14.08
CA GLY B 68 -33.26 42.21 14.45
C GLY B 68 -32.40 42.05 15.68
N ILE B 69 -32.40 40.87 16.30
CA ILE B 69 -31.58 40.68 17.49
C ILE B 69 -30.09 40.84 17.16
N PHE B 70 -29.66 40.28 16.03
CA PHE B 70 -28.27 40.38 15.58
C PHE B 70 -28.24 40.69 14.08
N GLU B 71 -27.06 41.10 13.61
CA GLU B 71 -26.79 41.22 12.18
C GLU B 71 -26.25 39.89 11.65
N THR B 72 -26.57 39.61 10.38
CA THR B 72 -26.32 38.27 9.82
C THR B 72 -24.92 37.75 10.12
N GLN B 73 -23.88 38.57 9.90
CA GLN B 73 -22.51 38.09 10.09
C GLN B 73 -22.20 37.86 11.57
N ALA B 74 -22.72 38.72 12.44
CA ALA B 74 -22.49 38.52 13.87
C ALA B 74 -23.11 37.18 14.31
N ALA B 75 -24.33 36.92 13.86
CA ALA B 75 -24.97 35.66 14.21
C ALA B 75 -24.22 34.46 13.66
N LEU B 76 -23.73 34.55 12.42
CA LEU B 76 -23.05 33.38 11.85
C LEU B 76 -21.70 33.12 12.51
N ASN B 77 -20.96 34.18 12.87
CA ASN B 77 -19.65 34.00 13.50
C ASN B 77 -19.67 32.99 14.65
N ASN B 78 -20.84 32.73 15.24
CA ASN B 78 -20.93 31.77 16.33
C ASN B 78 -20.52 30.36 15.89
N PHE B 79 -20.85 29.98 14.66
CA PHE B 79 -20.52 28.66 14.15
C PHE B 79 -19.03 28.41 13.98
N ALA B 80 -18.18 29.42 14.20
CA ALA B 80 -16.74 29.25 14.14
C ALA B 80 -16.09 29.37 15.51
N ASN B 81 -16.84 29.15 16.57
CA ASN B 81 -16.26 29.12 17.91
C ASN B 81 -15.13 28.09 17.96
N SER B 82 -14.09 28.40 18.72
CA SER B 82 -12.90 27.55 18.77
C SER B 82 -13.18 26.15 19.29
N ILE B 83 -14.20 25.98 20.14
CA ILE B 83 -14.50 24.63 20.62
C ILE B 83 -15.00 23.75 19.48
N ILE B 84 -15.80 24.30 18.57
CA ILE B 84 -16.21 23.56 17.38
C ILE B 84 -15.00 22.95 16.68
N PHE B 85 -13.93 23.73 16.51
CA PHE B 85 -12.74 23.20 15.84
C PHE B 85 -11.98 22.19 16.70
N LEU B 86 -11.91 22.41 18.00
CA LEU B 86 -11.33 21.39 18.87
C LEU B 86 -12.04 20.05 18.69
N PHE B 87 -13.37 20.09 18.60
CA PHE B 87 -14.16 18.88 18.41
C PHE B 87 -13.90 18.29 17.02
N LEU B 88 -13.73 19.12 16.00
CA LEU B 88 -13.34 18.59 14.69
C LEU B 88 -11.97 17.93 14.75
N GLY B 89 -11.09 18.42 15.63
CA GLY B 89 -9.81 17.77 15.82
C GLY B 89 -9.97 16.38 16.41
N GLY B 90 -10.83 16.25 17.41
CA GLY B 90 -11.04 14.93 18.01
C GLY B 90 -11.71 13.99 17.02
N PHE B 91 -12.49 14.55 16.10
CA PHE B 91 -13.10 13.74 15.05
C PHE B 91 -12.06 13.20 14.09
N ALA B 92 -11.07 14.04 13.73
CA ALA B 92 -10.04 13.55 12.81
C ALA B 92 -9.12 12.56 13.50
N LEU B 93 -8.88 12.72 14.80
CA LEU B 93 -8.05 11.76 15.52
C LEU B 93 -8.74 10.41 15.58
N ALA B 94 -10.08 10.42 15.76
CA ALA B 94 -10.81 9.17 15.75
C ALA B 94 -10.80 8.56 14.35
N ALA B 95 -11.14 9.34 13.33
CA ALA B 95 -11.07 8.86 11.97
C ALA B 95 -9.74 8.16 11.72
N ALA B 96 -8.66 8.76 12.24
CA ALA B 96 -7.32 8.20 12.03
C ALA B 96 -7.22 6.83 12.66
N MET B 97 -7.47 6.72 13.96
CA MET B 97 -7.26 5.41 14.57
C MET B 97 -8.31 4.38 14.15
N HIS B 98 -9.41 4.80 13.52
CA HIS B 98 -10.35 3.82 12.96
C HIS B 98 -9.90 3.32 11.58
N HIS B 99 -9.61 4.23 10.66
CA HIS B 99 -9.11 3.81 9.35
C HIS B 99 -7.83 3.00 9.50
N GLN B 100 -7.00 3.36 10.47
CA GLN B 100 -5.77 2.64 10.77
C GLN B 100 -6.03 1.32 11.48
N GLY B 101 -7.18 1.20 12.16
CA GLY B 101 -7.52 0.01 12.89
C GLY B 101 -6.91 -0.11 14.27
N LEU B 102 -6.35 0.98 14.82
CA LEU B 102 -5.78 0.91 16.17
C LEU B 102 -6.84 0.66 17.23
N ASP B 103 -8.12 0.84 16.92
CA ASP B 103 -9.16 0.46 17.86
C ASP B 103 -9.35 -1.04 17.91
N LYS B 104 -9.23 -1.70 16.75
CA LYS B 104 -9.30 -3.16 16.70
C LYS B 104 -8.15 -3.77 17.50
N VAL B 105 -6.93 -3.31 17.26
CA VAL B 105 -5.79 -3.88 17.96
C VAL B 105 -5.88 -3.59 19.46
N ILE B 106 -6.40 -2.41 19.83
CA ILE B 106 -6.56 -2.13 21.26
C ILE B 106 -7.64 -3.02 21.87
N ALA B 107 -8.60 -3.46 21.06
CA ALA B 107 -9.61 -4.40 21.57
C ALA B 107 -9.03 -5.81 21.70
N ASP B 108 -8.45 -6.34 20.63
CA ASP B 108 -7.89 -7.69 20.66
C ASP B 108 -6.79 -7.86 21.72
N LYS B 109 -5.77 -7.01 21.68
CA LYS B 109 -4.65 -7.12 22.62
C LYS B 109 -5.11 -7.14 24.07
N VAL B 110 -6.14 -6.36 24.41
CA VAL B 110 -6.66 -6.36 25.78
C VAL B 110 -7.59 -7.55 25.99
N LEU B 111 -8.39 -7.88 24.99
CA LEU B 111 -9.34 -8.98 25.09
C LEU B 111 -8.62 -10.32 25.15
N ALA B 112 -7.54 -10.48 24.38
CA ALA B 112 -6.75 -11.70 24.44
C ALA B 112 -5.79 -11.72 25.63
N MET B 113 -5.75 -10.64 26.42
CA MET B 113 -5.05 -10.69 27.70
C MET B 113 -5.80 -11.60 28.65
N ALA B 114 -7.13 -11.59 28.57
CA ALA B 114 -7.94 -12.58 29.23
C ALA B 114 -7.81 -13.87 28.44
N GLN B 115 -7.29 -14.91 29.09
CA GLN B 115 -6.86 -16.10 28.37
C GLN B 115 -8.05 -16.84 27.78
N GLY B 116 -9.07 -17.08 28.60
CA GLY B 116 -10.21 -17.84 28.13
C GLY B 116 -11.39 -17.86 29.07
N LYS B 117 -11.52 -16.84 29.91
CA LYS B 117 -12.54 -16.80 30.95
C LYS B 117 -13.57 -15.72 30.62
N MET B 118 -14.84 -16.13 30.59
CA MET B 118 -15.95 -15.19 30.35
C MET B 118 -16.08 -14.22 31.51
N SER B 119 -15.61 -14.62 32.69
CA SER B 119 -15.58 -13.74 33.86
C SER B 119 -14.75 -12.50 33.57
N VAL B 120 -13.52 -12.67 33.10
CA VAL B 120 -12.59 -11.58 32.85
C VAL B 120 -12.68 -11.16 31.39
N ALA B 121 -13.70 -11.66 30.70
CA ALA B 121 -13.97 -11.26 29.32
C ALA B 121 -14.83 -10.00 29.27
N VAL B 122 -16.00 -10.06 29.90
CA VAL B 122 -16.94 -8.96 29.90
C VAL B 122 -16.40 -7.80 30.69
N PHE B 123 -15.62 -8.07 31.74
CA PHE B 123 -15.02 -7.01 32.52
C PHE B 123 -14.00 -6.23 31.69
N MET B 124 -13.31 -6.91 30.78
CA MET B 124 -12.42 -6.20 29.87
C MET B 124 -13.16 -5.62 28.69
N LEU B 125 -14.32 -6.16 28.33
CA LEU B 125 -15.10 -5.56 27.27
C LEU B 125 -15.65 -4.23 27.74
N PHE B 126 -16.00 -4.13 29.02
CA PHE B 126 -16.50 -2.86 29.54
C PHE B 126 -15.33 -1.89 29.73
N GLY B 127 -14.21 -2.36 30.26
CA GLY B 127 -13.08 -1.47 30.43
C GLY B 127 -12.52 -0.96 29.12
N VAL B 128 -12.70 -1.72 28.04
CA VAL B 128 -12.24 -1.26 26.73
C VAL B 128 -13.28 -0.34 26.11
N THR B 129 -14.54 -0.79 26.00
CA THR B 129 -15.55 0.10 25.45
C THR B 129 -15.48 1.48 26.10
N ALA B 130 -15.27 1.51 27.41
CA ALA B 130 -15.12 2.77 28.12
C ALA B 130 -13.84 3.51 27.77
N LEU B 131 -12.70 2.82 27.80
CA LEU B 131 -11.45 3.54 27.52
C LEU B 131 -11.40 4.06 26.10
N LEU B 132 -11.99 3.33 25.14
CA LEU B 132 -12.09 3.78 23.76
C LEU B 132 -13.06 4.94 23.60
N SER B 133 -14.16 4.94 24.37
CA SER B 133 -15.15 6.01 24.20
C SER B 133 -14.60 7.37 24.62
N MET B 134 -13.59 7.42 25.50
CA MET B 134 -13.02 8.69 25.89
C MET B 134 -12.60 9.56 24.71
N TRP B 135 -12.29 8.96 23.56
CA TRP B 135 -11.66 9.69 22.48
C TRP B 135 -12.37 9.60 21.15
N ILE B 136 -13.17 8.56 20.92
CA ILE B 136 -13.66 8.27 19.57
C ILE B 136 -15.02 8.89 19.37
N SER B 137 -16.00 8.44 20.15
CA SER B 137 -17.39 8.76 19.95
C SER B 137 -18.20 7.82 20.85
N ASN B 138 -19.52 7.88 20.79
CA ASN B 138 -20.34 6.89 21.47
C ASN B 138 -21.04 5.96 20.50
N THR B 139 -21.87 6.48 19.59
CA THR B 139 -22.46 5.64 18.56
C THR B 139 -21.42 4.76 17.87
N ALA B 140 -20.21 5.29 17.68
CA ALA B 140 -19.18 4.55 16.97
C ALA B 140 -18.56 3.48 17.85
N THR B 141 -18.28 3.79 19.12
CA THR B 141 -17.67 2.79 19.98
C THR B 141 -18.64 1.64 20.21
N ALA B 142 -19.92 1.95 20.39
CA ALA B 142 -20.91 0.90 20.62
C ALA B 142 -21.07 0.04 19.37
N ALA B 143 -21.25 0.68 18.21
CA ALA B 143 -21.43 -0.10 16.99
C ALA B 143 -20.17 -0.92 16.68
N MET B 144 -19.01 -0.46 17.12
CA MET B 144 -17.77 -1.20 16.90
C MET B 144 -17.59 -2.33 17.90
N MET B 145 -18.14 -2.19 19.10
CA MET B 145 -18.02 -3.23 20.11
C MET B 145 -19.03 -4.34 19.91
N LEU B 146 -20.22 -4.03 19.38
CA LEU B 146 -21.27 -5.03 19.24
C LEU B 146 -20.76 -6.33 18.63
N PRO B 147 -20.03 -6.33 17.51
CA PRO B 147 -19.49 -7.60 16.99
C PRO B 147 -18.57 -8.33 17.96
N LEU B 148 -17.80 -7.63 18.79
CA LEU B 148 -16.93 -8.28 19.76
C LEU B 148 -17.69 -8.84 20.94
N VAL B 149 -18.83 -8.26 21.24
CA VAL B 149 -19.61 -8.80 22.32
C VAL B 149 -20.39 -10.01 21.85
N LEU B 150 -21.06 -9.89 20.71
CA LEU B 150 -21.74 -11.06 20.16
C LEU B 150 -20.74 -12.18 19.84
N GLY B 151 -19.48 -11.82 19.57
CA GLY B 151 -18.45 -12.83 19.36
C GLY B 151 -18.12 -13.59 20.63
N VAL B 152 -18.03 -12.87 21.76
CA VAL B 152 -17.72 -13.54 23.02
C VAL B 152 -18.92 -14.35 23.50
N LEU B 153 -20.11 -13.74 23.54
CA LEU B 153 -21.31 -14.40 24.05
C LEU B 153 -21.93 -15.37 23.05
N SER B 154 -21.11 -16.07 22.28
CA SER B 154 -21.58 -17.08 21.35
C SER B 154 -21.20 -18.48 21.82
N LYS B 155 -20.28 -18.58 22.77
CA LYS B 155 -19.99 -19.86 23.41
C LYS B 155 -21.06 -20.20 24.44
N VAL B 156 -21.46 -19.22 25.25
CA VAL B 156 -22.69 -19.36 26.03
C VAL B 156 -23.80 -18.83 25.12
N ASP B 157 -24.13 -19.63 24.10
CA ASP B 157 -25.07 -19.24 23.06
C ASP B 157 -26.52 -19.34 23.54
N ALA B 158 -26.79 -20.28 24.44
CA ALA B 158 -28.11 -20.48 25.01
C ALA B 158 -28.75 -19.15 25.36
N ASP B 159 -29.75 -18.75 24.57
CA ASP B 159 -30.47 -17.51 24.83
C ASP B 159 -31.75 -17.80 25.61
N LYS B 160 -31.96 -19.07 25.97
CA LYS B 160 -32.81 -19.39 27.11
C LYS B 160 -32.03 -19.13 28.39
N GLN B 161 -30.70 -18.96 28.25
CA GLN B 161 -29.82 -18.41 29.27
C GLN B 161 -29.54 -16.95 28.92
N ARG B 162 -30.66 -16.21 28.90
CA ARG B 162 -30.70 -14.81 28.47
C ARG B 162 -29.87 -13.90 29.35
N SER B 163 -30.05 -13.99 30.66
CA SER B 163 -29.52 -13.00 31.58
C SER B 163 -28.00 -12.83 31.50
N THR B 164 -27.28 -13.72 30.83
CA THR B 164 -25.88 -13.45 30.52
C THR B 164 -25.77 -12.35 29.46
N TYR B 165 -26.61 -12.42 28.41
CA TYR B 165 -26.42 -11.58 27.24
C TYR B 165 -27.10 -10.26 27.39
N VAL B 166 -27.74 -10.01 28.52
CA VAL B 166 -28.16 -8.67 28.83
C VAL B 166 -27.13 -8.01 29.74
N PHE B 167 -26.56 -8.79 30.66
CA PHE B 167 -25.55 -8.16 31.51
C PHE B 167 -24.39 -7.71 30.66
N VAL B 168 -24.00 -8.56 29.71
CA VAL B 168 -22.87 -8.21 28.88
C VAL B 168 -23.22 -7.26 27.74
N LEU B 169 -24.49 -7.13 27.39
CA LEU B 169 -24.81 -6.16 26.36
C LEU B 169 -25.07 -4.77 26.90
N LEU B 170 -25.98 -4.69 27.85
CA LEU B 170 -26.27 -3.40 28.46
C LEU B 170 -25.01 -2.85 29.10
N GLY B 171 -24.10 -3.73 29.52
CA GLY B 171 -22.89 -3.24 30.14
C GLY B 171 -22.09 -2.40 29.16
N VAL B 172 -21.94 -2.88 27.92
CA VAL B 172 -21.15 -2.09 26.99
C VAL B 172 -21.95 -0.88 26.55
N ALA B 173 -23.27 -1.05 26.34
CA ALA B 173 -24.07 0.09 25.93
C ALA B 173 -24.02 1.20 26.97
N TYR B 174 -23.68 0.85 28.22
CA TYR B 174 -23.55 1.83 29.27
C TYR B 174 -22.10 2.29 29.42
N SER B 175 -21.16 1.35 29.25
CA SER B 175 -19.75 1.69 29.34
C SER B 175 -19.33 2.69 28.27
N ALA B 176 -19.97 2.66 27.10
CA ALA B 176 -19.66 3.67 26.10
C ALA B 176 -20.15 5.05 26.53
N SER B 177 -21.36 5.12 27.09
CA SER B 177 -21.91 6.42 27.47
C SER B 177 -21.17 6.98 28.68
N ILE B 178 -20.79 6.12 29.61
CA ILE B 178 -20.06 6.60 30.77
C ILE B 178 -18.67 7.02 30.32
N GLY B 179 -18.07 6.26 29.40
CA GLY B 179 -16.76 6.65 28.90
C GLY B 179 -16.80 7.95 28.14
N GLY B 180 -17.99 8.38 27.70
CA GLY B 180 -18.13 9.61 26.97
C GLY B 180 -18.12 10.83 27.87
N ILE B 181 -18.10 10.60 29.18
CA ILE B 181 -18.11 11.69 30.16
C ILE B 181 -16.71 11.98 30.67
N ALA B 182 -15.69 11.38 30.07
CA ALA B 182 -14.35 11.50 30.62
C ALA B 182 -13.61 12.73 30.12
N THR B 183 -13.78 13.11 28.85
CA THR B 183 -13.01 14.20 28.26
C THR B 183 -13.87 15.06 27.36
N LEU B 184 -13.34 16.23 27.02
CA LEU B 184 -14.05 17.21 26.20
C LEU B 184 -14.43 16.62 24.85
N VAL B 185 -13.55 15.83 24.25
CA VAL B 185 -14.01 14.99 23.15
C VAL B 185 -14.66 13.76 23.75
N GLY B 186 -15.71 13.27 23.12
CA GLY B 186 -16.42 12.13 23.65
C GLY B 186 -17.90 12.20 23.36
N SER B 187 -18.59 13.12 24.04
CA SER B 187 -19.98 13.42 23.77
C SER B 187 -20.17 14.91 23.57
N PRO B 188 -20.98 15.30 22.58
CA PRO B 188 -21.23 16.72 22.33
C PRO B 188 -21.58 17.52 23.57
N PRO B 189 -22.42 17.00 24.48
CA PRO B 189 -22.80 17.84 25.64
C PRO B 189 -21.62 18.49 26.33
N ASN B 190 -20.56 17.72 26.58
CA ASN B 190 -19.34 18.26 27.15
C ASN B 190 -18.82 19.46 26.38
N ALA B 191 -18.77 19.34 25.07
CA ALA B 191 -18.36 20.46 24.24
C ALA B 191 -19.30 21.66 24.37
N ILE B 192 -20.60 21.42 24.50
CA ILE B 192 -21.51 22.55 24.60
C ILE B 192 -21.31 23.28 25.93
N ALA B 193 -21.10 22.52 27.01
CA ALA B 193 -20.77 23.14 28.29
C ALA B 193 -19.45 23.90 28.23
N ALA B 194 -18.43 23.29 27.62
CA ALA B 194 -17.13 23.94 27.54
C ALA B 194 -17.20 25.22 26.72
N ALA B 195 -18.02 25.22 25.66
CA ALA B 195 -18.16 26.40 24.82
C ALA B 195 -18.95 27.47 25.56
N GLU B 196 -19.91 27.07 26.39
CA GLU B 196 -20.73 28.05 27.10
C GLU B 196 -19.93 28.76 28.18
N VAL B 197 -19.28 28.00 29.06
CA VAL B 197 -18.60 28.61 30.21
C VAL B 197 -17.10 28.83 29.97
N GLY B 198 -16.56 28.35 28.86
CA GLY B 198 -15.16 28.55 28.51
C GLY B 198 -14.18 27.64 29.21
N LEU B 199 -14.41 26.34 29.11
CA LEU B 199 -13.52 25.35 29.69
C LEU B 199 -12.43 24.93 28.72
N SER B 200 -11.28 24.57 29.28
CA SER B 200 -10.21 23.95 28.52
C SER B 200 -10.41 22.44 28.58
N PHE B 201 -9.61 21.71 27.81
CA PHE B 201 -9.71 20.26 27.84
C PHE B 201 -9.37 19.71 29.22
N THR B 202 -8.25 20.14 29.80
CA THR B 202 -7.85 19.62 31.10
C THR B 202 -8.80 20.04 32.22
N ASP B 203 -9.58 21.12 32.01
CA ASP B 203 -10.57 21.51 33.00
C ASP B 203 -11.70 20.49 33.02
N TRP B 204 -12.24 20.19 31.84
CA TRP B 204 -13.38 19.30 31.81
C TRP B 204 -12.93 17.90 32.15
N MET B 205 -11.64 17.58 31.97
CA MET B 205 -11.18 16.27 32.40
C MET B 205 -11.10 16.19 33.92
N LYS B 206 -10.62 17.28 34.55
CA LYS B 206 -10.60 17.35 36.02
C LYS B 206 -11.98 17.13 36.61
N PHE B 207 -13.01 17.51 35.86
CA PHE B 207 -14.38 17.22 36.31
C PHE B 207 -14.79 15.79 35.95
N GLY B 208 -14.92 15.51 34.65
CA GLY B 208 -15.57 14.29 34.19
C GLY B 208 -14.85 12.99 34.48
N LEU B 209 -13.52 12.96 34.36
CA LEU B 209 -12.81 11.70 34.60
C LEU B 209 -13.08 11.08 35.97
N PRO B 210 -12.96 11.81 37.09
CA PRO B 210 -13.45 11.27 38.36
C PRO B 210 -14.86 10.67 38.31
N THR B 211 -15.81 11.42 37.74
CA THR B 211 -17.19 10.95 37.67
C THR B 211 -17.29 9.66 36.87
N ALA B 212 -16.50 9.52 35.81
CA ALA B 212 -16.53 8.27 35.05
C ALA B 212 -15.89 7.12 35.83
N MET B 213 -14.79 7.39 36.55
CA MET B 213 -14.16 6.34 37.35
C MET B 213 -15.15 5.82 38.37
N MET B 214 -15.97 6.71 38.94
CA MET B 214 -16.95 6.28 39.91
C MET B 214 -18.16 5.61 39.27
N MET B 215 -18.65 6.13 38.14
CA MET B 215 -19.93 5.67 37.65
C MET B 215 -19.82 4.34 36.91
N LEU B 216 -18.65 4.01 36.35
CA LEU B 216 -18.53 2.74 35.65
C LEU B 216 -18.59 1.56 36.61
N PRO B 217 -17.84 1.53 37.73
CA PRO B 217 -18.07 0.46 38.70
C PRO B 217 -19.49 0.40 39.20
N MET B 218 -20.05 1.53 39.63
CA MET B 218 -21.41 1.54 40.15
C MET B 218 -22.43 1.01 39.15
N ALA B 219 -22.20 1.23 37.85
CA ALA B 219 -23.15 0.77 36.84
C ALA B 219 -22.96 -0.72 36.57
N ILE B 220 -21.72 -1.19 36.57
CA ILE B 220 -21.53 -2.63 36.41
C ILE B 220 -22.10 -3.34 37.62
N ALA B 221 -21.83 -2.83 38.83
CA ALA B 221 -22.43 -3.36 40.05
C ALA B 221 -23.96 -3.46 39.95
N ILE B 222 -24.62 -2.42 39.44
CA ILE B 222 -26.07 -2.44 39.38
C ILE B 222 -26.57 -3.45 38.35
N LEU B 223 -25.88 -3.56 37.20
CA LEU B 223 -26.25 -4.60 36.23
C LEU B 223 -25.98 -5.99 36.79
N TYR B 224 -24.86 -6.13 37.50
CA TYR B 224 -24.44 -7.36 38.15
C TYR B 224 -25.49 -7.87 39.12
N PHE B 225 -25.81 -7.06 40.13
CA PHE B 225 -26.71 -7.44 41.20
C PHE B 225 -28.16 -7.30 40.75
N LEU B 226 -28.39 -7.46 39.46
CA LEU B 226 -29.71 -7.93 39.05
C LEU B 226 -29.44 -9.40 38.72
N LEU B 227 -29.58 -9.84 37.47
CA LEU B 227 -29.56 -11.27 37.16
C LEU B 227 -28.30 -11.60 36.34
N LYS B 228 -27.17 -11.80 37.03
CA LYS B 228 -25.91 -12.08 36.32
C LYS B 228 -25.50 -13.53 36.54
N PRO B 229 -25.42 -14.36 35.48
CA PRO B 229 -24.90 -15.73 35.64
C PRO B 229 -23.62 -16.02 34.86
N THR B 230 -22.61 -15.16 34.96
CA THR B 230 -21.48 -15.18 34.03
C THR B 230 -20.16 -15.62 34.65
N LEU B 231 -20.14 -16.04 35.90
CA LEU B 231 -18.90 -16.64 36.41
C LEU B 231 -18.57 -17.98 35.74
N ASN B 232 -19.36 -18.39 34.74
CA ASN B 232 -19.17 -19.61 33.97
C ASN B 232 -19.05 -19.27 32.48
N GLY B 233 -18.51 -20.21 31.71
CA GLY B 233 -18.34 -20.03 30.28
C GLY B 233 -16.89 -20.13 29.86
N MET B 234 -16.70 -20.18 28.53
CA MET B 234 -15.35 -20.21 27.95
C MET B 234 -15.30 -19.32 26.71
N PHE B 235 -14.06 -19.09 26.24
CA PHE B 235 -13.76 -18.15 25.16
C PHE B 235 -13.74 -18.86 23.81
N GLU B 236 -14.25 -18.19 22.76
CA GLU B 236 -13.92 -18.56 21.37
C GLU B 236 -13.17 -17.41 20.69
N LEU B 237 -11.84 -17.44 20.72
CA LEU B 237 -11.03 -16.38 20.12
C LEU B 237 -10.91 -16.57 18.60
N ASP B 238 -12.02 -16.39 17.91
CA ASP B 238 -12.13 -16.81 16.51
C ASP B 238 -12.07 -15.62 15.55
N ARG B 239 -10.90 -15.45 14.92
CA ARG B 239 -10.66 -14.45 13.90
C ARG B 239 -9.15 -14.29 13.75
N ALA B 240 -8.72 -13.60 12.71
CA ALA B 240 -7.31 -13.34 12.51
C ALA B 240 -6.76 -12.37 13.56
N PRO B 241 -5.64 -12.70 14.21
CA PRO B 241 -5.07 -11.78 15.19
C PRO B 241 -4.66 -10.46 14.54
N VAL B 242 -4.26 -9.52 15.40
CA VAL B 242 -3.89 -8.18 14.97
C VAL B 242 -2.39 -7.99 15.19
N ASN B 243 -1.83 -7.03 14.45
CA ASN B 243 -0.42 -6.72 14.53
C ASN B 243 -0.17 -5.28 14.06
N TRP B 244 0.66 -4.56 14.81
CA TRP B 244 0.99 -3.16 14.54
C TRP B 244 1.75 -3.01 13.21
N ASP B 245 1.09 -2.45 12.19
CA ASP B 245 1.69 -2.31 10.87
C ASP B 245 2.18 -0.89 10.58
N LYS B 246 2.02 -0.41 9.33
CA LYS B 246 2.54 0.88 8.88
C LYS B 246 2.12 1.98 9.85
N GLY B 247 2.90 2.14 10.90
CA GLY B 247 2.62 3.14 11.91
C GLY B 247 1.23 3.17 12.49
N LYS B 248 0.75 2.02 12.96
CA LYS B 248 -0.28 2.08 13.99
C LYS B 248 0.40 2.65 15.23
N VAL B 249 1.73 2.49 15.28
CA VAL B 249 2.58 3.12 16.27
C VAL B 249 2.67 4.61 16.00
N VAL B 250 2.68 5.01 14.72
CA VAL B 250 2.63 6.43 14.37
C VAL B 250 1.32 7.04 14.82
N THR B 251 0.19 6.39 14.48
CA THR B 251 -1.10 6.87 14.95
C THR B 251 -1.09 7.00 16.47
N LEU B 252 -0.55 5.99 17.16
CA LEU B 252 -0.35 6.11 18.61
C LEU B 252 0.56 7.25 19.01
N GLY B 253 1.65 7.45 18.30
CA GLY B 253 2.56 8.51 18.67
C GLY B 253 1.90 9.87 18.59
N ILE B 254 1.25 10.15 17.47
CA ILE B 254 0.50 11.38 17.32
C ILE B 254 -0.59 11.50 18.38
N PHE B 255 -1.44 10.47 18.51
CA PHE B 255 -2.47 10.46 19.53
C PHE B 255 -1.91 10.78 20.91
N GLY B 256 -0.89 10.01 21.34
CA GLY B 256 -0.25 10.23 22.62
C GLY B 256 0.26 11.64 22.80
N LEU B 257 1.07 12.11 21.84
CA LEU B 257 1.57 13.48 21.87
C LEU B 257 0.45 14.49 22.02
N THR B 258 -0.62 14.32 21.23
CA THR B 258 -1.77 15.23 21.32
C THR B 258 -2.39 15.21 22.70
N VAL B 259 -2.70 14.02 23.23
CA VAL B 259 -3.33 13.94 24.55
C VAL B 259 -2.39 14.50 25.62
N PHE B 260 -1.09 14.32 25.45
CA PHE B 260 -0.12 14.88 26.37
C PHE B 260 -0.21 16.39 26.37
N LEU B 261 -0.13 17.00 25.19
CA LEU B 261 -0.24 18.45 25.08
C LEU B 261 -1.58 18.96 25.61
N TRP B 262 -2.65 18.18 25.44
CA TRP B 262 -3.95 18.59 25.94
C TRP B 262 -3.94 18.64 27.46
N ILE B 263 -3.31 17.65 28.10
CA ILE B 263 -3.23 17.62 29.56
C ILE B 263 -2.35 18.76 30.07
N PHE B 264 -1.14 18.88 29.53
CA PHE B 264 -0.17 19.89 29.97
C PHE B 264 -0.33 21.22 29.25
N SER B 265 -1.51 21.51 28.69
CA SER B 265 -1.72 22.75 27.96
C SER B 265 -1.46 23.99 28.80
N SER B 266 -1.86 23.97 30.07
CA SER B 266 -1.72 25.16 30.92
C SER B 266 -0.28 25.63 31.08
N PRO B 267 0.67 24.80 31.48
CA PRO B 267 2.05 25.28 31.60
C PRO B 267 2.77 25.46 30.27
N ILE B 268 2.54 24.58 29.30
CA ILE B 268 3.19 24.76 28.00
C ILE B 268 2.79 26.10 27.40
N ASN B 269 1.49 26.41 27.41
CA ASN B 269 1.01 27.67 26.86
C ASN B 269 1.51 28.84 27.68
N ALA B 270 1.42 28.77 29.02
CA ALA B 270 1.94 29.86 29.82
C ALA B 270 3.41 30.10 29.51
N ALA B 271 4.18 29.02 29.31
CA ALA B 271 5.59 29.09 28.95
C ALA B 271 5.80 29.10 27.44
N LEU B 272 4.89 29.71 26.69
CA LEU B 272 5.01 29.85 25.25
C LEU B 272 4.61 31.25 24.77
N GLY B 273 4.00 32.08 25.63
CA GLY B 273 3.51 33.39 25.27
C GLY B 273 2.01 33.54 25.42
N GLY B 274 1.39 32.51 26.00
CA GLY B 274 -0.03 32.50 26.29
C GLY B 274 -0.97 32.72 25.13
N PHE B 275 -1.03 31.76 24.21
CA PHE B 275 -1.96 31.82 23.09
C PHE B 275 -3.40 31.62 23.56
N LYS B 276 -4.35 32.03 22.72
CA LYS B 276 -5.72 32.29 23.19
C LYS B 276 -6.50 31.02 23.51
N SER B 277 -6.68 30.15 22.53
CA SER B 277 -7.37 28.88 22.78
C SER B 277 -6.46 27.71 22.53
N PHE B 278 -5.41 27.61 23.34
CA PHE B 278 -4.33 26.66 23.08
C PHE B 278 -4.84 25.27 22.69
N ASP B 279 -5.82 24.75 23.44
CA ASP B 279 -6.36 23.42 23.15
C ASP B 279 -6.86 23.29 21.71
N THR B 280 -7.53 24.33 21.19
CA THR B 280 -7.99 24.29 19.81
C THR B 280 -6.82 24.23 18.84
N LEU B 281 -5.78 25.01 19.11
CA LEU B 281 -4.58 24.95 18.28
C LEU B 281 -3.98 23.55 18.29
N VAL B 282 -3.87 22.94 19.47
CA VAL B 282 -3.42 21.55 19.57
C VAL B 282 -4.26 20.61 18.71
N ALA B 283 -5.58 20.77 18.74
CA ALA B 283 -6.43 19.89 17.94
C ALA B 283 -6.18 20.06 16.44
N LEU B 284 -6.01 21.29 15.99
CA LEU B 284 -5.71 21.48 14.57
C LEU B 284 -4.30 21.00 14.26
N GLY B 285 -3.41 21.08 15.24
CA GLY B 285 -2.07 20.55 15.04
C GLY B 285 -2.12 19.04 14.87
N ALA B 286 -3.00 18.40 15.65
CA ALA B 286 -3.22 16.97 15.48
C ALA B 286 -3.64 16.66 14.05
N ILE B 287 -4.64 17.39 13.55
CA ILE B 287 -5.07 17.14 12.16
C ILE B 287 -3.89 17.30 11.20
N LEU B 288 -2.98 18.23 11.50
CA LEU B 288 -1.85 18.47 10.62
C LEU B 288 -0.83 17.33 10.70
N MET B 289 -0.41 16.96 11.90
CA MET B 289 0.48 15.83 12.07
C MET B 289 -0.09 14.59 11.38
N LEU B 290 -1.36 14.28 11.64
CA LEU B 290 -2.00 13.13 11.02
C LEU B 290 -2.02 13.21 9.50
N SER B 291 -1.93 14.40 8.93
CA SER B 291 -1.94 14.48 7.48
C SER B 291 -0.53 14.45 6.88
N PHE B 292 0.42 15.11 7.55
CA PHE B 292 1.83 15.06 7.15
C PHE B 292 2.41 13.66 7.30
N ALA B 293 2.11 12.98 8.40
CA ALA B 293 2.51 11.57 8.62
C ALA B 293 1.75 10.60 7.74
N ARG B 294 1.01 11.14 6.77
CA ARG B 294 0.37 10.36 5.74
C ARG B 294 -0.62 9.33 6.28
N VAL B 295 -0.81 9.32 7.60
CA VAL B 295 -1.48 8.22 8.27
C VAL B 295 -2.99 8.19 8.07
N VAL B 296 -3.61 9.26 7.61
CA VAL B 296 -5.05 9.27 7.38
C VAL B 296 -5.35 10.29 6.29
N HIS B 297 -6.28 9.94 5.41
CA HIS B 297 -6.66 10.80 4.31
C HIS B 297 -7.81 11.70 4.75
N TRP B 298 -8.01 12.79 3.99
CA TRP B 298 -9.07 13.72 4.37
C TRP B 298 -10.46 13.13 4.13
N LYS B 299 -10.66 12.42 3.01
CA LYS B 299 -11.96 11.79 2.76
C LYS B 299 -12.42 10.97 3.96
N GLU B 300 -11.48 10.37 4.69
CA GLU B 300 -11.82 9.61 5.88
C GLU B 300 -12.42 10.54 6.94
N ILE B 301 -11.70 11.60 7.29
CA ILE B 301 -12.17 12.55 8.29
C ILE B 301 -13.50 13.17 7.89
N GLN B 302 -13.71 13.37 6.58
CA GLN B 302 -14.96 13.97 6.12
C GLN B 302 -16.13 13.01 6.29
N LYS B 303 -15.89 11.71 6.16
CA LYS B 303 -16.95 10.75 6.48
C LYS B 303 -17.18 10.65 7.98
N THR B 304 -16.10 10.47 8.75
CA THR B 304 -16.21 10.32 10.20
C THR B 304 -16.86 11.53 10.88
N ALA B 305 -16.48 12.74 10.49
CA ALA B 305 -16.95 13.94 11.18
C ALA B 305 -18.46 14.12 11.06
N ASP B 306 -19.13 14.28 12.21
CA ASP B 306 -20.56 14.62 12.26
C ASP B 306 -20.75 16.13 12.20
N TRP B 307 -20.71 16.65 10.97
CA TRP B 307 -20.83 18.09 10.75
C TRP B 307 -22.14 18.66 11.29
N GLY B 308 -23.20 17.85 11.33
CA GLY B 308 -24.44 18.30 11.94
C GLY B 308 -24.31 18.71 13.39
N VAL B 309 -23.50 17.98 14.15
CA VAL B 309 -23.24 18.37 15.54
C VAL B 309 -22.41 19.64 15.61
N LEU B 310 -21.45 19.79 14.69
CA LEU B 310 -20.65 21.01 14.69
C LEU B 310 -21.52 22.23 14.43
N LEU B 311 -22.50 22.09 13.53
CA LEU B 311 -23.45 23.19 13.33
C LEU B 311 -24.32 23.38 14.57
N LEU B 312 -24.68 22.28 15.24
CA LEU B 312 -25.49 22.36 16.46
C LEU B 312 -24.80 23.23 17.49
N PHE B 313 -23.52 22.92 17.79
CA PHE B 313 -22.74 23.73 18.72
C PHE B 313 -22.99 25.22 18.50
N GLY B 314 -22.81 25.66 17.25
CA GLY B 314 -23.01 27.05 16.91
C GLY B 314 -24.42 27.51 17.22
N GLY B 315 -25.42 26.77 16.75
CA GLY B 315 -26.80 27.11 17.08
C GLY B 315 -27.03 27.27 18.57
N GLY B 316 -26.32 26.49 19.39
CA GLY B 316 -26.52 26.55 20.83
C GLY B 316 -25.91 27.81 21.41
N LEU B 317 -24.72 28.17 20.93
CA LEU B 317 -24.10 29.40 21.39
C LEU B 317 -24.89 30.62 20.94
N CYS B 318 -25.37 30.59 19.69
CA CYS B 318 -26.26 31.65 19.21
C CYS B 318 -27.47 31.80 20.12
N LEU B 319 -28.08 30.69 20.54
CA LEU B 319 -29.23 30.80 21.42
C LEU B 319 -28.84 31.49 22.72
N SER B 320 -27.75 31.03 23.35
CA SER B 320 -27.26 31.69 24.56
C SER B 320 -27.16 33.21 24.38
N ASN B 321 -26.53 33.65 23.29
CA ASN B 321 -26.42 35.09 23.07
C ASN B 321 -27.76 35.75 22.78
N VAL B 322 -28.72 35.05 22.18
CA VAL B 322 -30.02 35.67 21.96
C VAL B 322 -30.68 35.94 23.31
N LEU B 323 -30.57 34.98 24.23
CA LEU B 323 -31.14 35.16 25.55
C LEU B 323 -30.49 36.35 26.26
N LYS B 324 -29.18 36.50 26.13
CA LYS B 324 -28.53 37.64 26.77
C LYS B 324 -28.96 38.96 26.13
N GLN B 325 -28.85 39.06 24.80
CA GLN B 325 -29.15 40.32 24.11
C GLN B 325 -30.60 40.76 24.31
N THR B 326 -31.53 39.82 24.46
CA THR B 326 -32.94 40.16 24.63
C THR B 326 -33.31 40.32 26.10
N GLY B 327 -32.41 39.99 27.01
CA GLY B 327 -32.64 40.08 28.43
C GLY B 327 -33.49 39.00 29.00
N THR B 328 -33.75 37.93 28.24
CA THR B 328 -34.56 36.83 28.76
C THR B 328 -33.85 36.13 29.91
N SER B 329 -32.51 36.14 29.93
CA SER B 329 -31.79 35.55 31.06
C SER B 329 -32.04 36.36 32.33
N VAL B 330 -31.99 37.69 32.25
CA VAL B 330 -32.20 38.50 33.45
C VAL B 330 -33.66 38.44 33.84
N PHE B 331 -34.56 38.31 32.88
CA PHE B 331 -35.98 38.24 33.18
C PHE B 331 -36.30 36.94 33.91
N LEU B 332 -35.75 35.83 33.44
CA LEU B 332 -36.00 34.56 34.12
C LEU B 332 -35.32 34.52 35.48
N ALA B 333 -34.13 35.12 35.60
CA ALA B 333 -33.48 35.23 36.91
C ALA B 333 -34.39 35.94 37.91
N ASN B 334 -34.97 37.06 37.50
CA ASN B 334 -35.90 37.79 38.35
C ASN B 334 -37.15 36.96 38.66
N ALA B 335 -37.65 36.21 37.69
CA ALA B 335 -38.84 35.39 37.92
C ALA B 335 -38.57 34.22 38.87
N LEU B 336 -37.39 33.64 38.84
CA LEU B 336 -37.03 32.54 39.74
C LEU B 336 -36.40 33.01 41.06
N SER B 337 -36.16 34.32 41.22
CA SER B 337 -35.43 34.81 42.39
C SER B 337 -36.01 34.23 43.69
N ASP B 338 -37.32 34.32 43.87
CA ASP B 338 -37.93 33.87 45.11
C ASP B 338 -37.87 32.36 45.25
N MET B 339 -37.88 31.63 44.13
CA MET B 339 -37.88 30.17 44.21
C MET B 339 -36.49 29.68 44.60
N VAL B 340 -35.45 30.26 43.99
CA VAL B 340 -34.09 29.81 44.25
C VAL B 340 -33.62 30.29 45.62
N SER B 341 -34.16 31.42 46.11
CA SER B 341 -33.81 31.84 47.47
C SER B 341 -34.57 31.05 48.52
N HIS B 342 -35.75 30.51 48.19
CA HIS B 342 -36.45 29.63 49.11
C HIS B 342 -35.93 28.20 49.05
N MET B 343 -35.19 27.84 48.01
CA MET B 343 -34.50 26.57 47.90
C MET B 343 -33.02 26.71 48.25
N GLY B 344 -32.39 25.58 48.57
CA GLY B 344 -30.96 25.54 48.74
C GLY B 344 -30.26 25.29 47.42
N ILE B 345 -28.94 25.46 47.41
CA ILE B 345 -28.18 25.05 46.23
C ILE B 345 -28.15 23.53 46.11
N PHE B 346 -28.33 22.83 47.24
CA PHE B 346 -28.51 21.39 47.19
C PHE B 346 -29.82 21.07 46.48
N VAL B 347 -30.92 21.60 47.00
CA VAL B 347 -32.23 21.39 46.41
C VAL B 347 -32.19 21.68 44.91
N VAL B 348 -31.64 22.84 44.57
CA VAL B 348 -31.57 23.28 43.17
C VAL B 348 -30.84 22.23 42.32
N ILE B 349 -29.59 21.90 42.69
CA ILE B 349 -28.82 21.01 41.82
C ILE B 349 -29.35 19.57 41.86
N LEU B 350 -30.18 19.26 42.84
CA LEU B 350 -30.88 17.98 42.85
C LEU B 350 -32.03 18.00 41.87
N VAL B 351 -32.80 19.10 41.87
CA VAL B 351 -33.90 19.24 40.92
C VAL B 351 -33.36 19.20 39.50
N VAL B 352 -32.29 19.96 39.25
CA VAL B 352 -31.66 19.99 37.94
C VAL B 352 -31.23 18.59 37.52
N ALA B 353 -30.34 17.99 38.31
CA ALA B 353 -29.85 16.65 38.00
C ALA B 353 -30.99 15.68 37.71
N THR B 354 -32.01 15.64 38.57
CA THR B 354 -33.15 14.76 38.30
C THR B 354 -33.80 15.09 36.97
N PHE B 355 -34.16 16.37 36.78
CA PHE B 355 -34.92 16.76 35.61
C PHE B 355 -34.24 16.28 34.35
N VAL B 356 -32.94 16.56 34.23
CA VAL B 356 -32.26 16.18 33.00
C VAL B 356 -32.05 14.67 32.93
N VAL B 357 -31.55 14.07 34.02
CA VAL B 357 -31.26 12.64 34.02
C VAL B 357 -32.46 11.85 33.49
N PHE B 358 -33.68 12.37 33.72
CA PHE B 358 -34.89 11.72 33.17
C PHE B 358 -35.35 12.29 31.83
N LEU B 359 -35.15 13.59 31.58
CA LEU B 359 -35.51 14.15 30.29
C LEU B 359 -34.71 13.51 29.16
N THR B 360 -33.44 13.15 29.43
CA THR B 360 -32.57 12.58 28.42
C THR B 360 -33.04 11.21 27.97
N GLU B 361 -34.00 10.61 28.70
CA GLU B 361 -34.54 9.33 28.28
C GLU B 361 -35.50 9.53 27.11
N PHE B 362 -36.19 10.66 27.10
CA PHE B 362 -37.19 10.96 26.08
C PHE B 362 -36.61 11.71 24.88
N ALA B 363 -35.52 12.46 25.05
CA ALA B 363 -35.00 13.26 23.95
C ALA B 363 -33.49 13.14 23.83
N SER B 364 -33.00 13.61 22.68
CA SER B 364 -31.60 13.54 22.30
C SER B 364 -30.66 14.10 23.36
N ASN B 365 -29.60 13.34 23.67
CA ASN B 365 -28.57 13.81 24.58
C ASN B 365 -28.17 15.25 24.26
N THR B 366 -27.73 15.46 23.01
CA THR B 366 -27.17 16.75 22.68
C THR B 366 -28.27 17.79 22.51
N ALA B 367 -29.40 17.43 21.91
CA ALA B 367 -30.50 18.38 21.85
C ALA B 367 -30.87 18.90 23.25
N SER B 368 -30.85 18.01 24.25
CA SER B 368 -31.13 18.43 25.62
C SER B 368 -30.04 19.31 26.20
N ALA B 369 -28.77 18.99 25.94
CA ALA B 369 -27.74 19.89 26.43
C ALA B 369 -27.80 21.23 25.72
N ALA B 370 -28.00 21.21 24.40
CA ALA B 370 -28.07 22.41 23.61
C ALA B 370 -29.22 23.30 24.05
N LEU B 371 -30.27 22.71 24.62
CA LEU B 371 -31.35 23.55 25.12
C LEU B 371 -31.06 24.06 26.53
N LEU B 372 -30.69 23.16 27.45
CA LEU B 372 -30.66 23.55 28.85
C LEU B 372 -29.37 24.25 29.27
N ILE B 373 -28.21 23.92 28.68
CA ILE B 373 -26.97 24.58 29.06
C ILE B 373 -27.03 26.09 28.86
N PRO B 374 -27.45 26.61 27.70
CA PRO B 374 -27.58 28.06 27.58
C PRO B 374 -28.48 28.67 28.63
N VAL B 375 -29.74 28.22 28.68
CA VAL B 375 -30.70 28.77 29.62
C VAL B 375 -30.13 28.84 31.03
N PHE B 376 -29.57 27.74 31.50
CA PHE B 376 -29.09 27.69 32.88
C PHE B 376 -27.81 28.51 33.06
N ALA B 377 -26.83 28.34 32.19
CA ALA B 377 -25.60 29.12 32.33
C ALA B 377 -25.91 30.62 32.35
N THR B 378 -26.83 31.06 31.49
CA THR B 378 -27.10 32.49 31.40
C THR B 378 -27.93 32.98 32.57
N VAL B 379 -28.85 32.16 33.08
CA VAL B 379 -29.60 32.57 34.27
C VAL B 379 -28.66 32.63 35.47
N ALA B 380 -27.84 31.59 35.63
CA ALA B 380 -26.83 31.59 36.69
C ALA B 380 -25.95 32.84 36.58
N GLU B 381 -25.69 33.30 35.36
CA GLU B 381 -24.89 34.50 35.19
C GLU B 381 -25.69 35.73 35.62
N ALA B 382 -27.02 35.69 35.45
CA ALA B 382 -27.85 36.79 35.91
C ALA B 382 -27.94 36.82 37.45
N PHE B 383 -27.83 35.64 38.08
CA PHE B 383 -27.67 35.55 39.53
C PHE B 383 -26.24 35.83 39.98
N GLY B 384 -25.34 36.08 39.03
CA GLY B 384 -23.95 36.39 39.34
C GLY B 384 -23.19 35.25 39.99
N MET B 385 -23.58 34.01 39.72
CA MET B 385 -22.84 32.86 40.20
C MET B 385 -22.11 32.26 39.00
N SER B 386 -20.93 31.70 39.24
CA SER B 386 -20.17 31.05 38.18
C SER B 386 -20.97 29.95 37.51
N PRO B 387 -21.29 30.12 36.22
CA PRO B 387 -22.18 29.16 35.53
C PRO B 387 -21.56 27.80 35.32
N VAL B 388 -20.28 27.62 35.65
CA VAL B 388 -19.59 26.36 35.38
C VAL B 388 -20.32 25.19 36.03
N LEU B 389 -20.70 25.33 37.30
CA LEU B 389 -21.28 24.19 38.01
C LEU B 389 -22.53 23.68 37.31
N LEU B 390 -23.55 24.55 37.13
CA LEU B 390 -24.77 24.10 36.49
C LEU B 390 -24.53 23.56 35.08
N SER B 391 -23.61 24.17 34.33
CA SER B 391 -23.36 23.73 32.97
C SER B 391 -22.76 22.33 32.95
N VAL B 392 -21.67 22.13 33.67
CA VAL B 392 -21.06 20.81 33.74
C VAL B 392 -22.06 19.77 34.25
N LEU B 393 -22.81 20.11 35.30
CA LEU B 393 -23.80 19.18 35.82
C LEU B 393 -24.78 18.75 34.74
N ILE B 394 -25.46 19.72 34.11
CA ILE B 394 -26.41 19.40 33.04
C ILE B 394 -25.74 18.56 31.95
N ALA B 395 -24.52 18.91 31.57
CA ALA B 395 -23.86 18.19 30.49
C ALA B 395 -23.59 16.74 30.87
N VAL B 396 -23.24 16.49 32.12
CA VAL B 396 -23.01 15.12 32.57
C VAL B 396 -24.32 14.36 32.62
N ALA B 397 -25.33 14.95 33.25
CA ALA B 397 -26.62 14.30 33.39
C ALA B 397 -27.27 14.03 32.05
N ALA B 398 -27.02 14.87 31.05
CA ALA B 398 -27.59 14.63 29.73
C ALA B 398 -27.03 13.36 29.09
N SER B 399 -25.82 12.95 29.48
CA SER B 399 -25.22 11.71 28.99
C SER B 399 -25.55 10.52 29.88
N CYS B 400 -26.51 10.66 30.79
CA CYS B 400 -26.93 9.58 31.68
C CYS B 400 -28.28 9.02 31.22
N ALA B 401 -28.33 8.57 29.97
CA ALA B 401 -29.52 7.94 29.41
C ALA B 401 -29.39 6.42 29.46
N PHE B 402 -30.18 5.81 30.34
CA PHE B 402 -30.06 4.39 30.64
C PHE B 402 -31.36 3.62 30.52
N MET B 403 -32.52 4.27 30.48
CA MET B 403 -33.77 3.54 30.41
C MET B 403 -34.02 3.00 29.00
N LEU B 404 -35.10 3.38 28.37
CA LEU B 404 -35.51 2.88 27.06
C LEU B 404 -34.41 3.06 26.01
N PRO B 405 -34.50 2.38 24.85
CA PRO B 405 -33.62 2.72 23.72
C PRO B 405 -34.06 4.07 23.18
N VAL B 406 -33.68 4.50 21.97
CA VAL B 406 -34.07 5.84 21.52
C VAL B 406 -33.56 6.97 22.42
N ALA B 407 -33.14 6.64 23.63
CA ALA B 407 -32.50 7.63 24.49
C ALA B 407 -31.15 8.06 23.93
N THR B 408 -30.32 7.08 23.56
CA THR B 408 -29.04 7.28 22.89
C THR B 408 -28.96 6.19 21.82
N PRO B 409 -28.20 6.41 20.76
CA PRO B 409 -27.90 5.32 19.79
C PRO B 409 -27.27 4.06 20.37
N PRO B 410 -26.32 4.12 21.30
CA PRO B 410 -25.82 2.86 21.89
C PRO B 410 -26.92 1.96 22.44
N ASN B 411 -27.93 2.55 23.08
CA ASN B 411 -29.05 1.75 23.58
C ASN B 411 -29.77 1.06 22.44
N ALA B 412 -30.08 1.78 21.37
CA ALA B 412 -30.81 1.16 20.27
C ALA B 412 -29.90 0.24 19.45
N ILE B 413 -28.58 0.33 19.65
CA ILE B 413 -27.65 -0.55 18.95
C ILE B 413 -27.60 -1.91 19.62
N VAL B 414 -27.47 -1.92 20.96
CA VAL B 414 -27.50 -3.20 21.66
C VAL B 414 -28.92 -3.74 21.77
N PHE B 415 -29.93 -2.90 21.54
CA PHE B 415 -31.32 -3.33 21.63
C PHE B 415 -31.75 -4.08 20.38
N ALA B 416 -31.30 -3.63 19.20
CA ALA B 416 -31.64 -4.28 17.94
C ALA B 416 -31.08 -5.69 17.84
N SER B 417 -30.28 -6.13 18.81
CA SER B 417 -29.82 -7.51 18.86
C SER B 417 -30.97 -8.47 19.18
N GLY B 418 -32.20 -8.10 18.78
CA GLY B 418 -33.39 -8.93 18.93
C GLY B 418 -33.47 -9.85 20.13
N HIS B 419 -32.99 -9.40 21.28
CA HIS B 419 -32.91 -10.27 22.45
C HIS B 419 -33.36 -9.57 23.73
N ILE B 420 -32.81 -8.39 23.99
CA ILE B 420 -33.06 -7.69 25.25
C ILE B 420 -34.48 -7.14 25.28
N LYS B 421 -35.21 -7.43 26.35
CA LYS B 421 -36.61 -7.02 26.48
C LYS B 421 -36.70 -5.57 26.94
N GLN B 422 -37.72 -4.88 26.44
CA GLN B 422 -38.01 -3.51 26.84
C GLN B 422 -38.03 -3.33 28.37
N SER B 423 -38.75 -4.20 29.08
CA SER B 423 -38.90 -4.08 30.54
C SER B 423 -37.57 -4.19 31.28
N GLU B 424 -36.69 -5.10 30.83
CA GLU B 424 -35.44 -5.31 31.54
C GLU B 424 -34.65 -4.00 31.56
N MET B 425 -34.45 -3.41 30.38
CA MET B 425 -33.72 -2.16 30.32
C MET B 425 -34.48 -1.07 31.08
N MET B 426 -35.82 -1.03 30.91
CA MET B 426 -36.59 0.04 31.54
C MET B 426 -36.44 0.06 33.06
N ARG B 427 -36.01 -1.04 33.68
CA ARG B 427 -35.92 -1.05 35.14
C ARG B 427 -34.48 -1.08 35.64
N VAL B 428 -33.54 -1.51 34.80
CA VAL B 428 -32.14 -1.33 35.18
C VAL B 428 -31.76 0.14 35.01
N GLY B 429 -32.29 0.77 33.96
CA GLY B 429 -32.05 2.18 33.76
C GLY B 429 -32.73 2.98 34.84
N LEU B 430 -33.90 2.52 35.30
CA LEU B 430 -34.60 3.24 36.36
C LEU B 430 -33.82 3.19 37.67
N TYR B 431 -33.10 2.11 37.93
CA TYR B 431 -32.22 2.10 39.10
C TYR B 431 -30.98 2.95 38.89
N LEU B 432 -30.29 2.78 37.75
CA LEU B 432 -29.06 3.51 37.49
C LEU B 432 -29.28 5.02 37.42
N ASN B 433 -30.46 5.46 36.95
CA ASN B 433 -30.80 6.88 36.95
C ASN B 433 -30.71 7.47 38.36
N ILE B 434 -31.49 6.92 39.29
CA ILE B 434 -31.42 7.38 40.68
C ILE B 434 -30.00 7.29 41.21
N ALA B 435 -29.32 6.17 40.95
CA ALA B 435 -27.92 6.03 41.35
C ALA B 435 -27.08 7.22 40.88
N CYS B 436 -27.33 7.70 39.67
CA CYS B 436 -26.57 8.83 39.14
C CYS B 436 -27.03 10.14 39.78
N ILE B 437 -28.33 10.40 39.82
CA ILE B 437 -28.78 11.62 40.52
C ILE B 437 -28.08 11.73 41.86
N GLY B 438 -27.87 10.59 42.52
CA GLY B 438 -27.08 10.54 43.74
C GLY B 438 -25.62 10.91 43.56
N LEU B 439 -24.88 10.05 42.87
CA LEU B 439 -23.44 10.27 42.65
C LEU B 439 -23.16 11.70 42.18
N LEU B 440 -23.98 12.19 41.26
CA LEU B 440 -23.82 13.53 40.71
C LEU B 440 -24.06 14.62 41.74
N THR B 441 -25.24 14.63 42.39
CA THR B 441 -25.47 15.64 43.42
C THR B 441 -24.38 15.62 44.49
N ALA B 442 -23.91 14.43 44.84
CA ALA B 442 -22.76 14.28 45.72
C ALA B 442 -21.52 15.02 45.22
N ILE B 443 -21.00 14.57 44.07
CA ILE B 443 -19.78 15.17 43.54
C ILE B 443 -19.97 16.67 43.33
N ALA B 444 -21.14 17.09 42.83
CA ALA B 444 -21.38 18.51 42.60
C ALA B 444 -21.35 19.28 43.91
N MET B 445 -21.62 18.61 45.03
CA MET B 445 -21.49 19.27 46.32
C MET B 445 -20.03 19.33 46.74
N LEU B 446 -19.29 18.25 46.50
CA LEU B 446 -17.88 18.21 46.88
C LEU B 446 -17.05 19.21 46.07
N PHE B 447 -17.30 19.29 44.77
CA PHE B 447 -16.67 20.31 43.93
C PHE B 447 -17.39 21.63 44.14
N TRP B 448 -17.16 22.22 45.30
CA TRP B 448 -17.76 23.50 45.62
C TRP B 448 -16.67 24.45 46.11
N GLN B 449 -16.02 24.11 47.22
CA GLN B 449 -14.88 24.88 47.72
C GLN B 449 -13.67 23.98 47.98
N LEU C 5 17.88 -0.05 -31.22
CA LEU C 5 18.03 1.37 -30.94
C LEU C 5 19.09 1.62 -29.87
N HIS C 6 19.12 0.72 -28.88
CA HIS C 6 20.07 0.80 -27.79
C HIS C 6 21.43 0.21 -28.16
N ARG C 7 22.46 0.69 -27.48
CA ARG C 7 23.82 0.19 -27.70
C ARG C 7 23.85 -1.34 -27.68
N ASN C 8 23.34 -1.93 -26.61
CA ASN C 8 23.47 -3.38 -26.41
C ASN C 8 22.67 -4.16 -27.44
N SER C 9 21.49 -3.66 -27.84
CA SER C 9 20.77 -4.33 -28.91
C SER C 9 21.60 -4.39 -30.19
N LEU C 10 22.44 -3.37 -30.38
CA LEU C 10 23.31 -3.33 -31.56
C LEU C 10 24.48 -4.29 -31.39
N ILE C 11 25.18 -4.22 -30.25
CA ILE C 11 26.23 -5.20 -30.01
C ILE C 11 25.73 -6.60 -30.28
N VAL C 12 24.51 -6.91 -29.81
CA VAL C 12 23.89 -8.21 -30.06
C VAL C 12 23.70 -8.49 -31.54
N LEU C 13 23.11 -7.54 -32.28
CA LEU C 13 22.89 -7.78 -33.70
C LEU C 13 24.20 -7.89 -34.48
N ALA C 14 25.20 -7.08 -34.11
CA ALA C 14 26.53 -7.18 -34.70
C ALA C 14 27.19 -8.51 -34.36
N ASP C 15 26.90 -9.06 -33.18
CA ASP C 15 27.47 -10.34 -32.80
C ASP C 15 26.80 -11.47 -33.57
N VAL C 16 25.49 -11.39 -33.73
CA VAL C 16 24.77 -12.35 -34.57
C VAL C 16 25.30 -12.30 -36.00
N ALA C 17 25.58 -11.09 -36.49
CA ALA C 17 26.24 -10.95 -37.78
C ALA C 17 27.60 -11.64 -37.80
N LEU C 18 28.47 -11.30 -36.85
CA LEU C 18 29.79 -11.91 -36.77
C LEU C 18 29.70 -13.43 -36.77
N PHE C 19 28.79 -13.97 -35.98
CA PHE C 19 28.56 -15.42 -35.95
C PHE C 19 28.19 -15.96 -37.31
N LEU C 20 27.09 -15.48 -37.88
CA LEU C 20 26.69 -15.91 -39.22
C LEU C 20 27.85 -15.88 -40.21
N ALA C 21 28.64 -14.80 -40.15
CA ALA C 21 29.80 -14.65 -41.03
C ALA C 21 30.82 -15.77 -40.81
N LEU C 22 31.36 -15.87 -39.60
CA LEU C 22 32.32 -16.92 -39.29
C LEU C 22 31.78 -18.29 -39.67
N TYR C 23 30.50 -18.54 -39.39
CA TYR C 23 29.90 -19.83 -39.71
C TYR C 23 30.00 -20.16 -41.19
N HIS C 24 29.63 -19.21 -42.05
CA HIS C 24 29.62 -19.53 -43.49
C HIS C 24 30.99 -19.43 -44.15
N PHE C 25 31.91 -18.63 -43.61
CA PHE C 25 33.12 -18.28 -44.32
C PHE C 25 34.37 -19.00 -43.83
N LEU C 26 34.39 -19.49 -42.61
CA LEU C 26 35.57 -20.22 -42.14
C LEU C 26 35.73 -21.53 -42.90
N PRO C 27 36.97 -21.87 -43.31
CA PRO C 27 37.18 -23.01 -44.21
C PRO C 27 37.69 -24.24 -43.48
N PHE C 28 37.01 -24.70 -42.44
CA PHE C 28 37.48 -25.85 -41.68
C PHE C 28 36.43 -26.94 -41.61
N GLU C 29 36.83 -28.09 -41.07
CA GLU C 29 35.87 -29.14 -40.77
C GLU C 29 34.71 -28.55 -39.98
N HIS C 30 33.51 -28.97 -40.36
CA HIS C 30 32.28 -28.33 -39.91
C HIS C 30 32.26 -28.11 -38.40
N ASN C 31 32.63 -29.13 -37.64
CA ASN C 31 32.59 -29.03 -36.19
C ASN C 31 33.48 -27.91 -35.68
N VAL C 32 34.69 -27.78 -36.25
CA VAL C 32 35.59 -26.71 -35.84
C VAL C 32 34.98 -25.34 -36.15
N VAL C 33 34.37 -25.20 -37.33
CA VAL C 33 33.71 -23.96 -37.68
C VAL C 33 32.66 -23.58 -36.65
N LEU C 34 31.76 -24.51 -36.33
CA LEU C 34 30.72 -24.26 -35.33
C LEU C 34 31.30 -23.88 -33.97
N GLY C 35 32.31 -24.63 -33.53
CA GLY C 35 32.92 -24.33 -32.24
C GLY C 35 33.59 -22.97 -32.19
N ILE C 36 34.30 -22.60 -33.24
CA ILE C 36 34.93 -21.28 -33.28
C ILE C 36 33.87 -20.19 -33.28
N SER C 37 32.87 -20.31 -34.16
CA SER C 37 31.82 -19.31 -34.22
C SER C 37 31.16 -19.10 -32.85
N MET C 38 30.81 -20.20 -32.19
CA MET C 38 30.23 -20.10 -30.85
C MET C 38 31.19 -19.44 -29.87
N LEU C 39 32.47 -19.83 -29.89
CA LEU C 39 33.43 -19.21 -28.98
C LEU C 39 33.44 -17.70 -29.15
N ALA C 40 33.53 -17.24 -30.40
CA ALA C 40 33.52 -15.80 -30.67
C ALA C 40 32.23 -15.14 -30.17
N PHE C 41 31.09 -15.72 -30.53
CA PHE C 41 29.80 -15.18 -30.11
C PHE C 41 29.77 -14.95 -28.60
N ILE C 42 29.97 -16.03 -27.83
CA ILE C 42 29.94 -15.90 -26.37
C ILE C 42 30.99 -14.91 -25.89
N ALA C 43 32.24 -15.06 -26.37
CA ALA C 43 33.31 -14.15 -25.98
C ALA C 43 32.86 -12.70 -26.00
N VAL C 44 32.34 -12.28 -27.15
CA VAL C 44 31.80 -10.93 -27.30
C VAL C 44 30.70 -10.64 -26.27
N LEU C 45 29.66 -11.47 -26.29
CA LEU C 45 28.52 -11.25 -25.41
C LEU C 45 28.89 -11.15 -23.93
N TRP C 46 30.02 -11.76 -23.54
CA TRP C 46 30.43 -11.75 -22.14
C TRP C 46 31.40 -10.62 -21.83
N LEU C 47 32.20 -10.20 -22.80
CA LEU C 47 33.15 -9.13 -22.55
C LEU C 47 32.45 -7.77 -22.65
N THR C 48 31.57 -7.60 -23.63
CA THR C 48 30.79 -6.36 -23.74
C THR C 48 29.70 -6.33 -22.67
N GLU C 49 29.10 -7.48 -22.38
CA GLU C 49 27.94 -7.60 -21.48
C GLU C 49 26.71 -6.92 -22.06
N ALA C 50 26.55 -7.04 -23.39
CA ALA C 50 25.31 -6.59 -24.03
C ALA C 50 24.12 -7.30 -23.42
N LEU C 51 24.23 -8.61 -23.19
CA LEU C 51 23.28 -9.33 -22.37
C LEU C 51 23.95 -9.63 -21.04
N HIS C 52 23.14 -9.78 -20.00
CA HIS C 52 23.66 -10.15 -18.68
C HIS C 52 24.47 -11.44 -18.74
N VAL C 53 25.66 -11.41 -18.14
CA VAL C 53 26.44 -12.64 -17.91
C VAL C 53 25.62 -13.90 -17.74
N THR C 54 24.57 -13.86 -16.93
CA THR C 54 23.80 -15.08 -16.68
C THR C 54 22.93 -15.44 -17.88
N VAL C 55 22.45 -14.45 -18.63
CA VAL C 55 21.66 -14.78 -19.81
C VAL C 55 22.56 -15.40 -20.88
N THR C 56 23.79 -14.92 -21.02
CA THR C 56 24.72 -15.56 -21.94
C THR C 56 25.02 -16.98 -21.47
N ALA C 57 25.19 -17.15 -20.15
CA ALA C 57 25.45 -18.49 -19.61
C ALA C 57 24.32 -19.44 -20.02
N ILE C 58 23.07 -18.99 -19.87
CA ILE C 58 21.95 -19.81 -20.29
C ILE C 58 21.95 -19.98 -21.81
N LEU C 59 22.51 -19.00 -22.53
CA LEU C 59 22.53 -19.09 -23.99
C LEU C 59 23.44 -20.21 -24.47
N VAL C 60 24.48 -20.52 -23.70
CA VAL C 60 25.45 -21.53 -24.11
C VAL C 60 24.78 -22.88 -24.34
N PRO C 61 24.03 -23.43 -23.37
CA PRO C 61 23.44 -24.76 -23.60
C PRO C 61 22.38 -24.76 -24.67
N VAL C 62 21.50 -23.76 -24.73
CA VAL C 62 20.45 -23.78 -25.74
C VAL C 62 21.06 -23.80 -27.15
N MET C 63 22.24 -23.21 -27.32
CA MET C 63 22.95 -23.35 -28.60
C MET C 63 23.51 -24.76 -28.75
N ALA C 64 24.32 -25.20 -27.79
CA ALA C 64 24.88 -26.55 -27.85
C ALA C 64 23.80 -27.57 -28.22
N VAL C 65 22.61 -27.41 -27.64
CA VAL C 65 21.52 -28.36 -27.89
C VAL C 65 20.95 -28.21 -29.29
N PHE C 66 20.67 -26.98 -29.73
CA PHE C 66 20.08 -26.84 -31.06
C PHE C 66 21.05 -27.21 -32.18
N PHE C 67 22.35 -26.97 -32.00
CA PHE C 67 23.34 -27.37 -32.99
C PHE C 67 23.85 -28.80 -32.79
N GLY C 68 23.05 -29.65 -32.15
CA GLY C 68 23.36 -31.07 -32.01
C GLY C 68 24.61 -31.48 -31.27
N ILE C 69 25.32 -30.52 -30.68
CA ILE C 69 26.53 -30.86 -29.94
C ILE C 69 26.20 -31.75 -28.75
N PHE C 70 25.13 -31.44 -28.01
CA PHE C 70 24.70 -32.25 -26.87
C PHE C 70 23.18 -32.45 -26.89
N GLU C 71 22.71 -33.39 -26.06
CA GLU C 71 21.29 -33.54 -25.79
C GLU C 71 20.90 -32.65 -24.61
N THR C 72 19.65 -32.18 -24.63
CA THR C 72 19.23 -31.15 -23.68
C THR C 72 19.63 -31.51 -22.24
N GLN C 73 19.36 -32.75 -21.83
CA GLN C 73 19.61 -33.13 -20.45
C GLN C 73 21.11 -33.22 -20.16
N ALA C 74 21.89 -33.75 -21.11
CA ALA C 74 23.33 -33.80 -20.93
C ALA C 74 23.91 -32.40 -20.74
N ALA C 75 23.49 -31.47 -21.60
CA ALA C 75 23.98 -30.10 -21.50
C ALA C 75 23.57 -29.46 -20.17
N LEU C 76 22.33 -29.69 -19.74
CA LEU C 76 21.85 -29.05 -18.52
C LEU C 76 22.56 -29.59 -17.29
N ASN C 77 22.88 -30.89 -17.29
CA ASN C 77 23.54 -31.50 -16.13
C ASN C 77 24.76 -30.72 -15.68
N ASN C 78 25.32 -29.89 -16.55
CA ASN C 78 26.46 -29.04 -16.18
C ASN C 78 26.11 -28.09 -15.05
N PHE C 79 24.90 -27.54 -15.05
CA PHE C 79 24.51 -26.59 -14.00
C PHE C 79 24.40 -27.22 -12.62
N ALA C 80 24.60 -28.53 -12.47
CA ALA C 80 24.60 -29.18 -11.18
C ALA C 80 25.96 -29.74 -10.80
N ASN C 81 27.03 -29.15 -11.31
CA ASN C 81 28.38 -29.52 -10.87
C ASN C 81 28.53 -29.26 -9.37
N SER C 82 29.30 -30.12 -8.71
CA SER C 82 29.43 -30.08 -7.25
C SER C 82 30.07 -28.79 -6.75
N ILE C 83 30.89 -28.12 -7.58
CA ILE C 83 31.45 -26.85 -7.13
C ILE C 83 30.34 -25.80 -6.98
N ILE C 84 29.38 -25.78 -7.90
CA ILE C 84 28.22 -24.91 -7.76
C ILE C 84 27.62 -25.02 -6.35
N PHE C 85 27.43 -26.26 -5.88
CA PHE C 85 26.83 -26.46 -4.56
C PHE C 85 27.79 -26.07 -3.44
N LEU C 86 29.09 -26.34 -3.59
CA LEU C 86 30.04 -25.84 -2.59
C LEU C 86 29.93 -24.32 -2.44
N PHE C 87 29.81 -23.63 -3.57
CA PHE C 87 29.70 -22.17 -3.55
C PHE C 87 28.38 -21.74 -2.92
N LEU C 88 27.29 -22.47 -3.19
CA LEU C 88 26.03 -22.16 -2.53
C LEU C 88 26.13 -22.39 -1.02
N GLY C 89 26.99 -23.33 -0.62
CA GLY C 89 27.22 -23.53 0.80
C GLY C 89 27.92 -22.33 1.40
N GLY C 90 28.91 -21.81 0.69
CA GLY C 90 29.60 -20.63 1.21
C GLY C 90 28.69 -19.42 1.19
N PHE C 91 27.71 -19.40 0.28
CA PHE C 91 26.72 -18.32 0.27
C PHE C 91 25.82 -18.40 1.50
N ALA C 92 25.44 -19.61 1.91
CA ALA C 92 24.57 -19.72 3.08
C ALA C 92 25.36 -19.43 4.35
N LEU C 93 26.66 -19.76 4.36
CA LEU C 93 27.48 -19.44 5.52
C LEU C 93 27.67 -17.94 5.67
N ALA C 94 27.80 -17.24 4.54
CA ALA C 94 27.89 -15.78 4.61
C ALA C 94 26.56 -15.18 5.06
N ALA C 95 25.47 -15.56 4.39
CA ALA C 95 24.15 -15.11 4.83
C ALA C 95 24.00 -15.27 6.34
N ALA C 96 24.47 -16.40 6.86
CA ALA C 96 24.32 -16.69 8.28
C ALA C 96 25.07 -15.67 9.11
N MET C 97 26.38 -15.53 8.88
CA MET C 97 27.11 -14.62 9.76
C MET C 97 26.79 -13.14 9.50
N HIS C 98 26.12 -12.80 8.39
CA HIS C 98 25.64 -11.42 8.22
C HIS C 98 24.33 -11.17 8.96
N HIS C 99 23.33 -12.01 8.74
CA HIS C 99 22.06 -11.89 9.48
C HIS C 99 22.31 -11.95 10.98
N GLN C 100 23.28 -12.76 11.40
CA GLN C 100 23.65 -12.85 12.81
C GLN C 100 24.44 -11.63 13.27
N GLY C 101 25.09 -10.92 12.35
CA GLY C 101 25.89 -9.76 12.68
C GLY C 101 27.28 -10.03 13.19
N LEU C 102 27.77 -11.26 13.06
CA LEU C 102 29.12 -11.61 13.48
C LEU C 102 30.19 -10.87 12.67
N ASP C 103 29.82 -10.26 11.54
CA ASP C 103 30.75 -9.45 10.77
C ASP C 103 30.95 -8.07 11.40
N LYS C 104 29.89 -7.51 11.96
CA LYS C 104 30.02 -6.25 12.67
C LYS C 104 30.90 -6.44 13.89
N VAL C 105 30.64 -7.50 14.67
CA VAL C 105 31.44 -7.72 15.88
C VAL C 105 32.89 -8.00 15.51
N ILE C 106 33.13 -8.73 14.40
CA ILE C 106 34.51 -8.98 13.98
C ILE C 106 35.18 -7.69 13.49
N ALA C 107 34.40 -6.73 13.00
CA ALA C 107 34.95 -5.44 12.62
C ALA C 107 35.24 -4.59 13.84
N ASP C 108 34.24 -4.42 14.71
CA ASP C 108 34.37 -3.62 15.92
C ASP C 108 35.48 -4.11 16.84
N LYS C 109 35.44 -5.39 17.22
CA LYS C 109 36.42 -5.94 18.14
C LYS C 109 37.86 -5.72 17.67
N VAL C 110 38.09 -5.80 16.36
CA VAL C 110 39.44 -5.55 15.82
C VAL C 110 39.71 -4.05 15.68
N LEU C 111 38.70 -3.28 15.28
CA LEU C 111 38.87 -1.84 15.10
C LEU C 111 39.08 -1.13 16.44
N ALA C 112 38.36 -1.56 17.48
CA ALA C 112 38.53 -0.98 18.80
C ALA C 112 39.74 -1.55 19.53
N MET C 113 40.45 -2.52 18.91
CA MET C 113 41.76 -2.93 19.42
C MET C 113 42.76 -1.79 19.22
N ALA C 114 42.62 -1.06 18.11
CA ALA C 114 43.35 0.19 17.94
C ALA C 114 42.70 1.27 18.80
N GLN C 115 43.49 1.80 19.75
CA GLN C 115 42.94 2.62 20.83
C GLN C 115 42.43 3.97 20.31
N GLY C 116 43.26 4.67 19.54
CA GLY C 116 42.86 5.99 19.09
C GLY C 116 43.76 6.60 18.02
N LYS C 117 44.44 5.73 17.28
CA LYS C 117 45.42 6.12 16.29
C LYS C 117 44.96 5.81 14.88
N MET C 118 44.95 6.85 14.02
CA MET C 118 44.62 6.67 12.60
C MET C 118 45.68 5.86 11.87
N SER C 119 46.90 5.85 12.39
CA SER C 119 47.97 5.04 11.84
C SER C 119 47.61 3.56 11.86
N VAL C 120 47.20 3.05 13.01
CA VAL C 120 46.89 1.63 13.19
C VAL C 120 45.39 1.41 13.00
N ALA C 121 44.70 2.42 12.47
CA ALA C 121 43.28 2.28 12.16
C ALA C 121 43.07 1.69 10.77
N VAL C 122 43.62 2.37 9.76
CA VAL C 122 43.46 1.97 8.37
C VAL C 122 44.18 0.67 8.08
N PHE C 123 45.30 0.42 8.77
CA PHE C 123 46.01 -0.83 8.60
C PHE C 123 45.19 -2.01 9.10
N MET C 124 44.39 -1.78 10.15
CA MET C 124 43.49 -2.82 10.62
C MET C 124 42.20 -2.86 9.80
N LEU C 125 41.83 -1.75 9.16
CA LEU C 125 40.68 -1.77 8.27
C LEU C 125 41.00 -2.60 7.04
N PHE C 126 42.25 -2.55 6.58
CA PHE C 126 42.63 -3.36 5.43
C PHE C 126 42.78 -4.83 5.84
N GLY C 127 43.39 -5.08 7.00
CA GLY C 127 43.54 -6.46 7.43
C GLY C 127 42.21 -7.12 7.69
N VAL C 128 41.20 -6.34 8.03
CA VAL C 128 39.86 -6.90 8.23
C VAL C 128 39.15 -7.06 6.90
N THR C 129 39.06 -6.00 6.09
CA THR C 129 38.41 -6.16 4.80
C THR C 129 38.95 -7.37 4.05
N ALA C 130 40.27 -7.58 4.13
CA ALA C 130 40.89 -8.74 3.51
C ALA C 130 40.50 -10.04 4.19
N LEU C 131 40.60 -10.12 5.52
CA LEU C 131 40.28 -11.37 6.18
C LEU C 131 38.81 -11.75 6.01
N LEU C 132 37.92 -10.76 5.99
CA LEU C 132 36.49 -10.97 5.75
C LEU C 132 36.20 -11.36 4.31
N SER C 133 36.92 -10.82 3.34
CA SER C 133 36.61 -11.12 1.95
C SER C 133 36.89 -12.59 1.63
N MET C 134 37.78 -13.23 2.39
CA MET C 134 38.10 -14.65 2.17
C MET C 134 36.86 -15.53 2.17
N TRP C 135 35.79 -15.14 2.86
CA TRP C 135 34.67 -16.03 3.10
C TRP C 135 33.33 -15.46 2.65
N ILE C 136 33.22 -14.14 2.56
CA ILE C 136 31.92 -13.50 2.38
C ILE C 136 31.67 -13.25 0.91
N SER C 137 32.49 -12.39 0.30
CA SER C 137 32.27 -11.88 -1.04
C SER C 137 33.25 -10.72 -1.24
N ASN C 138 33.16 -10.04 -2.38
CA ASN C 138 33.90 -8.80 -2.57
C ASN C 138 32.96 -7.60 -2.60
N THR C 139 31.99 -7.57 -3.51
CA THR C 139 31.00 -6.50 -3.51
C THR C 139 30.41 -6.30 -2.12
N ALA C 140 30.20 -7.38 -1.38
CA ALA C 140 29.56 -7.27 -0.07
C ALA C 140 30.52 -6.76 0.99
N THR C 141 31.77 -7.22 0.97
CA THR C 141 32.71 -6.75 1.98
C THR C 141 33.00 -5.27 1.78
N ALA C 142 33.14 -4.83 0.53
CA ALA C 142 33.41 -3.43 0.26
C ALA C 142 32.23 -2.56 0.69
N ALA C 143 31.02 -2.92 0.24
CA ALA C 143 29.86 -2.12 0.62
C ALA C 143 29.63 -2.13 2.14
N MET C 144 30.07 -3.19 2.82
CA MET C 144 29.93 -3.25 4.28
C MET C 144 31.01 -2.43 4.98
N MET C 145 32.18 -2.29 4.36
CA MET C 145 33.26 -1.53 4.96
C MET C 145 33.11 -0.03 4.73
N LEU C 146 32.52 0.38 3.62
CA LEU C 146 32.42 1.80 3.30
C LEU C 146 31.93 2.62 4.49
N PRO C 147 30.82 2.27 5.16
CA PRO C 147 30.43 3.06 6.35
C PRO C 147 31.49 3.06 7.47
N LEU C 148 32.28 2.00 7.65
CA LEU C 148 33.31 1.98 8.68
C LEU C 148 34.54 2.79 8.31
N VAL C 149 34.76 2.94 7.03
CA VAL C 149 35.88 3.73 6.60
C VAL C 149 35.49 5.20 6.66
N LEU C 150 34.31 5.53 6.15
CA LEU C 150 33.82 6.90 6.26
C LEU C 150 33.61 7.30 7.72
N GLY C 151 33.38 6.32 8.60
CA GLY C 151 33.31 6.59 10.04
C GLY C 151 34.65 6.95 10.64
N VAL C 152 35.71 6.24 10.24
CA VAL C 152 37.04 6.52 10.78
C VAL C 152 37.60 7.81 10.19
N LEU C 153 37.58 7.95 8.86
CA LEU C 153 38.14 9.13 8.19
C LEU C 153 37.26 10.37 8.26
N SER C 154 36.57 10.56 9.37
CA SER C 154 35.73 11.72 9.60
C SER C 154 36.32 12.66 10.64
N LYS C 155 37.30 12.18 11.40
CA LYS C 155 38.05 13.05 12.32
C LYS C 155 39.08 13.86 11.54
N VAL C 156 39.79 13.23 10.61
CA VAL C 156 40.57 13.96 9.60
C VAL C 156 39.56 14.19 8.47
N ASP C 157 38.65 15.14 8.71
CA ASP C 157 37.51 15.44 7.84
C ASP C 157 37.93 16.26 6.63
N ALA C 158 38.96 17.08 6.78
CA ALA C 158 39.50 17.91 5.70
C ALA C 158 39.60 17.13 4.40
N ASP C 159 38.74 17.45 3.43
CA ASP C 159 38.78 16.78 2.13
C ASP C 159 39.58 17.57 1.11
N LYS C 160 40.14 18.72 1.53
CA LYS C 160 41.29 19.38 0.93
C LYS C 160 42.53 18.60 1.36
N GLN C 161 42.33 17.72 2.34
CA GLN C 161 43.26 16.68 2.78
C GLN C 161 42.83 15.35 2.13
N ARG C 162 42.87 15.39 0.79
CA ARG C 162 42.36 14.32 -0.05
C ARG C 162 43.13 13.01 0.15
N SER C 163 44.46 13.08 0.10
CA SER C 163 45.26 11.86 0.01
C SER C 163 45.05 10.93 1.20
N THR C 164 44.45 11.43 2.27
CA THR C 164 44.00 10.57 3.36
C THR C 164 42.81 9.77 2.87
N TYR C 165 41.88 10.42 2.17
CA TYR C 165 40.63 9.78 1.90
C TYR C 165 40.60 9.01 0.60
N VAL C 166 41.68 9.08 -0.16
CA VAL C 166 41.81 8.17 -1.27
C VAL C 166 42.68 6.99 -0.91
N PHE C 167 43.75 7.22 -0.09
CA PHE C 167 44.52 6.06 0.29
C PHE C 167 43.67 5.09 1.11
N VAL C 168 42.88 5.61 2.05
CA VAL C 168 42.10 4.69 2.86
C VAL C 168 40.84 4.19 2.15
N LEU C 169 40.38 4.83 1.07
CA LEU C 169 39.22 4.24 0.40
C LEU C 169 39.72 3.15 -0.57
N LEU C 170 40.67 3.48 -1.45
CA LEU C 170 41.19 2.44 -2.33
C LEU C 170 41.85 1.30 -1.57
N GLY C 171 42.33 1.52 -0.34
CA GLY C 171 42.95 0.43 0.37
C GLY C 171 41.95 -0.68 0.61
N VAL C 172 40.73 -0.32 1.04
CA VAL C 172 39.74 -1.36 1.29
C VAL C 172 39.19 -1.90 -0.03
N ALA C 173 38.98 -1.02 -1.03
CA ALA C 173 38.50 -1.52 -2.31
C ALA C 173 39.46 -2.51 -2.95
N TYR C 174 40.74 -2.48 -2.57
CA TYR C 174 41.73 -3.42 -3.07
C TYR C 174 41.89 -4.62 -2.13
N SER C 175 41.81 -4.38 -0.82
CA SER C 175 41.91 -5.45 0.16
C SER C 175 40.76 -6.45 0.02
N ALA C 176 39.58 -6.00 -0.41
CA ALA C 176 38.49 -6.95 -0.63
C ALA C 176 38.78 -7.87 -1.83
N SER C 177 39.30 -7.32 -2.91
CA SER C 177 39.58 -8.14 -4.08
C SER C 177 40.78 -9.04 -3.83
N ILE C 178 41.76 -8.58 -3.07
CA ILE C 178 42.90 -9.45 -2.77
C ILE C 178 42.49 -10.54 -1.79
N GLY C 179 41.68 -10.21 -0.78
CA GLY C 179 41.21 -11.22 0.15
C GLY C 179 40.33 -12.25 -0.52
N GLY C 180 39.78 -11.93 -1.69
CA GLY C 180 38.91 -12.85 -2.41
C GLY C 180 39.67 -13.91 -3.18
N ILE C 181 40.99 -13.81 -3.18
CA ILE C 181 41.88 -14.74 -3.87
C ILE C 181 42.45 -15.77 -2.90
N ALA C 182 41.96 -15.78 -1.66
CA ALA C 182 42.55 -16.63 -0.63
C ALA C 182 41.98 -18.04 -0.64
N THR C 183 40.68 -18.19 -0.89
CA THR C 183 40.02 -19.49 -0.79
C THR C 183 39.03 -19.68 -1.93
N LEU C 184 38.59 -20.93 -2.09
CA LEU C 184 37.67 -21.27 -3.18
C LEU C 184 36.36 -20.50 -3.09
N VAL C 185 35.84 -20.32 -1.91
CA VAL C 185 34.80 -19.31 -1.72
C VAL C 185 35.47 -17.96 -1.57
N GLY C 186 34.86 -16.93 -2.15
CA GLY C 186 35.47 -15.62 -2.13
C GLY C 186 35.10 -14.86 -3.39
N SER C 187 35.68 -15.29 -4.50
CA SER C 187 35.35 -14.77 -5.83
C SER C 187 35.03 -15.91 -6.78
N PRO C 188 34.00 -15.75 -7.60
CA PRO C 188 33.62 -16.81 -8.56
C PRO C 188 34.78 -17.35 -9.38
N PRO C 189 35.70 -16.50 -9.87
CA PRO C 189 36.77 -17.05 -10.74
C PRO C 189 37.42 -18.26 -10.13
N ASN C 190 37.73 -18.19 -8.84
CA ASN C 190 38.28 -19.33 -8.13
C ASN C 190 37.43 -20.57 -8.26
N ALA C 191 36.12 -20.43 -8.13
CA ALA C 191 35.23 -21.57 -8.31
C ALA C 191 35.23 -22.07 -9.75
N ILE C 192 35.40 -21.18 -10.74
CA ILE C 192 35.40 -21.64 -12.12
C ILE C 192 36.67 -22.42 -12.43
N ALA C 193 37.81 -21.97 -11.89
CA ALA C 193 39.04 -22.74 -12.02
C ALA C 193 38.92 -24.09 -11.34
N ALA C 194 38.42 -24.11 -10.10
CA ALA C 194 38.28 -25.37 -9.38
C ALA C 194 37.35 -26.33 -10.11
N ALA C 195 36.29 -25.81 -10.74
CA ALA C 195 35.36 -26.69 -11.43
C ALA C 195 35.97 -27.19 -12.75
N GLU C 196 36.80 -26.37 -13.38
CA GLU C 196 37.40 -26.77 -14.65
C GLU C 196 38.43 -27.86 -14.43
N VAL C 197 39.40 -27.63 -13.53
CA VAL C 197 40.50 -28.56 -13.36
C VAL C 197 40.26 -29.55 -12.21
N GLY C 198 39.22 -29.36 -11.42
CA GLY C 198 38.92 -30.27 -10.33
C GLY C 198 39.75 -30.05 -9.09
N LEU C 199 39.78 -28.82 -8.58
CA LEU C 199 40.48 -28.52 -7.34
C LEU C 199 39.58 -28.73 -6.14
N SER C 200 40.21 -29.10 -5.03
CA SER C 200 39.54 -29.13 -3.75
C SER C 200 39.70 -27.76 -3.10
N PHE C 201 39.01 -27.55 -1.98
CA PHE C 201 39.13 -26.28 -1.28
C PHE C 201 40.56 -26.07 -0.79
N THR C 202 41.13 -27.09 -0.14
CA THR C 202 42.48 -26.90 0.39
C THR C 202 43.51 -26.77 -0.72
N ASP C 203 43.20 -27.26 -1.93
CA ASP C 203 44.13 -27.07 -3.06
C ASP C 203 44.15 -25.60 -3.46
N TRP C 204 42.97 -25.03 -3.67
CA TRP C 204 42.97 -23.67 -4.15
C TRP C 204 43.46 -22.74 -3.04
N MET C 205 43.35 -23.17 -1.78
CA MET C 205 43.91 -22.36 -0.70
C MET C 205 45.43 -22.44 -0.69
N LYS C 206 45.98 -23.65 -0.93
CA LYS C 206 47.42 -23.83 -1.05
C LYS C 206 47.98 -22.90 -2.12
N PHE C 207 47.19 -22.61 -3.14
CA PHE C 207 47.64 -21.64 -4.14
C PHE C 207 47.38 -20.20 -3.68
N GLY C 208 46.10 -19.83 -3.56
CA GLY C 208 45.75 -18.42 -3.41
C GLY C 208 46.19 -17.78 -2.11
N LEU C 209 46.10 -18.49 -0.98
CA LEU C 209 46.45 -17.85 0.29
C LEU C 209 47.87 -17.30 0.31
N PRO C 210 48.91 -18.05 -0.07
CA PRO C 210 50.22 -17.41 -0.27
C PRO C 210 50.19 -16.14 -1.12
N THR C 211 49.55 -16.22 -2.28
CA THR C 211 49.47 -15.06 -3.18
C THR C 211 48.78 -13.86 -2.52
N ALA C 212 47.72 -14.11 -1.74
CA ALA C 212 47.08 -13.01 -1.03
C ALA C 212 47.96 -12.45 0.07
N MET C 213 48.68 -13.32 0.79
CA MET C 213 49.57 -12.86 1.85
C MET C 213 50.66 -11.96 1.26
N MET C 214 51.14 -12.30 0.06
CA MET C 214 52.15 -11.45 -0.56
C MET C 214 51.57 -10.17 -1.13
N MET C 215 50.40 -10.26 -1.76
CA MET C 215 49.89 -9.14 -2.54
C MET C 215 49.25 -8.06 -1.69
N LEU C 216 48.74 -8.39 -0.49
CA LEU C 216 48.13 -7.32 0.32
C LEU C 216 49.17 -6.33 0.82
N PRO C 217 50.29 -6.75 1.41
CA PRO C 217 51.35 -5.77 1.72
C PRO C 217 51.82 -5.00 0.50
N MET C 218 52.16 -5.68 -0.60
CA MET C 218 52.67 -4.98 -1.78
C MET C 218 51.69 -3.92 -2.28
N ALA C 219 50.38 -4.15 -2.12
CA ALA C 219 49.39 -3.19 -2.61
C ALA C 219 49.25 -2.03 -1.63
N ILE C 220 49.31 -2.31 -0.34
CA ILE C 220 49.26 -1.21 0.63
C ILE C 220 50.51 -0.37 0.47
N ALA C 221 51.68 -1.00 0.35
CA ALA C 221 52.93 -0.29 0.06
C ALA C 221 52.78 0.63 -1.15
N ILE C 222 52.16 0.15 -2.23
CA ILE C 222 52.06 0.98 -3.43
C ILE C 222 51.10 2.15 -3.21
N LEU C 223 50.00 1.92 -2.48
CA LEU C 223 49.12 3.06 -2.16
C LEU C 223 49.81 4.03 -1.21
N TYR C 224 50.56 3.49 -0.25
CA TYR C 224 51.33 4.24 0.73
C TYR C 224 52.34 5.19 0.07
N PHE C 225 53.28 4.62 -0.69
CA PHE C 225 54.36 5.36 -1.31
C PHE C 225 53.90 6.08 -2.56
N LEU C 226 52.61 6.42 -2.60
CA LEU C 226 52.22 7.56 -3.42
C LEU C 226 51.98 8.62 -2.34
N LEU C 227 50.76 9.15 -2.20
CA LEU C 227 50.56 10.33 -1.38
C LEU C 227 49.81 9.97 -0.10
N LYS C 228 50.55 9.51 0.92
CA LYS C 228 49.94 9.12 2.19
C LYS C 228 50.30 10.11 3.30
N PRO C 229 49.31 10.82 3.90
CA PRO C 229 49.59 11.67 5.07
C PRO C 229 48.87 11.23 6.33
N THR C 230 48.95 9.94 6.67
CA THR C 230 48.07 9.37 7.68
C THR C 230 48.75 8.97 8.98
N LEU C 231 50.02 9.25 9.15
CA LEU C 231 50.63 9.04 10.47
C LEU C 231 50.09 10.02 11.51
N ASN C 232 49.11 10.86 11.15
CA ASN C 232 48.45 11.81 12.04
C ASN C 232 46.95 11.56 12.05
N GLY C 233 46.28 12.08 13.07
CA GLY C 233 44.85 11.94 13.24
C GLY C 233 44.49 11.25 14.55
N MET C 234 43.18 11.27 14.82
CA MET C 234 42.65 10.58 16.00
C MET C 234 41.34 9.87 15.65
N PHE C 235 40.89 9.01 16.57
CA PHE C 235 39.75 8.12 16.38
C PHE C 235 38.45 8.77 16.91
N GLU C 236 37.34 8.57 16.19
CA GLU C 236 35.99 8.75 16.76
C GLU C 236 35.21 7.43 16.80
N LEU C 237 35.21 6.72 17.93
CA LEU C 237 34.49 5.45 18.05
C LEU C 237 32.99 5.65 18.30
N ASP C 238 32.29 6.14 17.28
CA ASP C 238 30.93 6.65 17.47
C ASP C 238 29.91 5.63 16.94
N ARG C 239 29.31 4.89 17.87
CA ARG C 239 28.24 3.92 17.62
C ARG C 239 28.10 2.99 18.84
N ALA C 240 27.01 2.22 18.88
CA ALA C 240 26.78 1.25 19.95
C ALA C 240 27.75 0.07 19.89
N PRO C 241 28.41 -0.28 21.00
CA PRO C 241 29.31 -1.45 20.99
C PRO C 241 28.57 -2.75 20.68
N VAL C 242 29.36 -3.81 20.49
CA VAL C 242 28.84 -5.11 20.11
C VAL C 242 29.02 -6.10 21.26
N ASN C 243 28.20 -7.15 21.24
CA ASN C 243 28.25 -8.20 22.26
C ASN C 243 27.67 -9.51 21.73
N TRP C 244 28.36 -10.62 22.02
CA TRP C 244 27.97 -11.95 21.54
C TRP C 244 26.64 -12.34 22.18
N ASP C 245 25.56 -12.36 21.39
CA ASP C 245 24.23 -12.68 21.88
C ASP C 245 23.85 -14.12 21.52
N LYS C 246 22.57 -14.34 21.16
CA LYS C 246 22.02 -15.67 20.91
C LYS C 246 22.86 -16.45 19.90
N GLY C 247 23.89 -17.12 20.40
CA GLY C 247 24.77 -17.90 19.57
C GLY C 247 25.34 -17.22 18.35
N LYS C 248 25.95 -16.04 18.54
CA LYS C 248 26.97 -15.60 17.58
C LYS C 248 28.16 -16.54 17.73
N VAL C 249 28.25 -17.16 18.90
CA VAL C 249 29.20 -18.21 19.20
C VAL C 249 28.82 -19.48 18.46
N VAL C 250 27.52 -19.74 18.30
CA VAL C 250 27.07 -20.89 17.50
C VAL C 250 27.47 -20.70 16.04
N THR C 251 27.17 -19.54 15.47
CA THR C 251 27.61 -19.25 14.10
C THR C 251 29.13 -19.44 14.00
N LEU C 252 29.87 -18.93 14.98
CA LEU C 252 31.30 -19.20 15.03
C LEU C 252 31.62 -20.70 15.08
N GLY C 253 30.90 -21.46 15.92
CA GLY C 253 31.18 -22.87 16.04
C GLY C 253 31.01 -23.61 14.73
N ILE C 254 29.86 -23.39 14.08
CA ILE C 254 29.60 -24.00 12.78
C ILE C 254 30.63 -23.54 11.74
N PHE C 255 30.83 -22.22 11.63
CA PHE C 255 31.83 -21.71 10.70
C PHE C 255 33.17 -22.42 10.90
N GLY C 256 33.68 -22.37 12.13
CA GLY C 256 34.94 -23.03 12.45
C GLY C 256 34.98 -24.49 12.06
N LEU C 257 33.97 -25.25 12.49
CA LEU C 257 33.88 -26.67 12.13
C LEU C 257 33.92 -26.88 10.62
N THR C 258 33.14 -26.09 9.88
CA THR C 258 33.14 -26.18 8.43
C THR C 258 34.52 -25.90 7.83
N VAL C 259 35.13 -24.78 8.20
CA VAL C 259 36.45 -24.46 7.67
C VAL C 259 37.48 -25.51 8.08
N PHE C 260 37.33 -26.09 9.28
CA PHE C 260 38.22 -27.16 9.71
C PHE C 260 38.09 -28.35 8.78
N LEU C 261 36.86 -28.82 8.57
CA LEU C 261 36.66 -29.97 7.68
C LEU C 261 37.13 -29.67 6.27
N TRP C 262 36.99 -28.41 5.82
CA TRP C 262 37.45 -28.06 4.49
C TRP C 262 38.98 -28.17 4.39
N ILE C 263 39.69 -27.71 5.43
CA ILE C 263 41.14 -27.81 5.42
C ILE C 263 41.58 -29.27 5.53
N PHE C 264 41.05 -29.99 6.52
CA PHE C 264 41.43 -31.38 6.77
C PHE C 264 40.59 -32.38 5.96
N SER C 265 39.99 -31.94 4.87
CA SER C 265 39.15 -32.81 4.07
C SER C 265 39.92 -34.03 3.57
N SER C 266 41.18 -33.83 3.17
CA SER C 266 41.96 -34.95 2.62
C SER C 266 42.11 -36.12 3.57
N PRO C 267 42.60 -35.96 4.80
CA PRO C 267 42.70 -37.14 5.70
C PRO C 267 41.38 -37.61 6.28
N ILE C 268 40.47 -36.70 6.63
CA ILE C 268 39.18 -37.14 7.16
C ILE C 268 38.44 -37.99 6.14
N ASN C 269 38.41 -37.51 4.89
CA ASN C 269 37.73 -38.25 3.83
C ASN C 269 38.45 -39.55 3.52
N ALA C 270 39.78 -39.52 3.40
CA ALA C 270 40.48 -40.77 3.16
C ALA C 270 40.18 -41.78 4.28
N ALA C 271 40.14 -41.31 5.53
CA ALA C 271 39.81 -42.14 6.68
C ALA C 271 38.32 -42.16 6.96
N LEU C 272 37.50 -42.10 5.92
CA LEU C 272 36.05 -42.18 6.03
C LEU C 272 35.44 -43.07 4.95
N GLY C 273 36.20 -43.49 3.94
CA GLY C 273 35.72 -44.27 2.81
C GLY C 273 35.86 -43.57 1.47
N GLY C 274 36.53 -42.42 1.49
CA GLY C 274 36.81 -41.64 0.29
C GLY C 274 35.60 -41.26 -0.53
N PHE C 275 34.78 -40.36 0.01
CA PHE C 275 33.63 -39.85 -0.72
C PHE C 275 34.06 -38.92 -1.87
N LYS C 276 33.16 -38.73 -2.82
CA LYS C 276 33.54 -38.22 -4.14
C LYS C 276 33.92 -36.75 -4.14
N SER C 277 33.00 -35.87 -3.74
CA SER C 277 33.36 -34.45 -3.64
C SER C 277 33.23 -33.93 -2.22
N PHE C 278 34.04 -34.49 -1.32
CA PHE C 278 33.88 -34.25 0.11
C PHE C 278 33.60 -32.78 0.43
N ASP C 279 34.41 -31.86 -0.13
CA ASP C 279 34.18 -30.44 0.13
C ASP C 279 32.74 -30.00 -0.14
N THR C 280 32.14 -30.49 -1.23
CA THR C 280 30.74 -30.17 -1.51
C THR C 280 29.82 -30.70 -0.40
N LEU C 281 30.08 -31.94 0.04
CA LEU C 281 29.28 -32.48 1.14
C LEU C 281 29.42 -31.65 2.39
N VAL C 282 30.65 -31.24 2.73
CA VAL C 282 30.88 -30.32 3.85
C VAL C 282 30.06 -29.05 3.67
N ALA C 283 30.03 -28.48 2.47
CA ALA C 283 29.27 -27.25 2.27
C ALA C 283 27.78 -27.46 2.49
N LEU C 284 27.24 -28.58 2.00
CA LEU C 284 25.82 -28.83 2.22
C LEU C 284 25.58 -29.18 3.69
N GLY C 285 26.57 -29.78 4.33
CA GLY C 285 26.45 -30.06 5.76
C GLY C 285 26.39 -28.75 6.51
N ALA C 286 27.20 -27.79 6.09
CA ALA C 286 27.15 -26.46 6.69
C ALA C 286 25.75 -25.89 6.59
N ILE C 287 25.16 -25.95 5.39
CA ILE C 287 23.80 -25.42 5.24
C ILE C 287 22.84 -26.15 6.19
N LEU C 288 23.11 -27.42 6.44
CA LEU C 288 22.20 -28.20 7.29
C LEU C 288 22.41 -27.85 8.76
N MET C 289 23.66 -27.84 9.21
CA MET C 289 23.96 -27.41 10.57
C MET C 289 23.38 -26.01 10.83
N LEU C 290 23.65 -25.07 9.92
CA LEU C 290 23.13 -23.72 10.06
C LEU C 290 21.60 -23.69 10.14
N SER C 291 20.92 -24.70 9.59
CA SER C 291 19.46 -24.67 9.63
C SER C 291 18.92 -25.40 10.86
N PHE C 292 19.54 -26.53 11.23
CA PHE C 292 19.18 -27.23 12.46
C PHE C 292 19.49 -26.37 13.67
N ALA C 293 20.64 -25.71 13.66
CA ALA C 293 21.00 -24.76 14.71
C ALA C 293 20.16 -23.48 14.65
N ARG C 294 19.12 -23.46 13.83
CA ARG C 294 18.13 -22.39 13.82
C ARG C 294 18.73 -21.01 13.55
N VAL C 295 20.05 -20.96 13.31
CA VAL C 295 20.79 -19.72 13.32
C VAL C 295 20.53 -18.83 12.11
N VAL C 296 20.00 -19.36 11.03
CA VAL C 296 19.69 -18.54 9.85
C VAL C 296 18.51 -19.18 9.12
N HIS C 297 17.62 -18.35 8.60
CA HIS C 297 16.44 -18.83 7.89
C HIS C 297 16.79 -18.97 6.41
N TRP C 298 15.96 -19.74 5.69
CA TRP C 298 16.26 -19.96 4.28
C TRP C 298 15.99 -18.72 3.43
N LYS C 299 14.93 -17.97 3.73
CA LYS C 299 14.70 -16.73 2.98
C LYS C 299 15.95 -15.88 2.96
N GLU C 300 16.73 -15.93 4.04
CA GLU C 300 17.99 -15.20 4.11
C GLU C 300 18.97 -15.72 3.06
N ILE C 301 19.23 -17.02 3.05
CA ILE C 301 20.11 -17.64 2.06
C ILE C 301 19.62 -17.39 0.64
N GLN C 302 18.31 -17.34 0.43
CA GLN C 302 17.78 -17.07 -0.90
C GLN C 302 18.04 -15.64 -1.33
N LYS C 303 18.06 -14.69 -0.39
CA LYS C 303 18.48 -13.33 -0.74
C LYS C 303 19.99 -13.25 -0.97
N THR C 304 20.78 -13.79 -0.03
CA THR C 304 22.23 -13.73 -0.13
C THR C 304 22.79 -14.43 -1.37
N ALA C 305 22.27 -15.60 -1.71
CA ALA C 305 22.85 -16.39 -2.79
C ALA C 305 22.70 -15.65 -4.12
N ASP C 306 23.82 -15.48 -4.82
CA ASP C 306 23.80 -14.93 -6.19
C ASP C 306 23.59 -16.07 -7.19
N TRP C 307 22.31 -16.43 -7.35
CA TRP C 307 21.96 -17.55 -8.23
C TRP C 307 22.46 -17.32 -9.66
N GLY C 308 22.58 -16.07 -10.09
CA GLY C 308 23.13 -15.81 -11.41
C GLY C 308 24.55 -16.33 -11.57
N VAL C 309 25.37 -16.18 -10.53
CA VAL C 309 26.72 -16.71 -10.57
C VAL C 309 26.69 -18.24 -10.57
N LEU C 310 25.78 -18.84 -9.81
CA LEU C 310 25.69 -20.28 -9.79
C LEU C 310 25.32 -20.83 -11.17
N LEU C 311 24.41 -20.15 -11.88
CA LEU C 311 24.12 -20.54 -13.26
C LEU C 311 25.30 -20.27 -14.18
N LEU C 312 26.04 -19.19 -13.94
CA LEU C 312 27.20 -18.89 -14.77
C LEU C 312 28.20 -20.04 -14.72
N PHE C 313 28.56 -20.48 -13.51
CA PHE C 313 29.47 -21.61 -13.36
C PHE C 313 29.09 -22.69 -14.37
N GLY C 314 27.81 -23.05 -14.36
CA GLY C 314 27.32 -24.07 -15.26
C GLY C 314 27.53 -23.72 -16.72
N GLY C 315 27.07 -22.55 -17.14
CA GLY C 315 27.30 -22.13 -18.52
C GLY C 315 28.75 -22.16 -18.95
N GLY C 316 29.66 -21.90 -18.00
CA GLY C 316 31.08 -21.93 -18.35
C GLY C 316 31.61 -23.34 -18.51
N LEU C 317 31.15 -24.25 -17.65
CA LEU C 317 31.52 -25.65 -17.82
C LEU C 317 30.92 -26.22 -19.11
N CYS C 318 29.68 -25.86 -19.41
CA CYS C 318 29.07 -26.26 -20.67
C CYS C 318 29.90 -25.75 -21.85
N LEU C 319 30.36 -24.50 -21.80
CA LEU C 319 31.21 -24.01 -22.88
C LEU C 319 32.45 -24.88 -23.02
N SER C 320 33.14 -25.14 -21.90
CA SER C 320 34.34 -25.98 -21.93
C SER C 320 34.06 -27.29 -22.67
N ASN C 321 32.96 -27.95 -22.31
CA ASN C 321 32.61 -29.20 -22.96
C ASN C 321 32.26 -29.01 -24.43
N VAL C 322 31.69 -27.86 -24.81
CA VAL C 322 31.43 -27.62 -26.23
C VAL C 322 32.74 -27.54 -27.00
N LEU C 323 33.72 -26.85 -26.43
CA LEU C 323 35.04 -26.78 -27.06
C LEU C 323 35.62 -28.18 -27.24
N LYS C 324 35.48 -29.04 -26.21
CA LYS C 324 36.04 -30.38 -26.33
C LYS C 324 35.28 -31.19 -27.39
N GLN C 325 33.94 -31.23 -27.31
CA GLN C 325 33.14 -32.04 -28.21
C GLN C 325 33.30 -31.63 -29.67
N THR C 326 33.54 -30.35 -29.95
CA THR C 326 33.70 -29.92 -31.33
C THR C 326 35.14 -29.99 -31.81
N GLY C 327 36.08 -30.26 -30.90
CA GLY C 327 37.48 -30.36 -31.25
C GLY C 327 38.13 -29.02 -31.45
N THR C 328 37.47 -27.93 -31.07
CA THR C 328 38.06 -26.61 -31.23
C THR C 328 39.28 -26.45 -30.32
N SER C 329 39.31 -27.17 -29.19
CA SER C 329 40.49 -27.13 -28.33
C SER C 329 41.70 -27.71 -29.06
N VAL C 330 41.51 -28.86 -29.72
CA VAL C 330 42.62 -29.49 -30.43
C VAL C 330 42.99 -28.66 -31.65
N PHE C 331 42.00 -28.03 -32.28
CA PHE C 331 42.29 -27.20 -33.45
C PHE C 331 43.11 -25.98 -33.06
N LEU C 332 42.76 -25.32 -31.96
CA LEU C 332 43.53 -24.17 -31.53
C LEU C 332 44.90 -24.61 -31.02
N ALA C 333 44.97 -25.76 -30.37
CA ALA C 333 46.26 -26.31 -29.99
C ALA C 333 47.19 -26.49 -31.20
N ASN C 334 46.67 -27.08 -32.28
CA ASN C 334 47.45 -27.21 -33.51
C ASN C 334 47.83 -25.86 -34.09
N ALA C 335 46.91 -24.89 -34.06
CA ALA C 335 47.20 -23.56 -34.59
C ALA C 335 48.22 -22.80 -33.76
N LEU C 336 48.24 -22.98 -32.44
CA LEU C 336 49.21 -22.33 -31.58
C LEU C 336 50.49 -23.16 -31.39
N SER C 337 50.54 -24.38 -31.95
CA SER C 337 51.67 -25.26 -31.68
C SER C 337 53.00 -24.56 -31.89
N ASP C 338 53.16 -23.93 -33.06
CA ASP C 338 54.42 -23.29 -33.40
C ASP C 338 54.65 -22.05 -32.55
N MET C 339 53.59 -21.38 -32.11
CA MET C 339 53.78 -20.18 -31.32
C MET C 339 54.25 -20.54 -29.93
N VAL C 340 53.63 -21.55 -29.33
CA VAL C 340 53.96 -21.93 -27.97
C VAL C 340 55.30 -22.68 -27.91
N SER C 341 55.67 -23.37 -29.00
CA SER C 341 56.99 -24.02 -29.02
C SER C 341 58.11 -23.03 -29.32
N HIS C 342 57.80 -21.95 -30.02
CA HIS C 342 58.77 -20.88 -30.23
C HIS C 342 58.84 -19.96 -29.03
N MET C 343 57.84 -20.04 -28.14
CA MET C 343 57.84 -19.33 -26.87
C MET C 343 58.25 -20.27 -25.74
N GLY C 344 58.68 -19.68 -24.63
CA GLY C 344 58.93 -20.44 -23.42
C GLY C 344 57.67 -20.55 -22.60
N ILE C 345 57.71 -21.41 -21.56
CA ILE C 345 56.59 -21.41 -20.63
C ILE C 345 56.61 -20.14 -19.78
N PHE C 346 57.78 -19.52 -19.63
CA PHE C 346 57.84 -18.20 -19.02
C PHE C 346 57.14 -17.19 -19.90
N VAL C 347 57.60 -17.08 -21.15
CA VAL C 347 56.99 -16.16 -22.10
C VAL C 347 55.47 -16.34 -22.11
N VAL C 348 55.04 -17.59 -22.28
CA VAL C 348 53.61 -17.90 -22.35
C VAL C 348 52.88 -17.38 -21.11
N ILE C 349 53.29 -17.81 -19.90
CA ILE C 349 52.55 -17.41 -18.71
C ILE C 349 52.71 -15.93 -18.35
N LEU C 350 53.70 -15.27 -18.93
CA LEU C 350 53.81 -13.82 -18.78
C LEU C 350 52.80 -13.13 -19.67
N VAL C 351 52.70 -13.60 -20.91
CA VAL C 351 51.72 -13.04 -21.84
C VAL C 351 50.31 -13.24 -21.28
N VAL C 352 50.03 -14.45 -20.79
CA VAL C 352 48.71 -14.73 -20.20
C VAL C 352 48.44 -13.80 -19.02
N ALA C 353 49.28 -13.86 -17.98
CA ALA C 353 49.08 -13.01 -16.82
C ALA C 353 48.87 -11.54 -17.19
N THR C 354 49.72 -10.99 -18.06
CA THR C 354 49.50 -9.61 -18.51
C THR C 354 48.14 -9.45 -19.17
N PHE C 355 47.86 -10.28 -20.18
CA PHE C 355 46.63 -10.12 -20.97
C PHE C 355 45.43 -10.03 -20.04
N VAL C 356 45.31 -10.96 -19.10
CA VAL C 356 44.13 -10.95 -18.24
C VAL C 356 44.19 -9.80 -17.25
N VAL C 357 45.34 -9.61 -16.58
CA VAL C 357 45.45 -8.56 -15.56
C VAL C 357 44.96 -7.22 -16.13
N PHE C 358 45.10 -7.02 -17.44
CA PHE C 358 44.59 -5.81 -18.07
C PHE C 358 43.22 -5.95 -18.70
N LEU C 359 42.86 -7.12 -19.21
CA LEU C 359 41.51 -7.33 -19.73
C LEU C 359 40.46 -7.17 -18.63
N THR C 360 40.79 -7.58 -17.40
CA THR C 360 39.85 -7.51 -16.30
C THR C 360 39.49 -6.08 -15.92
N GLU C 361 40.22 -5.08 -16.42
CA GLU C 361 39.85 -3.69 -16.16
C GLU C 361 38.66 -3.28 -17.01
N PHE C 362 38.54 -3.83 -18.22
CA PHE C 362 37.48 -3.46 -19.15
C PHE C 362 36.23 -4.32 -19.02
N ALA C 363 36.34 -5.56 -18.56
CA ALA C 363 35.17 -6.42 -18.49
C ALA C 363 35.16 -7.16 -17.15
N SER C 364 34.01 -7.74 -16.85
CA SER C 364 33.76 -8.43 -15.59
C SER C 364 34.82 -9.48 -15.26
N ASN C 365 35.33 -9.43 -14.02
CA ASN C 365 36.26 -10.43 -13.52
C ASN C 365 35.76 -11.82 -13.88
N THR C 366 34.53 -12.13 -13.46
CA THR C 366 34.05 -13.49 -13.61
C THR C 366 33.67 -13.77 -15.04
N ALA C 367 33.04 -12.83 -15.75
CA ALA C 367 32.81 -13.04 -17.17
C ALA C 367 34.12 -13.36 -17.88
N SER C 368 35.20 -12.69 -17.48
CA SER C 368 36.53 -12.94 -18.05
C SER C 368 37.04 -14.32 -17.68
N ALA C 369 36.82 -14.75 -16.44
CA ALA C 369 37.25 -16.10 -16.09
C ALA C 369 36.42 -17.13 -16.84
N ALA C 370 35.10 -16.93 -16.91
CA ALA C 370 34.21 -17.86 -17.60
C ALA C 370 34.58 -17.99 -19.06
N LEU C 371 35.17 -16.94 -19.64
CA LEU C 371 35.59 -17.07 -21.04
C LEU C 371 36.96 -17.72 -21.16
N LEU C 372 37.95 -17.23 -20.41
CA LEU C 372 39.33 -17.64 -20.67
C LEU C 372 39.70 -18.97 -20.01
N ILE C 373 39.15 -19.30 -18.85
CA ILE C 373 39.48 -20.56 -18.20
C ILE C 373 39.17 -21.75 -19.10
N PRO C 374 37.99 -21.86 -19.70
CA PRO C 374 37.76 -22.98 -20.61
C PRO C 374 38.72 -23.06 -21.79
N VAL C 375 38.81 -21.99 -22.58
CA VAL C 375 39.69 -21.99 -23.75
C VAL C 375 41.10 -22.45 -23.39
N PHE C 376 41.66 -21.86 -22.34
CA PHE C 376 43.03 -22.18 -21.97
C PHE C 376 43.16 -23.56 -21.36
N ALA C 377 42.32 -23.90 -20.38
CA ALA C 377 42.43 -25.22 -19.78
C ALA C 377 42.32 -26.32 -20.84
N THR C 378 41.40 -26.18 -21.79
CA THR C 378 41.22 -27.25 -22.78
C THR C 378 42.33 -27.26 -23.83
N VAL C 379 42.85 -26.10 -24.22
CA VAL C 379 43.98 -26.11 -25.14
C VAL C 379 45.21 -26.68 -24.46
N ALA C 380 45.49 -26.22 -23.24
CA ALA C 380 46.59 -26.79 -22.45
C ALA C 380 46.44 -28.30 -22.36
N GLU C 381 45.20 -28.78 -22.27
CA GLU C 381 44.96 -30.22 -22.21
C GLU C 381 45.23 -30.89 -23.55
N ALA C 382 45.00 -30.19 -24.66
CA ALA C 382 45.34 -30.73 -25.97
C ALA C 382 46.85 -30.81 -26.18
N PHE C 383 47.61 -29.89 -25.57
CA PHE C 383 49.06 -29.99 -25.51
C PHE C 383 49.52 -31.01 -24.48
N GLY C 384 48.58 -31.61 -23.77
CA GLY C 384 48.92 -32.61 -22.77
C GLY C 384 49.72 -32.06 -21.62
N MET C 385 49.52 -30.80 -21.27
CA MET C 385 50.16 -30.22 -20.09
C MET C 385 49.04 -30.06 -19.06
N SER C 386 49.37 -30.21 -17.79
CA SER C 386 48.40 -30.03 -16.72
C SER C 386 47.74 -28.66 -16.73
N PRO C 387 46.43 -28.60 -17.00
CA PRO C 387 45.76 -27.30 -17.16
C PRO C 387 45.64 -26.51 -15.87
N VAL C 388 46.01 -27.09 -14.73
CA VAL C 388 45.84 -26.42 -13.44
C VAL C 388 46.57 -25.08 -13.42
N LEU C 389 47.81 -25.06 -13.87
CA LEU C 389 48.61 -23.84 -13.76
C LEU C 389 47.96 -22.67 -14.49
N LEU C 390 47.72 -22.81 -15.79
CA LEU C 390 47.11 -21.73 -16.54
C LEU C 390 45.76 -21.33 -15.96
N SER C 391 44.97 -22.30 -15.52
CA SER C 391 43.63 -22.01 -15.00
C SER C 391 43.68 -21.21 -13.70
N VAL C 392 44.41 -21.70 -12.69
CA VAL C 392 44.56 -20.94 -11.45
C VAL C 392 45.15 -19.57 -11.71
N LEU C 393 46.16 -19.49 -12.60
CA LEU C 393 46.74 -18.20 -12.94
C LEU C 393 45.65 -17.24 -13.44
N ILE C 394 44.96 -17.63 -14.51
CA ILE C 394 43.87 -16.81 -15.05
C ILE C 394 42.91 -16.39 -13.95
N ALA C 395 42.54 -17.34 -13.07
CA ALA C 395 41.57 -17.03 -12.03
C ALA C 395 42.08 -16.00 -11.05
N VAL C 396 43.39 -16.03 -10.75
CA VAL C 396 43.96 -15.05 -9.82
C VAL C 396 44.06 -13.69 -10.51
N ALA C 397 44.61 -13.67 -11.72
CA ALA C 397 44.79 -12.43 -12.46
C ALA C 397 43.46 -11.77 -12.78
N ALA C 398 42.40 -12.56 -12.97
CA ALA C 398 41.10 -11.98 -13.24
C ALA C 398 40.57 -11.20 -12.05
N SER C 399 41.01 -11.51 -10.83
CA SER C 399 40.61 -10.78 -9.64
C SER C 399 41.53 -9.60 -9.34
N CYS C 400 42.42 -9.25 -10.27
CA CYS C 400 43.36 -8.14 -10.11
C CYS C 400 42.93 -6.91 -10.93
N ALA C 401 41.73 -6.42 -10.64
CA ALA C 401 41.20 -5.21 -11.26
C ALA C 401 41.39 -4.02 -10.32
N PHE C 402 42.32 -3.12 -10.70
CA PHE C 402 42.75 -2.03 -9.83
C PHE C 402 42.69 -0.64 -10.46
N MET C 403 42.59 -0.52 -11.79
CA MET C 403 42.58 0.79 -12.44
C MET C 403 41.22 1.48 -12.29
N LEU C 404 40.54 1.78 -13.39
CA LEU C 404 39.28 2.51 -13.40
C LEU C 404 38.25 1.82 -12.52
N PRO C 405 37.14 2.50 -12.17
CA PRO C 405 36.01 1.78 -11.55
C PRO C 405 35.35 0.92 -12.60
N VAL C 406 34.13 0.39 -12.42
CA VAL C 406 33.56 -0.51 -13.43
C VAL C 406 34.36 -1.78 -13.69
N ALA C 407 35.60 -1.81 -13.24
CA ALA C 407 36.39 -3.03 -13.32
C ALA C 407 35.86 -4.09 -12.35
N THR C 408 35.61 -3.72 -11.10
CA THR C 408 35.00 -4.56 -10.09
C THR C 408 33.99 -3.68 -9.36
N PRO C 409 32.95 -4.27 -8.77
CA PRO C 409 32.05 -3.49 -7.86
C PRO C 409 32.73 -2.79 -6.70
N PRO C 410 33.68 -3.41 -6.01
CA PRO C 410 34.39 -2.67 -4.93
C PRO C 410 35.00 -1.35 -5.38
N ASN C 411 35.58 -1.34 -6.59
CA ASN C 411 36.15 -0.11 -7.13
C ASN C 411 35.08 0.95 -7.32
N ALA C 412 33.95 0.59 -7.92
CA ALA C 412 32.92 1.60 -8.15
C ALA C 412 32.18 1.96 -6.86
N ILE C 413 32.35 1.15 -5.80
CA ILE C 413 31.74 1.42 -4.52
C ILE C 413 32.52 2.48 -3.77
N VAL C 414 33.85 2.33 -3.72
CA VAL C 414 34.67 3.38 -3.09
C VAL C 414 34.81 4.57 -4.01
N PHE C 415 34.46 4.42 -5.30
CA PHE C 415 34.56 5.52 -6.27
C PHE C 415 33.37 6.48 -6.15
N ALA C 416 32.16 5.93 -5.94
CA ALA C 416 30.95 6.73 -5.79
C ALA C 416 30.94 7.62 -4.55
N SER C 417 31.95 7.52 -3.69
CA SER C 417 32.15 8.43 -2.57
C SER C 417 32.54 9.84 -3.03
N GLY C 418 32.05 10.23 -4.21
CA GLY C 418 32.22 11.56 -4.78
C GLY C 418 33.51 12.29 -4.48
N HIS C 419 34.61 11.54 -4.45
CA HIS C 419 35.89 12.12 -4.07
C HIS C 419 37.08 11.70 -4.91
N ILE C 420 37.25 10.40 -5.12
CA ILE C 420 38.45 9.90 -5.79
C ILE C 420 38.42 10.21 -7.27
N LYS C 421 39.52 10.79 -7.76
CA LYS C 421 39.57 11.20 -9.15
C LYS C 421 39.87 9.98 -10.02
N GLN C 422 39.28 10.00 -11.21
CA GLN C 422 39.55 8.97 -12.21
C GLN C 422 41.04 8.74 -12.42
N SER C 423 41.80 9.81 -12.63
CA SER C 423 43.23 9.69 -12.90
C SER C 423 43.98 9.05 -11.74
N GLU C 424 43.61 9.41 -10.50
CA GLU C 424 44.32 8.88 -9.34
C GLU C 424 44.24 7.36 -9.31
N MET C 425 43.02 6.84 -9.38
CA MET C 425 42.83 5.41 -9.35
C MET C 425 43.47 4.78 -10.58
N MET C 426 43.30 5.41 -11.76
CA MET C 426 43.85 4.83 -12.98
C MET C 426 45.37 4.67 -12.93
N ARG C 427 46.05 5.40 -12.05
CA ARG C 427 47.51 5.28 -12.04
C ARG C 427 48.03 4.54 -10.83
N VAL C 428 47.25 4.45 -9.76
CA VAL C 428 47.66 3.53 -8.71
C VAL C 428 47.40 2.11 -9.23
N GLY C 429 46.31 1.94 -9.96
CA GLY C 429 46.02 0.66 -10.58
C GLY C 429 47.01 0.32 -11.67
N LEU C 430 47.47 1.32 -12.44
CA LEU C 430 48.45 1.02 -13.47
C LEU C 430 49.78 0.56 -12.89
N TYR C 431 50.17 1.08 -11.72
CA TYR C 431 51.36 0.54 -11.06
C TYR C 431 51.10 -0.84 -10.45
N LEU C 432 50.00 -0.99 -9.71
CA LEU C 432 49.71 -2.26 -9.05
C LEU C 432 49.52 -3.40 -10.05
N ASN C 433 49.00 -3.11 -11.25
CA ASN C 433 48.90 -4.13 -12.29
C ASN C 433 50.25 -4.75 -12.63
N ILE C 434 51.22 -3.94 -13.07
CA ILE C 434 52.55 -4.45 -13.34
C ILE C 434 53.16 -5.15 -12.12
N ALA C 435 53.03 -4.54 -10.94
CA ALA C 435 53.49 -5.20 -9.72
C ALA C 435 52.95 -6.62 -9.60
N CYS C 436 51.69 -6.82 -9.98
CA CYS C 436 51.09 -8.14 -9.91
C CYS C 436 51.57 -9.05 -11.04
N ILE C 437 51.53 -8.59 -12.29
CA ILE C 437 52.08 -9.40 -13.37
C ILE C 437 53.42 -9.97 -12.91
N GLY C 438 54.20 -9.15 -12.19
CA GLY C 438 55.42 -9.62 -11.57
C GLY C 438 55.23 -10.71 -10.53
N LEU C 439 54.62 -10.35 -9.40
CA LEU C 439 54.42 -11.30 -8.31
C LEU C 439 53.84 -12.62 -8.82
N LEU C 440 52.87 -12.54 -9.72
CA LEU C 440 52.20 -13.72 -10.27
C LEU C 440 53.14 -14.54 -11.15
N THR C 441 53.75 -13.95 -12.18
CA THR C 441 54.66 -14.74 -13.01
C THR C 441 55.75 -15.37 -12.16
N ALA C 442 56.23 -14.65 -11.14
CA ALA C 442 57.16 -15.20 -10.16
C ALA C 442 56.62 -16.46 -9.48
N ILE C 443 55.55 -16.31 -8.72
CA ILE C 443 55.00 -17.45 -7.99
C ILE C 443 54.65 -18.58 -8.95
N ALA C 444 54.07 -18.26 -10.11
CA ALA C 444 53.69 -19.29 -11.07
C ALA C 444 54.90 -20.03 -11.61
N MET C 445 56.08 -19.40 -11.58
CA MET C 445 57.29 -20.12 -11.95
C MET C 445 57.77 -20.97 -10.79
N LEU C 446 57.67 -20.44 -9.57
CA LEU C 446 58.11 -21.20 -8.40
C LEU C 446 57.24 -22.42 -8.18
N PHE C 447 55.92 -22.27 -8.32
CA PHE C 447 55.02 -23.41 -8.27
C PHE C 447 55.05 -24.14 -9.62
N TRP C 448 56.18 -24.82 -9.86
CA TRP C 448 56.32 -25.59 -11.10
C TRP C 448 56.79 -26.98 -10.71
N GLN C 449 57.96 -27.07 -10.09
CA GLN C 449 58.47 -28.35 -9.58
C GLN C 449 58.87 -28.18 -8.10
N LEU D 5 14.74 -27.18 22.56
CA LEU D 5 13.85 -26.36 23.38
C LEU D 5 12.59 -25.99 22.59
N HIS D 6 12.76 -25.73 21.30
CA HIS D 6 11.67 -25.38 20.41
C HIS D 6 10.94 -26.62 19.90
N ARG D 7 9.67 -26.43 19.54
CA ARG D 7 8.88 -27.53 19.01
C ARG D 7 9.61 -28.27 17.90
N ASN D 8 10.07 -27.53 16.89
CA ASN D 8 10.62 -28.14 15.70
C ASN D 8 11.96 -28.84 15.98
N SER D 9 12.78 -28.28 16.87
CA SER D 9 14.00 -28.98 17.26
C SER D 9 13.68 -30.34 17.87
N LEU D 10 12.53 -30.44 18.54
CA LEU D 10 12.11 -31.71 19.12
C LEU D 10 11.62 -32.64 18.03
N ILE D 11 10.72 -32.16 17.17
CA ILE D 11 10.28 -32.99 16.06
C ILE D 11 11.49 -33.59 15.34
N VAL D 12 12.52 -32.77 15.10
CA VAL D 12 13.76 -33.25 14.48
C VAL D 12 14.43 -34.35 15.30
N LEU D 13 14.61 -34.11 16.60
CA LEU D 13 15.28 -35.13 17.42
C LEU D 13 14.45 -36.41 17.52
N ALA D 14 13.13 -36.28 17.60
CA ALA D 14 12.25 -37.43 17.58
C ALA D 14 12.31 -38.16 16.24
N ASP D 15 12.53 -37.43 15.16
CA ASP D 15 12.62 -38.07 13.86
C ASP D 15 13.94 -38.81 13.71
N VAL D 16 15.03 -38.21 14.19
CA VAL D 16 16.32 -38.91 14.22
C VAL D 16 16.21 -40.18 15.06
N ALA D 17 15.49 -40.09 16.18
CA ALA D 17 15.19 -41.29 16.96
C ALA D 17 14.43 -42.31 16.12
N LEU D 18 13.30 -41.92 15.55
CA LEU D 18 12.50 -42.81 14.72
C LEU D 18 13.34 -43.50 13.66
N PHE D 19 14.19 -42.73 12.98
CA PHE D 19 15.10 -43.28 11.99
C PHE D 19 16.00 -44.34 12.59
N LEU D 20 16.80 -43.96 13.59
CA LEU D 20 17.66 -44.94 14.27
C LEU D 20 16.91 -46.21 14.65
N ALA D 21 15.70 -46.04 15.19
CA ALA D 21 14.87 -47.18 15.59
C ALA D 21 14.53 -48.07 14.40
N LEU D 22 13.84 -47.52 13.41
CA LEU D 22 13.49 -48.30 12.23
C LEU D 22 14.72 -48.96 11.64
N TYR D 23 15.84 -48.23 11.58
CA TYR D 23 17.07 -48.75 11.01
C TYR D 23 17.54 -50.01 11.73
N HIS D 24 17.58 -49.99 13.06
CA HIS D 24 18.12 -51.13 13.78
C HIS D 24 17.13 -52.27 13.98
N PHE D 25 15.82 -51.99 13.96
CA PHE D 25 14.82 -52.96 14.39
C PHE D 25 14.05 -53.60 13.25
N LEU D 26 13.98 -52.95 12.09
CA LEU D 26 13.27 -53.55 10.97
C LEU D 26 14.00 -54.81 10.50
N PRO D 27 13.27 -55.88 10.21
CA PRO D 27 13.93 -57.16 9.93
C PRO D 27 14.02 -57.52 8.46
N PHE D 28 14.56 -56.64 7.62
CA PHE D 28 14.62 -56.91 6.19
C PHE D 28 16.05 -56.80 5.68
N GLU D 29 16.21 -57.19 4.42
CA GLU D 29 17.45 -56.95 3.70
C GLU D 29 17.87 -55.50 3.85
N HIS D 30 19.18 -55.31 4.08
CA HIS D 30 19.72 -54.03 4.51
C HIS D 30 19.23 -52.87 3.64
N ASN D 31 19.25 -53.04 2.32
CA ASN D 31 18.85 -51.94 1.44
C ASN D 31 17.40 -51.50 1.69
N VAL D 32 16.50 -52.46 1.87
CA VAL D 32 15.10 -52.12 2.14
C VAL D 32 14.98 -51.38 3.47
N VAL D 33 15.69 -51.85 4.49
CA VAL D 33 15.69 -51.17 5.78
C VAL D 33 16.12 -49.71 5.62
N LEU D 34 17.25 -49.48 4.96
CA LEU D 34 17.74 -48.13 4.74
C LEU D 34 16.74 -47.28 3.97
N GLY D 35 16.15 -47.83 2.92
CA GLY D 35 15.18 -47.09 2.14
C GLY D 35 13.93 -46.72 2.93
N ILE D 36 13.40 -47.64 3.72
CA ILE D 36 12.23 -47.35 4.53
C ILE D 36 12.56 -46.30 5.58
N SER D 37 13.65 -46.48 6.32
CA SER D 37 14.05 -45.51 7.33
C SER D 37 14.16 -44.11 6.74
N MET D 38 14.84 -43.99 5.59
CA MET D 38 14.94 -42.70 4.95
C MET D 38 13.57 -42.16 4.54
N LEU D 39 12.71 -43.00 3.97
CA LEU D 39 11.38 -42.55 3.59
C LEU D 39 10.62 -41.97 4.78
N ALA D 40 10.60 -42.69 5.90
CA ALA D 40 9.93 -42.20 7.10
C ALA D 40 10.53 -40.88 7.56
N PHE D 41 11.85 -40.83 7.69
CA PHE D 41 12.53 -39.61 8.09
C PHE D 41 12.06 -38.43 7.28
N ILE D 42 12.24 -38.51 5.96
CA ILE D 42 11.85 -37.41 5.08
C ILE D 42 10.35 -37.12 5.22
N ALA D 43 9.51 -38.16 5.14
CA ALA D 43 8.06 -37.99 5.26
C ALA D 43 7.72 -37.09 6.44
N VAL D 44 8.22 -37.44 7.63
CA VAL D 44 8.02 -36.63 8.83
C VAL D 44 8.53 -35.20 8.61
N LEU D 45 9.81 -35.08 8.26
CA LEU D 45 10.42 -33.77 8.10
C LEU D 45 9.69 -32.88 7.11
N TRP D 46 8.96 -33.46 6.15
CA TRP D 46 8.26 -32.68 5.15
C TRP D 46 6.82 -32.39 5.53
N LEU D 47 6.18 -33.28 6.26
CA LEU D 47 4.79 -33.07 6.66
C LEU D 47 4.70 -32.12 7.85
N THR D 48 5.60 -32.30 8.83
CA THR D 48 5.64 -31.38 9.97
C THR D 48 6.27 -30.06 9.58
N GLU D 49 7.28 -30.09 8.71
CA GLU D 49 8.05 -28.90 8.34
C GLU D 49 8.87 -28.38 9.52
N ALA D 50 9.40 -29.30 10.33
CA ALA D 50 10.34 -28.90 11.37
C ALA D 50 11.53 -28.16 10.77
N LEU D 51 12.06 -28.65 9.66
CA LEU D 51 13.02 -27.91 8.87
C LEU D 51 12.32 -27.42 7.60
N HIS D 52 12.83 -26.33 7.04
CA HIS D 52 12.28 -25.83 5.79
C HIS D 52 12.31 -26.88 4.70
N VAL D 53 11.18 -27.05 4.02
CA VAL D 53 11.11 -27.86 2.80
C VAL D 53 12.37 -27.93 1.97
N THR D 54 13.02 -26.79 1.72
CA THR D 54 14.20 -26.82 0.88
C THR D 54 15.40 -27.41 1.60
N VAL D 55 15.50 -27.22 2.91
CA VAL D 55 16.61 -27.82 3.63
C VAL D 55 16.44 -29.34 3.67
N THR D 56 15.20 -29.84 3.82
CA THR D 56 14.99 -31.28 3.72
C THR D 56 15.34 -31.76 2.33
N ALA D 57 14.97 -30.98 1.31
CA ALA D 57 15.31 -31.38 -0.06
C ALA D 57 16.82 -31.56 -0.19
N ILE D 58 17.59 -30.61 0.36
CA ILE D 58 19.04 -30.75 0.32
C ILE D 58 19.47 -31.92 1.20
N LEU D 59 18.69 -32.24 2.22
CA LEU D 59 19.07 -33.33 3.12
C LEU D 59 18.99 -34.67 2.41
N VAL D 60 18.08 -34.79 1.44
CA VAL D 60 17.89 -36.07 0.75
C VAL D 60 19.19 -36.54 0.11
N PRO D 61 19.83 -35.73 -0.75
CA PRO D 61 21.05 -36.23 -1.41
C PRO D 61 22.20 -36.46 -0.46
N VAL D 62 22.43 -35.56 0.50
CA VAL D 62 23.56 -35.76 1.40
C VAL D 62 23.41 -37.07 2.14
N MET D 63 22.17 -37.52 2.38
CA MET D 63 21.94 -38.84 2.94
C MET D 63 22.23 -39.93 1.91
N ALA D 64 21.56 -39.87 0.75
CA ALA D 64 21.80 -40.86 -0.29
C ALA D 64 23.29 -41.11 -0.47
N VAL D 65 24.07 -40.02 -0.43
CA VAL D 65 25.51 -40.10 -0.64
C VAL D 65 26.21 -40.73 0.55
N PHE D 66 25.88 -40.30 1.78
CA PHE D 66 26.58 -40.88 2.93
C PHE D 66 26.24 -42.35 3.14
N PHE D 67 25.02 -42.78 2.84
CA PHE D 67 24.68 -44.20 2.95
C PHE D 67 25.00 -44.98 1.66
N GLY D 68 25.94 -44.49 0.86
CA GLY D 68 26.44 -45.21 -0.30
C GLY D 68 25.47 -45.55 -1.42
N ILE D 69 24.23 -45.07 -1.33
CA ILE D 69 23.25 -45.37 -2.38
C ILE D 69 23.71 -44.79 -3.72
N PHE D 70 24.21 -43.55 -3.72
CA PHE D 70 24.71 -42.94 -4.95
C PHE D 70 26.04 -42.24 -4.68
N GLU D 71 26.73 -41.88 -5.76
CA GLU D 71 27.90 -41.01 -5.67
C GLU D 71 27.49 -39.54 -5.78
N THR D 72 28.26 -38.68 -5.11
CA THR D 72 27.86 -37.29 -4.93
C THR D 72 27.38 -36.63 -6.22
N GLN D 73 28.13 -36.80 -7.32
CA GLN D 73 27.75 -36.12 -8.55
C GLN D 73 26.48 -36.70 -9.15
N ALA D 74 26.31 -38.02 -9.08
CA ALA D 74 25.07 -38.62 -9.56
C ALA D 74 23.88 -38.07 -8.80
N ALA D 75 23.98 -38.02 -7.47
CA ALA D 75 22.87 -37.50 -6.67
C ALA D 75 22.59 -36.04 -6.99
N LEU D 76 23.63 -35.23 -7.15
CA LEU D 76 23.40 -33.82 -7.39
C LEU D 76 22.77 -33.58 -8.76
N ASN D 77 23.17 -34.37 -9.77
CA ASN D 77 22.67 -34.18 -11.12
C ASN D 77 21.15 -34.12 -11.19
N ASN D 78 20.47 -34.64 -10.17
CA ASN D 78 19.01 -34.57 -10.12
C ASN D 78 18.53 -33.11 -10.12
N PHE D 79 19.23 -32.25 -9.40
CA PHE D 79 18.85 -30.85 -9.30
C PHE D 79 18.93 -30.09 -10.62
N ALA D 80 19.41 -30.70 -11.69
CA ALA D 80 19.46 -30.08 -13.01
C ALA D 80 18.52 -30.79 -13.98
N ASN D 81 17.48 -31.43 -13.48
CA ASN D 81 16.46 -31.99 -14.36
C ASN D 81 15.84 -30.87 -15.19
N SER D 82 15.51 -31.21 -16.45
CA SER D 82 15.02 -30.20 -17.40
C SER D 82 13.70 -29.57 -16.99
N ILE D 83 12.87 -30.26 -16.20
CA ILE D 83 11.64 -29.65 -15.74
C ILE D 83 11.95 -28.49 -14.79
N ILE D 84 12.94 -28.65 -13.92
CA ILE D 84 13.40 -27.54 -13.09
C ILE D 84 13.59 -26.29 -13.93
N PHE D 85 14.27 -26.43 -15.07
CA PHE D 85 14.53 -25.25 -15.91
C PHE D 85 13.27 -24.76 -16.59
N LEU D 86 12.38 -25.65 -17.02
CA LEU D 86 11.10 -25.20 -17.54
C LEU D 86 10.38 -24.33 -16.51
N PHE D 87 10.40 -24.75 -15.25
CA PHE D 87 9.75 -23.97 -14.20
C PHE D 87 10.45 -22.64 -14.00
N LEU D 88 11.79 -22.62 -14.09
CA LEU D 88 12.49 -21.34 -14.01
C LEU D 88 12.13 -20.44 -15.19
N GLY D 89 11.78 -21.04 -16.33
CA GLY D 89 11.31 -20.24 -17.45
C GLY D 89 9.97 -19.61 -17.14
N GLY D 90 9.07 -20.37 -16.52
CA GLY D 90 7.78 -19.80 -16.18
C GLY D 90 7.91 -18.75 -15.09
N PHE D 91 8.93 -18.88 -14.24
CA PHE D 91 9.20 -17.86 -13.23
C PHE D 91 9.66 -16.58 -13.90
N ALA D 92 10.51 -16.68 -14.93
CA ALA D 92 10.99 -15.47 -15.59
C ALA D 92 9.88 -14.83 -16.43
N LEU D 93 8.98 -15.64 -16.98
CA LEU D 93 7.86 -15.08 -17.74
C LEU D 93 6.90 -14.33 -16.83
N ALA D 94 6.69 -14.85 -15.61
CA ALA D 94 5.86 -14.15 -14.65
C ALA D 94 6.54 -12.87 -14.18
N ALA D 95 7.80 -12.98 -13.74
CA ALA D 95 8.57 -11.80 -13.38
C ALA D 95 8.42 -10.72 -14.44
N ALA D 96 8.49 -11.12 -15.71
CA ALA D 96 8.42 -10.15 -16.79
C ALA D 96 7.09 -9.41 -16.80
N MET D 97 5.99 -10.16 -16.90
CA MET D 97 4.72 -9.45 -17.01
C MET D 97 4.31 -8.78 -15.69
N HIS D 98 4.95 -9.11 -14.57
CA HIS D 98 4.70 -8.38 -13.33
C HIS D 98 5.47 -7.06 -13.28
N HIS D 99 6.78 -7.11 -13.52
CA HIS D 99 7.58 -5.89 -13.60
C HIS D 99 7.03 -4.94 -14.66
N GLN D 100 6.52 -5.49 -15.75
CA GLN D 100 5.92 -4.70 -16.82
C GLN D 100 4.53 -4.20 -16.43
N GLY D 101 3.87 -4.85 -15.48
CA GLY D 101 2.55 -4.47 -15.05
C GLY D 101 1.42 -4.96 -15.94
N LEU D 102 1.70 -5.88 -16.86
CA LEU D 102 0.67 -6.45 -17.72
C LEU D 102 -0.38 -7.24 -16.94
N ASP D 103 -0.11 -7.57 -15.68
CA ASP D 103 -1.11 -8.23 -14.86
C ASP D 103 -2.14 -7.22 -14.36
N LYS D 104 -1.66 -6.01 -14.06
CA LYS D 104 -2.57 -4.94 -13.68
C LYS D 104 -3.49 -4.59 -14.84
N VAL D 105 -2.91 -4.42 -16.03
CA VAL D 105 -3.74 -4.05 -17.18
C VAL D 105 -4.72 -5.17 -17.51
N ILE D 106 -4.31 -6.43 -17.38
CA ILE D 106 -5.24 -7.53 -17.64
C ILE D 106 -6.33 -7.61 -16.58
N ALA D 107 -6.05 -7.13 -15.38
CA ALA D 107 -7.06 -7.07 -14.33
C ALA D 107 -8.02 -5.92 -14.58
N ASP D 108 -7.48 -4.71 -14.76
CA ASP D 108 -8.28 -3.51 -14.99
C ASP D 108 -9.18 -3.65 -16.21
N LYS D 109 -8.60 -3.97 -17.36
CA LYS D 109 -9.35 -4.08 -18.62
C LYS D 109 -10.52 -5.04 -18.49
N VAL D 110 -10.36 -6.14 -17.75
CA VAL D 110 -11.46 -7.09 -17.56
C VAL D 110 -12.42 -6.63 -16.46
N LEU D 111 -11.90 -6.02 -15.39
CA LEU D 111 -12.74 -5.56 -14.30
C LEU D 111 -13.60 -4.37 -14.72
N ALA D 112 -13.03 -3.45 -15.51
CA ALA D 112 -13.79 -2.31 -16.00
C ALA D 112 -14.67 -2.65 -17.20
N MET D 113 -14.63 -3.90 -17.68
CA MET D 113 -15.63 -4.36 -18.63
C MET D 113 -16.98 -4.48 -17.94
N ALA D 114 -16.97 -4.88 -16.66
CA ALA D 114 -18.16 -4.78 -15.83
C ALA D 114 -18.37 -3.32 -15.45
N GLN D 115 -19.49 -2.76 -15.88
CA GLN D 115 -19.69 -1.31 -15.86
C GLN D 115 -19.82 -0.77 -14.43
N GLY D 116 -20.68 -1.39 -13.64
CA GLY D 116 -20.95 -0.87 -12.32
C GLY D 116 -21.79 -1.77 -11.42
N LYS D 117 -21.76 -3.08 -11.68
CA LYS D 117 -22.54 -4.08 -10.97
C LYS D 117 -21.65 -5.01 -10.13
N MET D 118 -21.95 -5.12 -8.84
CA MET D 118 -21.22 -6.06 -7.98
C MET D 118 -21.49 -7.50 -8.37
N SER D 119 -22.62 -7.76 -9.02
CA SER D 119 -22.91 -9.10 -9.53
C SER D 119 -21.84 -9.55 -10.51
N VAL D 120 -21.52 -8.72 -11.51
CA VAL D 120 -20.57 -9.10 -12.56
C VAL D 120 -19.17 -8.61 -12.21
N ALA D 121 -18.99 -8.17 -10.95
CA ALA D 121 -17.66 -7.79 -10.47
C ALA D 121 -16.88 -8.97 -9.93
N VAL D 122 -17.47 -9.67 -8.95
CA VAL D 122 -16.83 -10.80 -8.29
C VAL D 122 -16.70 -11.97 -9.24
N PHE D 123 -17.64 -12.13 -10.16
CA PHE D 123 -17.54 -13.21 -11.14
C PHE D 123 -16.37 -12.99 -12.08
N MET D 124 -16.06 -11.73 -12.40
CA MET D 124 -14.88 -11.46 -13.20
C MET D 124 -13.62 -11.44 -12.34
N LEU D 125 -13.74 -11.19 -11.05
CA LEU D 125 -12.58 -11.27 -10.19
C LEU D 125 -12.13 -12.72 -10.05
N PHE D 126 -13.08 -13.64 -10.04
CA PHE D 126 -12.70 -15.05 -9.96
C PHE D 126 -12.18 -15.52 -11.31
N GLY D 127 -12.83 -15.11 -12.40
CA GLY D 127 -12.36 -15.51 -13.72
C GLY D 127 -10.98 -14.95 -14.05
N VAL D 128 -10.63 -13.82 -13.45
CA VAL D 128 -9.31 -13.25 -13.67
C VAL D 128 -8.30 -13.93 -12.75
N THR D 129 -8.57 -13.97 -11.44
CA THR D 129 -7.64 -14.65 -10.54
C THR D 129 -7.30 -16.03 -11.08
N ALA D 130 -8.28 -16.74 -11.62
CA ALA D 130 -8.04 -18.04 -12.22
C ALA D 130 -7.22 -17.97 -13.49
N LEU D 131 -7.59 -17.10 -14.43
CA LEU D 131 -6.82 -17.05 -15.68
C LEU D 131 -5.38 -16.59 -15.45
N LEU D 132 -5.17 -15.68 -14.49
CA LEU D 132 -3.82 -15.24 -14.15
C LEU D 132 -3.04 -16.32 -13.42
N SER D 133 -3.71 -17.12 -12.59
CA SER D 133 -2.98 -18.13 -11.84
C SER D 133 -2.41 -19.22 -12.74
N MET D 134 -2.99 -19.42 -13.93
CA MET D 134 -2.47 -20.41 -14.85
C MET D 134 -0.98 -20.25 -15.12
N TRP D 135 -0.44 -19.02 -15.01
CA TRP D 135 0.91 -18.76 -15.48
C TRP D 135 1.84 -18.17 -14.45
N ILE D 136 1.31 -17.50 -13.43
CA ILE D 136 2.12 -16.68 -12.54
C ILE D 136 2.55 -17.50 -11.33
N SER D 137 1.57 -17.90 -10.53
CA SER D 137 1.82 -18.49 -9.22
C SER D 137 0.48 -18.58 -8.48
N ASN D 138 0.54 -19.00 -7.23
CA ASN D 138 -0.64 -18.96 -6.37
C ASN D 138 -0.48 -17.88 -5.30
N THR D 139 0.54 -18.00 -4.45
CA THR D 139 0.83 -16.95 -3.48
C THR D 139 0.87 -15.56 -4.11
N ALA D 140 1.39 -15.46 -5.33
CA ALA D 140 1.53 -14.17 -5.97
C ALA D 140 0.22 -13.64 -6.53
N THR D 141 -0.58 -14.51 -7.14
CA THR D 141 -1.85 -14.05 -7.70
C THR D 141 -2.78 -13.62 -6.58
N ALA D 142 -2.81 -14.37 -5.48
CA ALA D 142 -3.67 -14.02 -4.36
C ALA D 142 -3.22 -12.70 -3.74
N ALA D 143 -1.92 -12.57 -3.43
CA ALA D 143 -1.45 -11.34 -2.83
C ALA D 143 -1.65 -10.15 -3.75
N MET D 144 -1.67 -10.37 -5.07
CA MET D 144 -1.90 -9.29 -6.01
C MET D 144 -3.39 -8.95 -6.13
N MET D 145 -4.26 -9.94 -5.91
CA MET D 145 -5.70 -9.72 -6.02
C MET D 145 -6.29 -9.10 -4.77
N LEU D 146 -5.74 -9.40 -3.60
CA LEU D 146 -6.32 -8.90 -2.35
C LEU D 146 -6.64 -7.43 -2.40
N PRO D 147 -5.73 -6.53 -2.81
CA PRO D 147 -6.10 -5.10 -2.91
C PRO D 147 -7.27 -4.85 -3.86
N LEU D 148 -7.42 -5.64 -4.94
CA LEU D 148 -8.54 -5.43 -5.86
C LEU D 148 -9.86 -5.95 -5.32
N VAL D 149 -9.78 -6.90 -4.42
CA VAL D 149 -11.01 -7.40 -3.85
C VAL D 149 -11.45 -6.43 -2.74
N LEU D 150 -10.53 -6.04 -1.87
CA LEU D 150 -10.88 -5.04 -0.85
C LEU D 150 -11.27 -3.71 -1.49
N GLY D 151 -10.77 -3.41 -2.70
CA GLY D 151 -11.19 -2.21 -3.40
C GLY D 151 -12.62 -2.27 -3.86
N VAL D 152 -13.04 -3.43 -4.37
CA VAL D 152 -14.41 -3.56 -4.85
C VAL D 152 -15.37 -3.63 -3.67
N LEU D 153 -15.07 -4.47 -2.70
CA LEU D 153 -15.95 -4.68 -1.54
C LEU D 153 -15.84 -3.57 -0.50
N SER D 154 -15.65 -2.33 -0.95
CA SER D 154 -15.60 -1.16 -0.08
C SER D 154 -16.82 -0.28 -0.25
N LYS D 155 -17.59 -0.47 -1.34
CA LYS D 155 -18.88 0.21 -1.50
C LYS D 155 -19.94 -0.48 -0.65
N VAL D 156 -19.98 -1.81 -0.67
CA VAL D 156 -20.73 -2.56 0.33
C VAL D 156 -19.70 -2.75 1.45
N ASP D 157 -19.43 -1.65 2.16
CA ASP D 157 -18.39 -1.55 3.20
C ASP D 157 -18.89 -2.22 4.46
N ALA D 158 -20.20 -2.17 4.64
CA ALA D 158 -20.92 -2.78 5.75
C ALA D 158 -20.28 -4.14 5.97
N ASP D 159 -19.57 -4.28 7.08
CA ASP D 159 -18.91 -5.53 7.44
C ASP D 159 -19.93 -6.31 8.26
N LYS D 160 -21.13 -5.72 8.34
CA LYS D 160 -22.33 -6.49 8.60
C LYS D 160 -22.65 -7.21 7.31
N GLN D 161 -22.01 -6.82 6.21
CA GLN D 161 -22.04 -7.69 5.05
C GLN D 161 -20.72 -8.43 5.05
N ARG D 162 -20.51 -9.09 6.20
CA ARG D 162 -19.26 -9.79 6.40
C ARG D 162 -19.33 -10.91 5.38
N SER D 163 -20.43 -11.65 5.49
CA SER D 163 -20.66 -12.86 4.74
C SER D 163 -20.78 -12.60 3.25
N THR D 164 -20.98 -11.33 2.87
CA THR D 164 -20.93 -10.98 1.44
C THR D 164 -19.52 -11.03 0.92
N TYR D 165 -18.60 -10.39 1.60
CA TYR D 165 -17.29 -10.26 1.01
C TYR D 165 -16.40 -11.37 1.55
N VAL D 166 -17.00 -12.29 2.29
CA VAL D 166 -16.28 -13.50 2.64
C VAL D 166 -16.64 -14.43 1.48
N PHE D 167 -17.86 -14.32 0.94
CA PHE D 167 -18.11 -15.11 -0.26
C PHE D 167 -17.16 -14.64 -1.36
N VAL D 168 -16.98 -13.32 -1.45
CA VAL D 168 -16.16 -12.77 -2.52
C VAL D 168 -14.65 -12.90 -2.28
N LEU D 169 -14.22 -13.15 -1.05
CA LEU D 169 -12.82 -13.39 -0.72
C LEU D 169 -12.43 -14.85 -0.88
N LEU D 170 -13.20 -15.74 -0.24
CA LEU D 170 -12.92 -17.15 -0.37
C LEU D 170 -13.02 -17.55 -1.83
N GLY D 171 -13.78 -16.80 -2.63
CA GLY D 171 -13.87 -17.12 -4.03
C GLY D 171 -12.52 -16.97 -4.71
N VAL D 172 -11.81 -15.87 -4.44
CA VAL D 172 -10.50 -15.67 -5.08
C VAL D 172 -9.45 -16.59 -4.45
N ALA D 173 -9.51 -16.79 -3.13
CA ALA D 173 -8.55 -17.68 -2.49
C ALA D 173 -8.66 -19.10 -3.03
N TYR D 174 -9.80 -19.45 -3.61
CA TYR D 174 -10.02 -20.75 -4.22
C TYR D 174 -9.73 -20.73 -5.71
N SER D 175 -10.09 -19.62 -6.37
CA SER D 175 -9.79 -19.45 -7.79
C SER D 175 -8.30 -19.46 -8.06
N ALA D 176 -7.48 -18.99 -7.12
CA ALA D 176 -6.04 -19.08 -7.33
C ALA D 176 -5.56 -20.52 -7.31
N SER D 177 -6.06 -21.33 -6.39
CA SER D 177 -5.62 -22.71 -6.31
C SER D 177 -6.18 -23.52 -7.46
N ILE D 178 -7.41 -23.23 -7.91
CA ILE D 178 -7.95 -23.98 -9.03
C ILE D 178 -7.25 -23.55 -10.33
N GLY D 179 -7.01 -22.26 -10.51
CA GLY D 179 -6.29 -21.80 -11.69
C GLY D 179 -4.87 -22.32 -11.72
N GLY D 180 -4.35 -22.74 -10.57
CA GLY D 180 -3.00 -23.25 -10.49
C GLY D 180 -2.91 -24.69 -10.92
N ILE D 181 -4.05 -25.29 -11.22
CA ILE D 181 -4.15 -26.67 -11.68
C ILE D 181 -4.26 -26.75 -13.20
N ALA D 182 -4.13 -25.61 -13.88
CA ALA D 182 -4.39 -25.59 -15.31
C ALA D 182 -3.19 -25.98 -16.16
N THR D 183 -1.98 -25.56 -15.77
CA THR D 183 -0.80 -25.78 -16.60
C THR D 183 0.41 -26.17 -15.76
N LEU D 184 1.44 -26.68 -16.46
CA LEU D 184 2.65 -27.15 -15.80
C LEU D 184 3.34 -26.04 -15.01
N VAL D 185 3.35 -24.83 -15.53
CA VAL D 185 3.66 -23.69 -14.67
C VAL D 185 2.38 -23.32 -13.94
N GLY D 186 2.51 -22.96 -12.66
CA GLY D 186 1.34 -22.66 -11.87
C GLY D 186 1.55 -23.03 -10.41
N SER D 187 1.54 -24.33 -10.14
CA SER D 187 1.83 -24.84 -8.82
C SER D 187 2.91 -25.93 -8.94
N PRO D 188 3.88 -25.92 -8.04
CA PRO D 188 4.95 -26.92 -8.08
C PRO D 188 4.46 -28.36 -8.22
N PRO D 189 3.40 -28.78 -7.52
CA PRO D 189 3.02 -30.21 -7.61
C PRO D 189 2.94 -30.72 -9.04
N ASN D 190 2.32 -29.93 -9.91
CA ASN D 190 2.26 -30.29 -11.33
C ASN D 190 3.63 -30.55 -11.93
N ALA D 191 4.60 -29.69 -11.62
CA ALA D 191 5.96 -29.91 -12.11
C ALA D 191 6.59 -31.15 -11.51
N ILE D 192 6.28 -31.50 -10.26
CA ILE D 192 6.89 -32.69 -9.68
C ILE D 192 6.31 -33.94 -10.34
N ALA D 193 5.01 -33.93 -10.62
CA ALA D 193 4.42 -35.03 -11.37
C ALA D 193 5.03 -35.14 -12.76
N ALA D 194 5.11 -34.01 -13.47
CA ALA D 194 5.67 -34.02 -14.81
C ALA D 194 7.11 -34.51 -14.82
N ALA D 195 7.89 -34.16 -13.80
CA ALA D 195 9.28 -34.60 -13.76
C ALA D 195 9.37 -36.07 -13.40
N GLU D 196 8.41 -36.56 -12.60
CA GLU D 196 8.46 -37.96 -12.20
C GLU D 196 8.11 -38.87 -13.37
N VAL D 197 6.97 -38.62 -14.03
CA VAL D 197 6.52 -39.54 -15.08
C VAL D 197 6.95 -39.11 -16.48
N GLY D 198 7.52 -37.92 -16.63
CA GLY D 198 7.97 -37.43 -17.91
C GLY D 198 6.90 -36.86 -18.81
N LEU D 199 6.13 -35.91 -18.27
CA LEU D 199 5.11 -35.22 -19.04
C LEU D 199 5.66 -33.99 -19.74
N SER D 200 5.05 -33.69 -20.89
CA SER D 200 5.30 -32.43 -21.58
C SER D 200 4.30 -31.41 -21.06
N PHE D 201 4.47 -30.16 -21.47
CA PHE D 201 3.54 -29.12 -21.03
C PHE D 201 2.13 -29.40 -21.56
N THR D 202 2.01 -29.71 -22.85
CA THR D 202 0.69 -29.95 -23.42
C THR D 202 0.04 -31.22 -22.90
N ASP D 203 0.82 -32.15 -22.36
CA ASP D 203 0.23 -33.33 -21.75
C ASP D 203 -0.50 -32.94 -20.47
N TRP D 204 0.19 -32.21 -19.60
CA TRP D 204 -0.42 -31.88 -18.33
C TRP D 204 -1.54 -30.88 -18.55
N MET D 205 -1.52 -30.13 -19.65
CA MET D 205 -2.65 -29.25 -19.91
C MET D 205 -3.86 -30.06 -20.37
N LYS D 206 -3.64 -31.10 -21.20
CA LYS D 206 -4.72 -31.99 -21.60
C LYS D 206 -5.41 -32.60 -20.40
N PHE D 207 -4.66 -32.81 -19.32
CA PHE D 207 -5.30 -33.30 -18.09
C PHE D 207 -5.93 -32.15 -17.30
N GLY D 208 -5.11 -31.26 -16.77
CA GLY D 208 -5.55 -30.29 -15.78
C GLY D 208 -6.53 -29.22 -16.24
N LEU D 209 -6.36 -28.68 -17.47
CA LEU D 209 -7.26 -27.61 -17.88
C LEU D 209 -8.72 -28.00 -17.86
N PRO D 210 -9.15 -29.14 -18.40
CA PRO D 210 -10.52 -29.61 -18.14
C PRO D 210 -10.92 -29.60 -16.68
N THR D 211 -10.09 -30.17 -15.81
CA THR D 211 -10.40 -30.22 -14.38
C THR D 211 -10.56 -28.83 -13.77
N ALA D 212 -9.74 -27.86 -14.19
CA ALA D 212 -9.90 -26.50 -13.69
C ALA D 212 -11.18 -25.87 -14.22
N MET D 213 -11.49 -26.11 -15.50
CA MET D 213 -12.72 -25.56 -16.07
C MET D 213 -13.94 -26.07 -15.32
N MET D 214 -13.90 -27.35 -14.92
CA MET D 214 -15.01 -27.91 -14.16
C MET D 214 -15.02 -27.46 -12.71
N MET D 215 -13.86 -27.39 -12.08
CA MET D 215 -13.81 -27.22 -10.63
C MET D 215 -14.02 -25.76 -10.24
N LEU D 216 -13.73 -24.81 -11.14
CA LEU D 216 -13.94 -23.41 -10.79
C LEU D 216 -15.43 -23.13 -10.67
N PRO D 217 -16.27 -23.52 -11.65
CA PRO D 217 -17.72 -23.40 -11.42
C PRO D 217 -18.21 -24.14 -10.20
N MET D 218 -17.85 -25.42 -10.05
CA MET D 218 -18.33 -26.20 -8.91
C MET D 218 -17.97 -25.56 -7.57
N ALA D 219 -16.83 -24.87 -7.49
CA ALA D 219 -16.41 -24.28 -6.24
C ALA D 219 -17.13 -22.95 -6.01
N ILE D 220 -17.34 -22.18 -7.08
CA ILE D 220 -18.10 -20.95 -6.91
C ILE D 220 -19.54 -21.30 -6.54
N ALA D 221 -20.13 -22.28 -7.22
CA ALA D 221 -21.45 -22.78 -6.87
C ALA D 221 -21.55 -23.14 -5.40
N ILE D 222 -20.55 -23.83 -4.86
CA ILE D 222 -20.63 -24.25 -3.46
C ILE D 222 -20.53 -23.05 -2.52
N LEU D 223 -19.69 -22.07 -2.86
CA LEU D 223 -19.63 -20.86 -2.04
C LEU D 223 -20.92 -20.05 -2.13
N TYR D 224 -21.49 -19.99 -3.34
CA TYR D 224 -22.75 -19.30 -3.62
C TYR D 224 -23.89 -19.82 -2.76
N PHE D 225 -24.21 -21.10 -2.89
CA PHE D 225 -25.34 -21.74 -2.22
C PHE D 225 -24.96 -22.04 -0.78
N LEU D 226 -24.04 -21.25 -0.24
CA LEU D 226 -24.05 -21.08 1.20
C LEU D 226 -24.66 -19.69 1.35
N LEU D 227 -23.97 -18.72 1.92
CA LEU D 227 -24.61 -17.45 2.31
C LEU D 227 -24.12 -16.32 1.40
N LYS D 228 -24.74 -16.19 0.21
CA LYS D 228 -24.34 -15.15 -0.73
C LYS D 228 -25.42 -14.08 -0.84
N PRO D 229 -25.10 -12.82 -0.47
CA PRO D 229 -26.05 -11.71 -0.67
C PRO D 229 -25.57 -10.61 -1.62
N THR D 230 -25.10 -10.96 -2.82
CA THR D 230 -24.34 -10.03 -3.65
C THR D 230 -25.03 -9.55 -4.92
N LEU D 231 -26.30 -9.88 -5.15
CA LEU D 231 -27.03 -9.27 -6.26
C LEU D 231 -27.31 -7.78 -6.08
N ASN D 232 -26.81 -7.18 -5.00
CA ASN D 232 -26.94 -5.76 -4.73
C ASN D 232 -25.58 -5.11 -4.53
N GLY D 233 -25.54 -3.79 -4.67
CA GLY D 233 -24.32 -3.02 -4.49
C GLY D 233 -23.96 -2.23 -5.73
N MET D 234 -22.96 -1.36 -5.56
CA MET D 234 -22.43 -0.59 -6.67
C MET D 234 -20.91 -0.52 -6.59
N PHE D 235 -20.33 -0.05 -7.69
CA PHE D 235 -18.88 0.00 -7.93
C PHE D 235 -18.29 1.34 -7.53
N GLU D 236 -17.08 1.30 -6.94
CA GLU D 236 -16.19 2.47 -6.86
C GLU D 236 -14.91 2.20 -7.64
N LEU D 237 -14.87 2.63 -8.91
CA LEU D 237 -13.72 2.44 -9.80
C LEU D 237 -12.63 3.48 -9.54
N ASP D 238 -12.00 3.36 -8.36
CA ASP D 238 -11.15 4.42 -7.82
C ASP D 238 -9.67 4.06 -7.96
N ARG D 239 -9.02 4.67 -8.97
CA ARG D 239 -7.58 4.56 -9.23
C ARG D 239 -7.28 5.04 -10.66
N ALA D 240 -5.99 5.22 -10.96
CA ALA D 240 -5.54 5.62 -12.31
C ALA D 240 -5.71 4.51 -13.35
N PRO D 241 -6.31 4.79 -14.50
CA PRO D 241 -6.46 3.75 -15.54
C PRO D 241 -5.12 3.24 -16.08
N VAL D 242 -5.20 2.19 -16.89
CA VAL D 242 -4.03 1.52 -17.44
C VAL D 242 -3.92 1.76 -18.94
N ASN D 243 -2.70 1.62 -19.45
CA ASN D 243 -2.43 1.80 -20.88
C ASN D 243 -1.17 1.06 -21.32
N TRP D 244 -1.26 0.38 -22.47
CA TRP D 244 -0.16 -0.42 -23.01
C TRP D 244 0.99 0.52 -23.42
N ASP D 245 2.09 0.50 -22.66
CA ASP D 245 3.23 1.39 -22.93
C ASP D 245 4.38 0.66 -23.64
N LYS D 246 5.64 0.98 -23.26
CA LYS D 246 6.84 0.46 -23.92
C LYS D 246 6.78 -1.06 -24.01
N GLY D 247 6.14 -1.54 -25.06
CA GLY D 247 5.98 -2.95 -25.27
C GLY D 247 5.45 -3.75 -24.10
N LYS D 248 4.31 -3.33 -23.53
CA LYS D 248 3.49 -4.30 -22.85
C LYS D 248 2.94 -5.25 -23.89
N VAL D 249 2.89 -4.75 -25.13
CA VAL D 249 2.57 -5.55 -26.30
C VAL D 249 3.71 -6.50 -26.63
N VAL D 250 4.96 -6.06 -26.41
CA VAL D 250 6.10 -6.96 -26.60
C VAL D 250 6.05 -8.11 -25.59
N THR D 251 5.87 -7.78 -24.31
CA THR D 251 5.71 -8.82 -23.30
C THR D 251 4.57 -9.77 -23.66
N LEU D 252 3.43 -9.22 -24.10
CA LEU D 252 2.36 -10.06 -24.60
C LEU D 252 2.81 -10.92 -25.77
N GLY D 253 3.54 -10.34 -26.72
CA GLY D 253 3.96 -11.09 -27.89
C GLY D 253 4.84 -12.27 -27.52
N ILE D 254 5.85 -12.03 -26.68
CA ILE D 254 6.71 -13.11 -26.22
C ILE D 254 5.91 -14.16 -25.46
N PHE D 255 5.11 -13.73 -24.47
CA PHE D 255 4.26 -14.67 -23.75
C PHE D 255 3.47 -15.54 -24.72
N GLY D 256 2.72 -14.90 -25.62
CA GLY D 256 1.94 -15.62 -26.60
C GLY D 256 2.74 -16.60 -27.41
N LEU D 257 3.85 -16.14 -28.00
CA LEU D 257 4.73 -17.00 -28.77
C LEU D 257 5.19 -18.22 -27.98
N THR D 258 5.62 -17.99 -26.74
CA THR D 258 6.04 -19.09 -25.87
C THR D 258 4.91 -20.08 -25.62
N VAL D 259 3.74 -19.59 -25.19
CA VAL D 259 2.62 -20.49 -24.94
C VAL D 259 2.19 -21.21 -26.21
N PHE D 260 2.31 -20.56 -27.35
CA PHE D 260 2.00 -21.21 -28.63
C PHE D 260 2.95 -22.38 -28.86
N LEU D 261 4.25 -22.13 -28.75
CA LEU D 261 5.23 -23.20 -28.94
C LEU D 261 5.04 -24.31 -27.91
N TRP D 262 4.63 -23.97 -26.68
CA TRP D 262 4.40 -24.99 -25.66
C TRP D 262 3.24 -25.89 -26.04
N ILE D 263 2.15 -25.30 -26.57
CA ILE D 263 1.00 -26.10 -26.98
C ILE D 263 1.34 -26.96 -28.20
N PHE D 264 1.91 -26.35 -29.24
CA PHE D 264 2.24 -27.03 -30.49
C PHE D 264 3.63 -27.67 -30.47
N SER D 265 4.18 -27.94 -29.29
CA SER D 265 5.51 -28.51 -29.18
C SER D 265 5.63 -29.84 -29.92
N SER D 266 4.59 -30.67 -29.84
CA SER D 266 4.66 -31.99 -30.47
C SER D 266 4.91 -31.95 -31.97
N PRO D 267 4.14 -31.23 -32.79
CA PRO D 267 4.44 -31.20 -34.22
C PRO D 267 5.63 -30.34 -34.58
N ILE D 268 5.83 -29.19 -33.93
CA ILE D 268 6.97 -28.35 -34.24
C ILE D 268 8.27 -29.12 -34.00
N ASN D 269 8.33 -29.81 -32.85
CA ASN D 269 9.51 -30.58 -32.50
C ASN D 269 9.67 -31.76 -33.44
N ALA D 270 8.58 -32.48 -33.72
CA ALA D 270 8.70 -33.58 -34.69
C ALA D 270 9.22 -33.06 -36.02
N ALA D 271 8.72 -31.90 -36.47
CA ALA D 271 9.16 -31.26 -37.71
C ALA D 271 10.35 -30.33 -37.50
N LEU D 272 11.22 -30.67 -36.56
CA LEU D 272 12.45 -29.92 -36.31
C LEU D 272 13.64 -30.83 -36.11
N GLY D 273 13.44 -32.14 -35.96
CA GLY D 273 14.49 -33.09 -35.69
C GLY D 273 14.31 -33.79 -34.35
N GLY D 274 13.18 -33.56 -33.71
CA GLY D 274 12.84 -34.20 -32.45
C GLY D 274 13.84 -34.01 -31.33
N PHE D 275 13.92 -32.79 -30.81
CA PHE D 275 14.79 -32.47 -29.68
C PHE D 275 14.24 -33.10 -28.39
N LYS D 276 15.12 -33.21 -27.39
CA LYS D 276 14.88 -34.13 -26.28
C LYS D 276 13.78 -33.64 -25.34
N SER D 277 13.98 -32.47 -24.73
CA SER D 277 12.94 -31.87 -23.87
C SER D 277 12.45 -30.54 -24.41
N PHE D 278 11.84 -30.57 -25.60
CA PHE D 278 11.53 -29.35 -26.33
C PHE D 278 10.95 -28.25 -25.44
N ASP D 279 9.97 -28.59 -24.60
CA ASP D 279 9.36 -27.62 -23.70
C ASP D 279 10.38 -26.84 -22.86
N THR D 280 11.40 -27.54 -22.33
CA THR D 280 12.44 -26.84 -21.58
C THR D 280 13.19 -25.85 -22.45
N LEU D 281 13.51 -26.24 -23.68
CA LEU D 281 14.18 -25.33 -24.59
C LEU D 281 13.31 -24.11 -24.87
N VAL D 282 12.01 -24.32 -25.10
CA VAL D 282 11.09 -23.20 -25.24
C VAL D 282 11.15 -22.27 -24.03
N ALA D 283 11.17 -22.83 -22.83
CA ALA D 283 11.20 -21.97 -21.64
C ALA D 283 12.49 -21.16 -21.57
N LEU D 284 13.62 -21.78 -21.90
CA LEU D 284 14.87 -21.03 -21.87
C LEU D 284 14.89 -20.03 -23.03
N GLY D 285 14.21 -20.37 -24.13
CA GLY D 285 14.10 -19.44 -25.23
C GLY D 285 13.31 -18.23 -24.81
N ALA D 286 12.25 -18.46 -24.04
CA ALA D 286 11.47 -17.35 -23.49
C ALA D 286 12.38 -16.44 -22.69
N ILE D 287 13.17 -17.02 -21.80
CA ILE D 287 14.08 -16.18 -21.00
C ILE D 287 15.00 -15.36 -21.91
N LEU D 288 15.38 -15.95 -23.05
CA LEU D 288 16.32 -15.26 -23.93
C LEU D 288 15.63 -14.14 -24.70
N MET D 289 14.49 -14.44 -25.32
CA MET D 289 13.72 -13.39 -25.99
C MET D 289 13.42 -12.25 -25.03
N LEU D 290 12.92 -12.58 -23.83
CA LEU D 290 12.59 -11.57 -22.83
C LEU D 290 13.79 -10.74 -22.43
N SER D 291 15.00 -11.25 -22.61
CA SER D 291 16.18 -10.48 -22.22
C SER D 291 16.71 -9.67 -23.40
N PHE D 292 16.69 -10.25 -24.61
CA PHE D 292 17.07 -9.52 -25.81
C PHE D 292 16.11 -8.37 -26.10
N ALA D 293 14.81 -8.60 -25.94
CA ALA D 293 13.77 -7.57 -26.06
C ALA D 293 13.78 -6.56 -24.91
N ARG D 294 14.83 -6.61 -24.09
CA ARG D 294 15.13 -5.64 -23.05
C ARG D 294 14.01 -5.47 -22.02
N VAL D 295 12.95 -6.27 -22.15
CA VAL D 295 11.70 -6.02 -21.42
C VAL D 295 11.78 -6.36 -19.94
N VAL D 296 12.75 -7.14 -19.50
CA VAL D 296 12.87 -7.45 -18.08
C VAL D 296 14.32 -7.71 -17.75
N HIS D 297 14.75 -7.24 -16.58
CA HIS D 297 16.13 -7.42 -16.14
C HIS D 297 16.24 -8.72 -15.36
N TRP D 298 17.48 -9.20 -15.21
CA TRP D 298 17.68 -10.48 -14.53
C TRP D 298 17.42 -10.35 -13.03
N LYS D 299 17.82 -9.23 -12.40
CA LYS D 299 17.55 -9.05 -10.98
C LYS D 299 16.08 -9.28 -10.66
N GLU D 300 15.19 -8.94 -11.60
CA GLU D 300 13.77 -9.19 -11.41
C GLU D 300 13.48 -10.69 -11.32
N ILE D 301 13.94 -11.46 -12.32
CA ILE D 301 13.75 -12.90 -12.30
C ILE D 301 14.39 -13.55 -11.08
N GLN D 302 15.52 -13.02 -10.61
CA GLN D 302 16.15 -13.58 -9.41
C GLN D 302 15.33 -13.33 -8.15
N LYS D 303 14.62 -12.20 -8.07
CA LYS D 303 13.71 -12.01 -6.95
C LYS D 303 12.46 -12.88 -7.09
N THR D 304 11.82 -12.84 -8.26
CA THR D 304 10.60 -13.61 -8.49
C THR D 304 10.80 -15.12 -8.34
N ALA D 305 11.89 -15.65 -8.87
CA ALA D 305 12.08 -17.10 -8.87
C ALA D 305 12.21 -17.61 -7.44
N ASP D 306 11.37 -18.60 -7.10
CA ASP D 306 11.48 -19.29 -5.82
C ASP D 306 12.48 -20.44 -5.93
N TRP D 307 13.76 -20.09 -5.79
CA TRP D 307 14.83 -21.07 -5.93
C TRP D 307 14.68 -22.23 -4.95
N GLY D 308 14.06 -21.99 -3.80
CA GLY D 308 13.81 -23.08 -2.87
C GLY D 308 12.94 -24.18 -3.46
N VAL D 309 11.94 -23.79 -4.23
CA VAL D 309 11.09 -24.79 -4.89
C VAL D 309 11.90 -25.52 -5.96
N LEU D 310 12.76 -24.80 -6.67
CA LEU D 310 13.58 -25.44 -7.70
C LEU D 310 14.53 -26.47 -7.09
N LEU D 311 15.11 -26.17 -5.92
CA LEU D 311 15.91 -27.18 -5.23
C LEU D 311 15.04 -28.34 -4.77
N LEU D 312 13.81 -28.03 -4.36
CA LEU D 312 12.90 -29.09 -3.93
C LEU D 312 12.66 -30.10 -5.04
N PHE D 313 12.32 -29.62 -6.24
CA PHE D 313 12.13 -30.52 -7.38
C PHE D 313 13.23 -31.59 -7.39
N GLY D 314 14.47 -31.12 -7.32
CA GLY D 314 15.61 -32.01 -7.33
C GLY D 314 15.59 -33.00 -6.18
N GLY D 315 15.48 -32.49 -4.96
CA GLY D 315 15.39 -33.39 -3.81
C GLY D 315 14.29 -34.44 -3.94
N GLY D 316 13.20 -34.10 -4.62
CA GLY D 316 12.11 -35.06 -4.77
C GLY D 316 12.43 -36.13 -5.79
N LEU D 317 13.08 -35.75 -6.89
CA LEU D 317 13.54 -36.75 -7.84
C LEU D 317 14.61 -37.63 -7.22
N CYS D 318 15.51 -37.04 -6.44
CA CYS D 318 16.50 -37.83 -5.71
C CYS D 318 15.83 -38.84 -4.81
N LEU D 319 14.77 -38.45 -4.08
CA LEU D 319 14.07 -39.43 -3.27
C LEU D 319 13.55 -40.57 -4.14
N SER D 320 12.86 -40.23 -5.24
CA SER D 320 12.35 -41.25 -6.14
C SER D 320 13.43 -42.26 -6.51
N ASN D 321 14.58 -41.76 -6.96
CA ASN D 321 15.67 -42.65 -7.34
C ASN D 321 16.24 -43.44 -6.15
N VAL D 322 16.23 -42.88 -4.94
CA VAL D 322 16.68 -43.67 -3.79
C VAL D 322 15.75 -44.85 -3.57
N LEU D 323 14.44 -44.60 -3.66
CA LEU D 323 13.48 -45.69 -3.54
C LEU D 323 13.72 -46.75 -4.60
N LYS D 324 13.99 -46.35 -5.84
CA LYS D 324 14.21 -47.36 -6.87
C LYS D 324 15.50 -48.14 -6.61
N GLN D 325 16.60 -47.44 -6.39
CA GLN D 325 17.90 -48.11 -6.22
C GLN D 325 17.92 -49.04 -5.02
N THR D 326 17.17 -48.74 -3.96
CA THR D 326 17.18 -49.59 -2.78
C THR D 326 16.14 -50.70 -2.85
N GLY D 327 15.26 -50.67 -3.85
CA GLY D 327 14.22 -51.66 -3.99
C GLY D 327 13.07 -51.49 -3.05
N THR D 328 12.98 -50.33 -2.37
CA THR D 328 11.87 -50.11 -1.45
C THR D 328 10.55 -50.02 -2.23
N SER D 329 10.60 -49.59 -3.49
CA SER D 329 9.40 -49.57 -4.32
C SER D 329 8.88 -50.98 -4.55
N VAL D 330 9.77 -51.91 -4.89
CA VAL D 330 9.33 -53.28 -5.14
C VAL D 330 8.88 -53.94 -3.85
N PHE D 331 9.52 -53.60 -2.73
CA PHE D 331 9.14 -54.17 -1.45
C PHE D 331 7.75 -53.70 -1.03
N LEU D 332 7.45 -52.41 -1.20
CA LEU D 332 6.13 -51.93 -0.85
C LEU D 332 5.08 -52.45 -1.84
N ALA D 333 5.44 -52.57 -3.12
CA ALA D 333 4.54 -53.19 -4.09
C ALA D 333 4.15 -54.60 -3.65
N ASN D 334 5.13 -55.41 -3.27
CA ASN D 334 4.85 -56.76 -2.76
C ASN D 334 3.99 -56.72 -1.50
N ALA D 335 4.26 -55.78 -0.60
CA ALA D 335 3.47 -55.69 0.62
C ALA D 335 2.03 -55.24 0.39
N LEU D 336 1.78 -54.36 -0.58
CA LEU D 336 0.43 -53.92 -0.90
C LEU D 336 -0.26 -54.79 -1.94
N SER D 337 0.45 -55.78 -2.49
CA SER D 337 -0.10 -56.56 -3.59
C SER D 337 -1.50 -57.06 -3.24
N ASP D 338 -1.64 -57.68 -2.06
CA ASP D 338 -2.91 -58.27 -1.66
C ASP D 338 -3.96 -57.21 -1.37
N MET D 339 -3.54 -56.02 -0.91
CA MET D 339 -4.52 -54.98 -0.60
C MET D 339 -5.10 -54.42 -1.88
N VAL D 340 -4.22 -54.15 -2.85
CA VAL D 340 -4.65 -53.53 -4.09
C VAL D 340 -5.40 -54.54 -4.95
N SER D 341 -5.11 -55.83 -4.82
CA SER D 341 -5.88 -56.83 -5.56
C SER D 341 -7.24 -57.09 -4.90
N HIS D 342 -7.34 -56.91 -3.59
CA HIS D 342 -8.64 -57.00 -2.93
C HIS D 342 -9.44 -55.72 -3.07
N MET D 343 -8.79 -54.62 -3.47
CA MET D 343 -9.45 -53.38 -3.80
C MET D 343 -9.56 -53.26 -5.32
N GLY D 344 -10.50 -52.41 -5.76
CA GLY D 344 -10.60 -52.08 -7.16
C GLY D 344 -9.70 -50.90 -7.48
N ILE D 345 -9.53 -50.63 -8.79
CA ILE D 345 -8.84 -49.39 -9.14
C ILE D 345 -9.71 -48.18 -8.82
N PHE D 346 -11.03 -48.39 -8.77
CA PHE D 346 -11.92 -47.36 -8.26
C PHE D 346 -11.65 -47.14 -6.78
N VAL D 347 -11.79 -48.20 -6.00
CA VAL D 347 -11.54 -48.13 -4.57
C VAL D 347 -10.19 -47.47 -4.29
N VAL D 348 -9.14 -47.97 -4.96
CA VAL D 348 -7.79 -47.47 -4.76
C VAL D 348 -7.73 -45.96 -5.03
N ILE D 349 -8.14 -45.52 -6.23
CA ILE D 349 -8.00 -44.10 -6.56
C ILE D 349 -8.96 -43.22 -5.77
N LEU D 350 -9.97 -43.82 -5.14
CA LEU D 350 -10.81 -43.07 -4.22
C LEU D 350 -10.09 -42.89 -2.89
N VAL D 351 -9.45 -43.95 -2.41
CA VAL D 351 -8.67 -43.86 -1.18
C VAL D 351 -7.57 -42.83 -1.35
N VAL D 352 -6.86 -42.90 -2.46
CA VAL D 352 -5.79 -41.95 -2.73
C VAL D 352 -6.33 -40.52 -2.73
N ALA D 353 -7.26 -40.24 -3.64
CA ALA D 353 -7.82 -38.89 -3.70
C ALA D 353 -8.27 -38.38 -2.34
N THR D 354 -9.02 -39.17 -1.58
CA THR D 354 -9.40 -38.74 -0.24
C THR D 354 -8.18 -38.44 0.63
N PHE D 355 -7.27 -39.42 0.74
CA PHE D 355 -6.14 -39.29 1.64
C PHE D 355 -5.42 -37.98 1.40
N VAL D 356 -5.09 -37.69 0.14
CA VAL D 356 -4.35 -36.47 -0.14
C VAL D 356 -5.23 -35.23 0.01
N VAL D 357 -6.43 -35.25 -0.57
CA VAL D 357 -7.29 -34.08 -0.55
C VAL D 357 -7.43 -33.57 0.88
N PHE D 358 -7.33 -34.47 1.86
CA PHE D 358 -7.37 -34.07 3.28
C PHE D 358 -5.99 -33.88 3.91
N LEU D 359 -4.97 -34.64 3.50
CA LEU D 359 -3.62 -34.40 4.03
C LEU D 359 -3.11 -33.02 3.66
N THR D 360 -3.46 -32.53 2.46
CA THR D 360 -2.99 -31.23 2.01
C THR D 360 -3.57 -30.09 2.84
N GLU D 361 -4.57 -30.38 3.68
CA GLU D 361 -5.13 -29.37 4.56
C GLU D 361 -4.18 -29.11 5.73
N PHE D 362 -3.47 -30.14 6.18
CA PHE D 362 -2.59 -30.01 7.32
C PHE D 362 -1.17 -29.64 6.93
N ALA D 363 -0.74 -29.94 5.71
CA ALA D 363 0.64 -29.66 5.31
C ALA D 363 0.71 -29.05 3.91
N SER D 364 1.91 -28.52 3.62
CA SER D 364 2.22 -27.82 2.38
C SER D 364 1.84 -28.58 1.11
N ASN D 365 1.17 -27.89 0.19
CA ASN D 365 0.84 -28.47 -1.11
C ASN D 365 2.03 -29.22 -1.71
N THR D 366 3.14 -28.51 -1.84
CA THR D 366 4.28 -29.08 -2.56
C THR D 366 5.01 -30.08 -1.70
N ALA D 367 5.18 -29.82 -0.41
CA ALA D 367 5.78 -30.84 0.44
C ALA D 367 5.01 -32.17 0.33
N SER D 368 3.68 -32.08 0.26
CA SER D 368 2.85 -33.28 0.10
C SER D 368 3.05 -33.94 -1.25
N ALA D 369 3.14 -33.16 -2.32
CA ALA D 369 3.41 -33.78 -3.61
C ALA D 369 4.80 -34.39 -3.63
N ALA D 370 5.79 -33.66 -3.13
CA ALA D 370 7.17 -34.13 -3.12
C ALA D 370 7.32 -35.42 -2.34
N LEU D 371 6.45 -35.66 -1.35
CA LEU D 371 6.54 -36.91 -0.62
C LEU D 371 5.78 -38.03 -1.35
N LEU D 372 4.53 -37.76 -1.72
CA LEU D 372 3.65 -38.82 -2.19
C LEU D 372 3.83 -39.19 -3.67
N ILE D 373 4.16 -38.22 -4.54
CA ILE D 373 4.33 -38.55 -5.95
C ILE D 373 5.42 -39.60 -6.18
N PRO D 374 6.61 -39.47 -5.61
CA PRO D 374 7.60 -40.54 -5.79
C PRO D 374 7.14 -41.91 -5.30
N VAL D 375 6.74 -42.00 -4.03
CA VAL D 375 6.31 -43.28 -3.46
C VAL D 375 5.27 -43.96 -4.36
N PHE D 376 4.24 -43.23 -4.76
CA PHE D 376 3.18 -43.83 -5.55
C PHE D 376 3.62 -44.13 -6.98
N ALA D 377 4.24 -43.17 -7.68
CA ALA D 377 4.68 -43.45 -9.04
C ALA D 377 5.59 -44.68 -9.10
N THR D 378 6.50 -44.81 -8.13
CA THR D 378 7.45 -45.92 -8.18
C THR D 378 6.80 -47.23 -7.77
N VAL D 379 5.84 -47.21 -6.85
CA VAL D 379 5.13 -48.44 -6.54
C VAL D 379 4.29 -48.87 -7.74
N ALA D 380 3.55 -47.91 -8.33
CA ALA D 380 2.81 -48.20 -9.54
C ALA D 380 3.72 -48.80 -10.62
N GLU D 381 4.98 -48.36 -10.69
CA GLU D 381 5.88 -48.93 -11.67
C GLU D 381 6.31 -50.35 -11.29
N ALA D 382 6.40 -50.65 -9.99
CA ALA D 382 6.69 -52.04 -9.62
C ALA D 382 5.51 -52.96 -9.90
N PHE D 383 4.30 -52.43 -9.84
CA PHE D 383 3.10 -53.14 -10.30
C PHE D 383 2.97 -53.14 -11.81
N GLY D 384 3.89 -52.47 -12.50
CA GLY D 384 3.89 -52.41 -13.94
C GLY D 384 2.70 -51.72 -14.57
N MET D 385 2.10 -50.76 -13.86
CA MET D 385 1.04 -49.94 -14.45
C MET D 385 1.65 -48.56 -14.71
N SER D 386 1.17 -47.91 -15.77
CA SER D 386 1.64 -46.57 -16.11
C SER D 386 1.42 -45.59 -14.96
N PRO D 387 2.50 -45.07 -14.38
CA PRO D 387 2.40 -44.23 -13.17
C PRO D 387 1.75 -42.89 -13.39
N VAL D 388 1.46 -42.52 -14.64
CA VAL D 388 0.92 -41.19 -14.94
C VAL D 388 -0.36 -40.93 -14.16
N LEU D 389 -1.29 -41.89 -14.15
CA LEU D 389 -2.59 -41.64 -13.52
C LEU D 389 -2.45 -41.26 -12.05
N LEU D 390 -1.84 -42.12 -11.24
CA LEU D 390 -1.69 -41.82 -9.82
C LEU D 390 -0.92 -40.52 -9.59
N SER D 391 0.13 -40.26 -10.38
CA SER D 391 0.93 -39.07 -10.18
C SER D 391 0.15 -37.80 -10.47
N VAL D 392 -0.48 -37.72 -11.64
CA VAL D 392 -1.32 -36.57 -11.95
C VAL D 392 -2.42 -36.41 -10.91
N LEU D 393 -3.05 -37.51 -10.51
CA LEU D 393 -4.08 -37.43 -9.47
C LEU D 393 -3.56 -36.77 -8.21
N ILE D 394 -2.53 -37.35 -7.60
CA ILE D 394 -1.91 -36.77 -6.40
C ILE D 394 -1.61 -35.30 -6.60
N ALA D 395 -1.03 -34.94 -7.76
CA ALA D 395 -0.63 -33.56 -7.99
C ALA D 395 -1.83 -32.62 -8.03
N VAL D 396 -2.95 -33.08 -8.57
CA VAL D 396 -4.15 -32.24 -8.60
C VAL D 396 -4.75 -32.12 -7.22
N ALA D 397 -4.91 -33.26 -6.53
CA ALA D 397 -5.50 -33.27 -5.20
C ALA D 397 -4.68 -32.50 -4.19
N ALA D 398 -3.35 -32.47 -4.35
CA ALA D 398 -2.52 -31.71 -3.43
C ALA D 398 -2.79 -30.21 -3.54
N SER D 399 -3.29 -29.75 -4.68
CA SER D 399 -3.63 -28.35 -4.87
C SER D 399 -5.09 -28.07 -4.49
N CYS D 400 -5.76 -29.03 -3.85
CA CYS D 400 -7.15 -28.89 -3.41
C CYS D 400 -7.20 -28.65 -1.91
N ALA D 401 -6.53 -27.59 -1.47
CA ALA D 401 -6.55 -27.18 -0.07
C ALA D 401 -7.56 -26.06 0.13
N PHE D 402 -8.66 -26.39 0.79
CA PHE D 402 -9.79 -25.48 0.92
C PHE D 402 -10.26 -25.28 2.35
N MET D 403 -9.90 -26.13 3.30
CA MET D 403 -10.38 -25.96 4.67
C MET D 403 -9.63 -24.83 5.37
N LEU D 404 -8.96 -25.11 6.47
CA LEU D 404 -8.27 -24.11 7.30
C LEU D 404 -7.26 -23.29 6.49
N PRO D 405 -6.78 -22.15 7.03
CA PRO D 405 -5.61 -21.48 6.41
C PRO D 405 -4.39 -22.33 6.66
N VAL D 406 -3.15 -21.83 6.50
CA VAL D 406 -1.98 -22.69 6.67
C VAL D 406 -1.93 -23.89 5.72
N ALA D 407 -3.04 -24.18 5.06
CA ALA D 407 -3.05 -25.21 4.03
C ALA D 407 -2.26 -24.77 2.78
N THR D 408 -2.54 -23.57 2.29
CA THR D 408 -1.82 -22.92 1.19
C THR D 408 -1.65 -21.46 1.59
N PRO D 409 -0.66 -20.77 1.06
CA PRO D 409 -0.57 -19.30 1.26
C PRO D 409 -1.80 -18.51 0.83
N PRO D 410 -2.44 -18.81 -0.29
CA PRO D 410 -3.68 -18.07 -0.62
C PRO D 410 -4.73 -18.06 0.49
N ASN D 411 -4.92 -19.19 1.17
CA ASN D 411 -5.88 -19.25 2.26
C ASN D 411 -5.47 -18.29 3.38
N ALA D 412 -4.20 -18.32 3.78
CA ALA D 412 -3.78 -17.44 4.87
C ALA D 412 -3.66 -16.00 4.42
N ILE D 413 -3.67 -15.74 3.10
CA ILE D 413 -3.60 -14.38 2.60
C ILE D 413 -4.97 -13.73 2.68
N VAL D 414 -6.01 -14.44 2.23
CA VAL D 414 -7.33 -13.84 2.39
C VAL D 414 -7.83 -13.96 3.84
N PHE D 415 -7.21 -14.83 4.64
CA PHE D 415 -7.66 -14.98 6.02
C PHE D 415 -7.13 -13.92 6.98
N ALA D 416 -5.86 -13.54 6.85
CA ALA D 416 -5.24 -12.53 7.71
C ALA D 416 -5.82 -11.14 7.58
N SER D 417 -6.75 -10.89 6.67
CA SER D 417 -7.38 -9.57 6.67
C SER D 417 -8.24 -9.40 7.93
N GLY D 418 -8.82 -10.48 8.45
CA GLY D 418 -9.55 -10.45 9.70
C GLY D 418 -11.02 -10.77 9.58
N HIS D 419 -11.57 -10.68 8.40
CA HIS D 419 -13.01 -10.81 8.21
C HIS D 419 -13.47 -12.26 8.33
N ILE D 420 -12.83 -13.17 7.61
CA ILE D 420 -13.29 -14.55 7.54
C ILE D 420 -13.03 -15.36 8.81
N LYS D 421 -14.07 -16.00 9.34
CA LYS D 421 -13.98 -16.78 10.57
C LYS D 421 -13.40 -18.16 10.23
N GLN D 422 -12.64 -18.71 11.17
CA GLN D 422 -12.13 -20.08 11.05
C GLN D 422 -13.21 -21.10 10.67
N SER D 423 -14.34 -21.09 11.39
CA SER D 423 -15.39 -22.08 11.15
C SER D 423 -15.99 -21.99 9.75
N GLU D 424 -16.15 -20.77 9.24
CA GLU D 424 -16.77 -20.61 7.93
C GLU D 424 -15.94 -21.35 6.90
N MET D 425 -14.65 -21.05 6.87
CA MET D 425 -13.78 -21.70 5.90
C MET D 425 -13.73 -23.19 6.17
N MET D 426 -13.66 -23.60 7.44
CA MET D 426 -13.56 -25.03 7.71
C MET D 426 -14.74 -25.82 7.18
N ARG D 427 -15.88 -25.19 6.94
CA ARG D 427 -17.01 -25.98 6.48
C ARG D 427 -17.35 -25.74 5.01
N VAL D 428 -16.92 -24.61 4.45
CA VAL D 428 -17.04 -24.51 3.00
C VAL D 428 -15.98 -25.42 2.39
N GLY D 429 -14.80 -25.47 3.01
CA GLY D 429 -13.76 -26.36 2.56
C GLY D 429 -14.13 -27.81 2.78
N LEU D 430 -14.83 -28.11 3.88
CA LEU D 430 -15.23 -29.49 4.10
C LEU D 430 -16.23 -29.95 3.05
N TYR D 431 -17.08 -29.06 2.55
CA TYR D 431 -17.95 -29.43 1.42
C TYR D 431 -17.18 -29.52 0.10
N LEU D 432 -16.38 -28.49 -0.22
CA LEU D 432 -15.64 -28.47 -1.48
C LEU D 432 -14.65 -29.61 -1.61
N ASN D 433 -14.07 -30.07 -0.50
CA ASN D 433 -13.18 -31.23 -0.52
C ASN D 433 -13.91 -32.45 -1.08
N ILE D 434 -15.02 -32.84 -0.46
CA ILE D 434 -15.81 -33.95 -0.98
C ILE D 434 -16.22 -33.71 -2.43
N ALA D 435 -16.68 -32.49 -2.75
CA ALA D 435 -16.98 -32.16 -4.14
C ALA D 435 -15.83 -32.52 -5.09
N CYS D 436 -14.59 -32.26 -4.67
CA CYS D 436 -13.44 -32.57 -5.50
C CYS D 436 -13.14 -34.07 -5.51
N ILE D 437 -13.04 -34.71 -4.35
CA ILE D 437 -12.84 -36.15 -4.33
C ILE D 437 -13.79 -36.79 -5.34
N GLY D 438 -15.00 -36.25 -5.45
CA GLY D 438 -15.93 -36.65 -6.49
C GLY D 438 -15.47 -36.37 -7.90
N LEU D 439 -15.41 -35.08 -8.24
CA LEU D 439 -15.01 -34.66 -9.59
C LEU D 439 -13.75 -35.39 -10.06
N LEU D 440 -12.76 -35.50 -9.17
CA LEU D 440 -11.49 -36.16 -9.49
C LEU D 440 -11.64 -37.66 -9.72
N THR D 441 -12.20 -38.40 -8.76
CA THR D 441 -12.36 -39.83 -8.99
C THR D 441 -13.14 -40.09 -10.28
N ALA D 442 -14.15 -39.26 -10.55
CA ALA D 442 -14.87 -39.30 -11.81
C ALA D 442 -13.95 -39.16 -13.01
N ILE D 443 -13.30 -37.99 -13.14
CA ILE D 443 -12.43 -37.75 -14.29
C ILE D 443 -11.35 -38.81 -14.38
N ALA D 444 -10.78 -39.21 -13.24
CA ALA D 444 -9.73 -40.22 -13.24
C ALA D 444 -10.25 -41.56 -13.73
N MET D 445 -11.55 -41.82 -13.61
CA MET D 445 -12.11 -43.02 -14.19
C MET D 445 -12.30 -42.83 -15.69
N LEU D 446 -12.75 -41.63 -16.09
CA LEU D 446 -12.98 -41.35 -17.50
C LEU D 446 -11.68 -41.34 -18.30
N PHE D 447 -10.62 -40.73 -17.75
CA PHE D 447 -9.29 -40.80 -18.38
C PHE D 447 -8.64 -42.14 -18.07
N TRP D 448 -9.17 -43.18 -18.72
CA TRP D 448 -8.60 -44.51 -18.53
C TRP D 448 -8.34 -45.12 -19.90
N GLN D 449 -9.38 -45.31 -20.71
CA GLN D 449 -9.22 -45.79 -22.08
C GLN D 449 -9.94 -44.87 -23.06
#